data_3RU9
#
_entry.id   3RU9
#
_cell.length_a   77.410
_cell.length_b   77.410
_cell.length_c   224.887
_cell.angle_alpha   90.00
_cell.angle_beta   90.00
_cell.angle_gamma   120.00
#
_symmetry.space_group_name_H-M   'P 32'
#
loop_
_entity.id
_entity.type
_entity.pdbx_description
1 polymer WbgU
2 non-polymer NICOTINAMIDE-ADENINE-DINUCLEOTIDE
3 non-polymer 'SULFATE ION'
4 non-polymer 'UNKNOWN LIGAND'
5 non-polymer GLYCINE
6 water water
#
_entity_poly.entity_id   1
_entity_poly.type   'polypeptide(L)'
_entity_poly.pdbx_seq_one_letter_code
;HHHHHHMDIYMSRYEEITQQLIFSPKTWLITGVAGFIGSNLLEKLLKLNQVVIGLDNFSTGHQYNLDEVKTLVSTEQWSR
FCFIEGDIRDLTTCEQVMKGVDHVLHQAALGSVPRSIVDPITTNATNITGFLNILHAAKNAQVQSFTYAASSSTYGDHPA
LPKVEENIGNPLSPYAVTKYVNEIYAQVYARTYGFKTIGLRYFNVFGRRQDPNGAYAAVIPKWTAAMLKGDDVYINGDGE
TSRDFCYIDNVIQMNILSALAKDSAKDNIYNVAVGDRTTLNELSGYIYDELNLIHHIDKLSIKYREFRSGDVRHSQADVT
KAIDLLKYRPNIKIREGLRLSMPWYVRFLKG
;
_entity_poly.pdbx_strand_id   A,B,C,D
#
loop_
_chem_comp.id
_chem_comp.type
_chem_comp.name
_chem_comp.formula
NAD non-polymer NICOTINAMIDE-ADENINE-DINUCLEOTIDE 'C21 H27 N7 O14 P2'
SO4 non-polymer 'SULFATE ION' 'O4 S -2'
UNL non-polymer 'UNKNOWN LIGAND' ?
#
# COMPACT_ATOMS: atom_id res chain seq x y z
N TYR A 10 -28.91 35.27 -8.75
CA TYR A 10 -28.30 35.27 -7.39
C TYR A 10 -28.13 33.91 -6.75
N MET A 11 -26.95 33.67 -6.24
CA MET A 11 -26.74 32.40 -5.56
C MET A 11 -26.83 32.66 -4.05
N SER A 12 -28.08 32.78 -3.61
CA SER A 12 -28.42 33.35 -2.34
C SER A 12 -27.88 32.61 -1.12
N ARG A 13 -28.20 31.33 -0.98
CA ARG A 13 -27.72 30.52 0.13
C ARG A 13 -26.18 30.46 0.11
N TYR A 14 -25.62 30.30 -1.09
CA TYR A 14 -24.16 30.14 -1.27
C TYR A 14 -23.51 31.38 -0.72
N GLU A 15 -24.05 32.56 -1.04
CA GLU A 15 -23.52 33.87 -0.58
C GLU A 15 -23.48 33.91 0.98
N GLU A 16 -24.58 33.43 1.57
CA GLU A 16 -24.74 33.51 3.01
C GLU A 16 -23.72 32.61 3.71
N ILE A 17 -23.54 31.43 3.13
CA ILE A 17 -22.63 30.46 3.60
C ILE A 17 -21.18 30.93 3.44
N THR A 18 -20.84 31.55 2.32
CA THR A 18 -19.49 32.12 2.24
C THR A 18 -19.29 33.24 3.24
N GLN A 19 -20.33 34.05 3.57
CA GLN A 19 -20.20 35.08 4.60
C GLN A 19 -19.87 34.54 6.02
N GLN A 20 -20.46 33.41 6.38
CA GLN A 20 -20.13 32.71 7.61
C GLN A 20 -18.70 32.27 7.62
N LEU A 21 -18.21 31.80 6.46
CA LEU A 21 -16.85 31.31 6.40
C LEU A 21 -15.88 32.43 6.57
N ILE A 22 -16.06 33.56 5.88
CA ILE A 22 -15.15 34.65 6.07
C ILE A 22 -15.09 35.10 7.56
N PHE A 23 -16.25 35.17 8.21
CA PHE A 23 -16.25 35.63 9.64
C PHE A 23 -15.56 34.61 10.56
N SER A 24 -15.75 33.34 10.28
CA SER A 24 -15.26 32.29 11.15
C SER A 24 -14.52 31.32 10.26
N PRO A 25 -13.26 31.64 9.87
CA PRO A 25 -12.57 30.79 8.90
C PRO A 25 -12.26 29.39 9.43
N LYS A 26 -12.22 28.43 8.52
CA LYS A 26 -11.96 27.05 8.86
C LYS A 26 -10.74 26.54 8.08
N THR A 27 -10.33 25.32 8.45
CA THR A 27 -9.25 24.61 7.79
C THR A 27 -9.83 23.55 6.83
N TRP A 28 -9.43 23.65 5.55
CA TRP A 28 -9.97 22.77 4.49
C TRP A 28 -8.83 21.89 3.93
N LEU A 29 -9.20 20.64 3.61
CA LEU A 29 -8.33 19.79 2.85
C LEU A 29 -8.93 19.68 1.47
N ILE A 30 -8.13 20.07 0.50
CA ILE A 30 -8.44 19.76 -0.90
C ILE A 30 -7.46 18.70 -1.43
N THR A 31 -7.95 17.52 -1.74
CA THR A 31 -7.16 16.57 -2.46
C THR A 31 -7.40 16.83 -3.94
N GLY A 32 -6.34 16.70 -4.74
CA GLY A 32 -6.47 16.97 -6.16
C GLY A 32 -6.38 18.45 -6.41
N VAL A 33 -5.76 19.17 -5.48
CA VAL A 33 -5.65 20.64 -5.51
C VAL A 33 -4.89 21.27 -6.69
N ALA A 34 -4.03 20.49 -7.35
CA ALA A 34 -3.33 20.96 -8.56
C ALA A 34 -4.08 20.65 -9.88
N GLY A 35 -5.25 19.98 -9.77
CA GLY A 35 -6.09 19.64 -10.91
C GLY A 35 -7.07 20.73 -11.29
N PHE A 36 -7.83 20.50 -12.37
CA PHE A 36 -8.90 21.41 -12.78
C PHE A 36 -9.86 21.90 -11.63
N ILE A 37 -10.61 20.98 -11.05
CA ILE A 37 -11.61 21.35 -10.10
C ILE A 37 -10.93 21.74 -8.76
N GLY A 38 -9.93 20.95 -8.32
CA GLY A 38 -9.24 21.26 -7.09
C GLY A 38 -8.64 22.66 -7.09
N SER A 39 -8.02 23.06 -8.17
CA SER A 39 -7.43 24.42 -8.16
C SER A 39 -8.46 25.54 -8.21
N ASN A 40 -9.65 25.27 -8.78
CA ASN A 40 -10.73 26.27 -8.75
C ASN A 40 -11.28 26.39 -7.33
N LEU A 41 -11.35 25.25 -6.62
CA LEU A 41 -11.72 25.22 -5.17
C LEU A 41 -10.67 25.97 -4.34
N LEU A 42 -9.42 25.76 -4.62
CA LEU A 42 -8.35 26.48 -3.91
C LEU A 42 -8.48 27.96 -4.09
N GLU A 43 -8.61 28.39 -5.34
CA GLU A 43 -8.83 29.78 -5.59
C GLU A 43 -10.00 30.41 -4.80
N LYS A 44 -11.21 29.84 -4.87
CA LYS A 44 -12.32 30.38 -4.08
C LYS A 44 -12.03 30.34 -2.56
N LEU A 45 -11.56 29.23 -2.04
CA LEU A 45 -11.34 29.15 -0.59
C LEU A 45 -10.31 30.16 -0.06
N LEU A 46 -9.18 30.33 -0.74
CA LEU A 46 -8.22 31.35 -0.29
C LEU A 46 -8.80 32.74 -0.39
N LYS A 47 -9.57 32.98 -1.45
CA LYS A 47 -10.26 34.28 -1.57
C LYS A 47 -11.31 34.54 -0.49
N LEU A 48 -11.79 33.48 0.15
CA LEU A 48 -12.64 33.57 1.37
C LEU A 48 -11.85 33.56 2.69
N ASN A 49 -10.53 33.67 2.59
CA ASN A 49 -9.63 33.72 3.74
C ASN A 49 -9.63 32.41 4.51
N GLN A 50 -10.01 31.31 3.90
CA GLN A 50 -9.85 29.99 4.57
C GLN A 50 -8.37 29.59 4.70
N VAL A 51 -8.10 28.68 5.62
CA VAL A 51 -6.81 28.04 5.69
C VAL A 51 -6.97 26.77 4.86
N VAL A 52 -6.06 26.54 3.91
CA VAL A 52 -6.22 25.40 2.99
C VAL A 52 -4.99 24.54 2.99
N ILE A 53 -5.18 23.25 3.24
CA ILE A 53 -4.16 22.20 3.05
C ILE A 53 -4.46 21.52 1.71
N GLY A 54 -3.48 21.51 0.82
CA GLY A 54 -3.64 20.81 -0.45
C GLY A 54 -2.75 19.61 -0.55
N LEU A 55 -3.31 18.50 -1.05
CA LEU A 55 -2.54 17.32 -1.35
C LEU A 55 -2.58 17.06 -2.83
N ASP A 56 -1.44 16.84 -3.49
CA ASP A 56 -1.50 16.39 -4.87
C ASP A 56 -0.23 15.62 -5.25
N ASN A 57 -0.35 14.68 -6.18
CA ASN A 57 0.88 14.01 -6.71
C ASN A 57 1.35 14.46 -8.14
N PHE A 58 0.69 15.49 -8.69
CA PHE A 58 0.99 15.99 -10.04
C PHE A 58 0.97 14.86 -11.06
N SER A 59 0.03 13.90 -10.92
CA SER A 59 -0.20 12.91 -11.98
C SER A 59 -0.84 13.57 -13.18
N THR A 60 -2.09 13.97 -13.06
CA THR A 60 -2.76 14.71 -14.13
C THR A 60 -2.73 16.17 -13.77
N GLY A 61 -2.47 16.53 -12.52
CA GLY A 61 -2.42 17.95 -12.14
C GLY A 61 -1.10 18.63 -12.42
N HIS A 62 -1.08 19.95 -12.24
CA HIS A 62 0.10 20.79 -12.58
C HIS A 62 0.50 21.83 -11.55
N GLN A 63 1.79 21.91 -11.27
CA GLN A 63 2.36 23.07 -10.63
C GLN A 63 1.85 24.37 -11.26
N TYR A 64 1.79 24.46 -12.58
CA TYR A 64 1.35 25.70 -13.19
C TYR A 64 -0.04 26.18 -12.76
N ASN A 65 -0.95 25.25 -12.49
CA ASN A 65 -2.24 25.62 -11.87
C ASN A 65 -2.08 26.29 -10.49
N LEU A 66 -1.20 25.73 -9.63
CA LEU A 66 -0.95 26.32 -8.32
C LEU A 66 -0.30 27.69 -8.51
N ASP A 67 0.65 27.82 -9.44
CA ASP A 67 1.30 29.12 -9.68
C ASP A 67 0.30 30.17 -10.15
N GLU A 68 -0.63 29.77 -11.00
CA GLU A 68 -1.68 30.69 -11.44
C GLU A 68 -2.54 31.16 -10.25
N VAL A 69 -2.99 30.22 -9.43
CA VAL A 69 -3.82 30.62 -8.27
C VAL A 69 -3.09 31.66 -7.37
N LYS A 70 -1.78 31.41 -7.16
CA LYS A 70 -0.92 32.27 -6.39
C LYS A 70 -1.02 33.73 -6.86
N THR A 71 -1.03 33.94 -8.19
CA THR A 71 -1.09 35.28 -8.76
C THR A 71 -2.47 35.96 -8.61
N LEU A 72 -3.48 35.19 -8.25
CA LEU A 72 -4.86 35.67 -8.27
C LEU A 72 -5.36 36.04 -6.86
N VAL A 73 -4.65 35.60 -5.82
CA VAL A 73 -5.00 35.87 -4.40
C VAL A 73 -3.98 36.80 -3.79
N SER A 74 -4.31 37.39 -2.65
CA SER A 74 -3.39 38.31 -2.00
C SER A 74 -2.32 37.50 -1.32
N THR A 75 -1.29 38.18 -0.82
CA THR A 75 -0.18 37.56 -0.14
C THR A 75 -0.62 36.86 1.14
N GLU A 76 -1.41 37.57 1.93
CA GLU A 76 -1.96 37.00 3.14
C GLU A 76 -2.79 35.73 2.85
N GLN A 77 -3.52 35.76 1.74
CA GLN A 77 -4.40 34.65 1.43
C GLN A 77 -3.50 33.50 1.02
N TRP A 78 -2.51 33.78 0.16
CA TRP A 78 -1.52 32.79 -0.23
C TRP A 78 -0.77 32.17 0.98
N SER A 79 -0.39 33.02 1.94
CA SER A 79 0.31 32.51 3.14
C SER A 79 -0.54 31.48 3.94
N ARG A 80 -1.85 31.39 3.68
CA ARG A 80 -2.68 30.38 4.40
C ARG A 80 -2.78 29.05 3.64
N PHE A 81 -2.08 28.94 2.51
CA PHE A 81 -2.14 27.70 1.72
C PHE A 81 -0.90 26.86 2.07
N CYS A 82 -1.14 25.65 2.52
CA CYS A 82 -0.05 24.74 2.76
C CYS A 82 -0.12 23.59 1.77
N PHE A 83 0.85 23.52 0.85
CA PHE A 83 0.74 22.49 -0.17
C PHE A 83 1.58 21.26 0.19
N ILE A 84 1.02 20.06 0.12
CA ILE A 84 1.79 18.90 0.41
C ILE A 84 1.74 18.06 -0.83
N GLU A 85 2.91 17.86 -1.42
CA GLU A 85 3.07 16.84 -2.47
C GLU A 85 3.03 15.40 -1.98
N GLY A 86 2.02 14.63 -2.35
CA GLY A 86 1.90 13.32 -1.83
C GLY A 86 0.79 12.57 -2.54
N ASP A 87 0.68 11.30 -2.20
CA ASP A 87 -0.22 10.40 -2.87
C ASP A 87 -1.30 9.83 -1.96
N ILE A 88 -2.55 9.90 -2.40
CA ILE A 88 -3.61 9.41 -1.55
C ILE A 88 -3.57 7.89 -1.35
N ARG A 89 -2.71 7.21 -2.12
CA ARG A 89 -2.58 5.77 -1.96
C ARG A 89 -1.78 5.37 -0.70
N ASP A 90 -1.07 6.34 -0.16
CA ASP A 90 -0.31 6.16 1.06
C ASP A 90 -1.14 6.65 2.25
N LEU A 91 -1.48 5.73 3.15
CA LEU A 91 -2.38 6.01 4.28
C LEU A 91 -1.75 6.99 5.24
N THR A 92 -0.48 6.79 5.55
CA THR A 92 0.25 7.72 6.42
C THR A 92 0.15 9.18 5.95
N THR A 93 0.44 9.45 4.69
CA THR A 93 0.23 10.75 4.11
C THR A 93 -1.22 11.28 4.33
N CYS A 94 -2.20 10.46 4.06
CA CYS A 94 -3.60 10.84 4.30
C CYS A 94 -3.81 11.25 5.80
N GLU A 95 -3.36 10.42 6.71
CA GLU A 95 -3.45 10.82 8.13
C GLU A 95 -2.77 12.16 8.46
N GLN A 96 -1.61 12.41 7.87
CA GLN A 96 -0.85 13.61 8.25
C GLN A 96 -1.53 14.87 7.77
N VAL A 97 -2.13 14.83 6.58
CA VAL A 97 -2.70 16.05 6.05
C VAL A 97 -4.10 16.28 6.60
N MET A 98 -4.66 15.26 7.24
CA MET A 98 -5.91 15.44 7.94
C MET A 98 -5.81 16.23 9.27
N LYS A 99 -4.62 16.44 9.76
CA LYS A 99 -4.54 16.94 11.10
C LYS A 99 -5.09 18.37 11.22
N GLY A 100 -6.05 18.59 12.10
CA GLY A 100 -6.59 19.95 12.35
C GLY A 100 -7.49 20.40 11.23
N VAL A 101 -7.89 19.45 10.39
CA VAL A 101 -8.77 19.76 9.28
C VAL A 101 -10.24 19.77 9.72
N ASP A 102 -11.01 20.74 9.20
CA ASP A 102 -12.45 20.84 9.47
C ASP A 102 -13.30 20.27 8.32
N HIS A 103 -12.95 20.64 7.10
CA HIS A 103 -13.73 20.31 5.91
C HIS A 103 -12.87 19.62 4.84
N VAL A 104 -13.32 18.46 4.37
CA VAL A 104 -12.64 17.74 3.29
C VAL A 104 -13.36 17.86 1.96
N LEU A 105 -12.63 18.34 0.96
CA LEU A 105 -13.13 18.35 -0.43
C LEU A 105 -12.25 17.36 -1.19
N HIS A 106 -12.78 16.16 -1.38
CA HIS A 106 -11.93 15.12 -1.96
C HIS A 106 -12.12 15.12 -3.50
N GLN A 107 -11.11 15.58 -4.25
CA GLN A 107 -11.18 15.59 -5.70
C GLN A 107 -10.12 14.71 -6.34
N ALA A 108 -9.11 14.24 -5.61
CA ALA A 108 -8.03 13.49 -6.28
C ALA A 108 -8.52 12.15 -6.75
N ALA A 109 -8.34 11.93 -8.05
CA ALA A 109 -8.63 10.68 -8.71
C ALA A 109 -7.99 10.71 -10.09
N LEU A 110 -8.01 9.56 -10.75
CA LEU A 110 -7.69 9.50 -12.16
C LEU A 110 -8.99 9.27 -12.88
N GLY A 111 -9.47 10.34 -13.50
CA GLY A 111 -10.70 10.36 -14.27
C GLY A 111 -10.55 9.69 -15.61
N SER A 112 -11.65 9.66 -16.35
CA SER A 112 -11.70 9.15 -17.73
C SER A 112 -12.10 7.65 -17.86
N VAL A 113 -13.19 7.40 -18.60
CA VAL A 113 -13.62 6.06 -18.96
C VAL A 113 -12.49 5.31 -19.72
N PRO A 114 -11.99 5.87 -20.85
CA PRO A 114 -11.00 5.01 -21.57
C PRO A 114 -9.69 4.74 -20.76
N ARG A 115 -9.24 5.72 -20.00
CA ARG A 115 -8.14 5.46 -19.08
C ARG A 115 -8.40 4.19 -18.22
N SER A 116 -9.61 4.05 -17.72
CA SER A 116 -9.91 2.95 -16.82
C SER A 116 -9.96 1.64 -17.57
N ILE A 117 -10.29 1.66 -18.87
CA ILE A 117 -10.40 0.45 -19.65
C ILE A 117 -8.98 -0.07 -19.99
N VAL A 118 -8.05 0.86 -20.07
CA VAL A 118 -6.73 0.55 -20.54
C VAL A 118 -5.83 0.25 -19.32
N ASP A 119 -6.17 0.81 -18.17
CA ASP A 119 -5.41 0.50 -16.97
C ASP A 119 -6.35 0.45 -15.77
N PRO A 120 -7.23 -0.57 -15.65
CA PRO A 120 -8.14 -0.63 -14.50
C PRO A 120 -7.36 -0.81 -13.18
N ILE A 121 -6.09 -1.27 -13.21
CA ILE A 121 -5.33 -1.50 -11.97
C ILE A 121 -4.90 -0.25 -11.26
N THR A 122 -4.14 0.63 -11.90
CA THR A 122 -3.76 1.89 -11.25
C THR A 122 -4.97 2.78 -10.91
N THR A 123 -5.90 2.81 -11.84
CA THR A 123 -7.21 3.45 -11.65
C THR A 123 -7.94 2.90 -10.40
N ASN A 124 -7.91 1.58 -10.20
CA ASN A 124 -8.55 1.04 -9.01
C ASN A 124 -7.85 1.56 -7.75
N ALA A 125 -6.50 1.55 -7.75
CA ALA A 125 -5.68 1.98 -6.60
C ALA A 125 -5.85 3.50 -6.29
N THR A 126 -5.87 4.34 -7.31
CA THR A 126 -6.05 5.79 -6.96
C THR A 126 -7.49 6.06 -6.57
N ASN A 127 -8.45 5.40 -7.21
CA ASN A 127 -9.84 5.87 -7.11
C ASN A 127 -10.61 5.09 -6.07
N ILE A 128 -10.26 3.83 -5.83
CA ILE A 128 -10.90 3.11 -4.72
C ILE A 128 -10.04 3.17 -3.44
N THR A 129 -8.83 2.58 -3.46
CA THR A 129 -7.90 2.64 -2.27
C THR A 129 -7.65 4.05 -1.79
N GLY A 130 -7.31 4.95 -2.72
CA GLY A 130 -7.01 6.33 -2.36
C GLY A 130 -8.22 6.98 -1.68
N PHE A 131 -9.42 6.63 -2.18
CA PHE A 131 -10.66 7.25 -1.70
C PHE A 131 -10.89 6.76 -0.28
N LEU A 132 -10.78 5.46 -0.11
CA LEU A 132 -10.98 4.88 1.22
C LEU A 132 -9.95 5.37 2.24
N ASN A 133 -8.68 5.52 1.84
CA ASN A 133 -7.66 6.06 2.74
C ASN A 133 -8.09 7.43 3.22
N ILE A 134 -8.56 8.24 2.28
CA ILE A 134 -8.92 9.62 2.64
C ILE A 134 -10.22 9.64 3.49
N LEU A 135 -11.18 8.77 3.15
CA LEU A 135 -12.45 8.71 3.87
C LEU A 135 -12.15 8.24 5.28
N HIS A 136 -11.39 7.17 5.42
CA HIS A 136 -11.01 6.67 6.71
C HIS A 136 -10.14 7.64 7.51
N ALA A 137 -9.13 8.27 6.94
CA ALA A 137 -8.37 9.29 7.72
C ALA A 137 -9.28 10.43 8.28
N ALA A 138 -10.13 10.93 7.40
CA ALA A 138 -11.13 11.90 7.72
C ALA A 138 -12.04 11.46 8.84
N LYS A 139 -12.55 10.22 8.82
CA LYS A 139 -13.35 9.77 9.93
C LYS A 139 -12.52 9.79 11.25
N ASN A 140 -11.31 9.25 11.22
CA ASN A 140 -10.57 9.14 12.51
C ASN A 140 -10.17 10.52 13.04
N ALA A 141 -9.90 11.48 12.14
CA ALA A 141 -9.59 12.88 12.53
C ALA A 141 -10.81 13.69 12.99
N GLN A 142 -12.01 13.10 12.89
CA GLN A 142 -13.30 13.76 13.29
C GLN A 142 -13.59 15.10 12.61
N VAL A 143 -13.42 15.13 11.29
CA VAL A 143 -13.69 16.34 10.55
C VAL A 143 -15.15 16.73 10.68
N GLN A 144 -15.47 18.01 10.46
CA GLN A 144 -16.85 18.47 10.44
C GLN A 144 -17.63 18.01 9.19
N SER A 145 -16.98 17.91 8.02
CA SER A 145 -17.70 17.44 6.86
C SER A 145 -16.74 16.82 5.87
N PHE A 146 -17.35 16.12 4.93
CA PHE A 146 -16.63 15.33 3.94
C PHE A 146 -17.44 15.22 2.70
N THR A 147 -16.87 15.77 1.64
CA THR A 147 -17.57 15.91 0.33
C THR A 147 -16.67 15.39 -0.79
N TYR A 148 -17.17 14.54 -1.67
CA TYR A 148 -16.23 13.87 -2.60
C TYR A 148 -16.76 13.94 -4.01
N ALA A 149 -15.86 14.00 -5.00
CA ALA A 149 -16.28 13.96 -6.42
C ALA A 149 -16.68 12.55 -6.80
N ALA A 150 -17.91 12.45 -7.26
CA ALA A 150 -18.49 11.24 -7.75
C ALA A 150 -18.71 11.49 -9.24
N SER A 151 -19.51 10.67 -9.94
CA SER A 151 -19.61 10.78 -11.40
C SER A 151 -20.98 10.40 -12.02
N SER A 152 -21.40 11.20 -13.01
CA SER A 152 -22.54 10.77 -13.80
C SER A 152 -22.31 9.43 -14.55
N SER A 153 -21.06 8.96 -14.65
CA SER A 153 -20.86 7.60 -15.20
C SER A 153 -21.64 6.60 -14.34
N THR A 154 -21.90 6.91 -13.07
CA THR A 154 -22.62 5.93 -12.24
C THR A 154 -24.04 5.59 -12.77
N TYR A 155 -24.66 6.50 -13.52
CA TYR A 155 -25.90 6.11 -14.19
C TYR A 155 -25.74 4.88 -15.11
N GLY A 156 -24.58 4.66 -15.72
CA GLY A 156 -24.41 3.43 -16.53
C GLY A 156 -25.36 3.29 -17.69
N ASP A 157 -25.93 2.08 -17.85
CA ASP A 157 -26.88 1.91 -18.90
C ASP A 157 -28.31 2.29 -18.46
N HIS A 158 -28.53 3.10 -17.44
CA HIS A 158 -29.92 3.45 -17.13
C HIS A 158 -30.47 4.33 -18.26
N PRO A 159 -31.59 3.93 -18.88
CA PRO A 159 -32.03 4.57 -20.10
C PRO A 159 -32.84 5.86 -19.90
N ALA A 160 -33.22 6.20 -18.67
CA ALA A 160 -34.09 7.34 -18.38
C ALA A 160 -33.43 8.72 -18.49
N LEU A 161 -34.19 9.69 -18.98
CA LEU A 161 -33.78 11.09 -18.97
C LEU A 161 -34.97 11.90 -18.45
N PRO A 162 -34.70 12.94 -17.65
CA PRO A 162 -33.38 13.29 -17.15
C PRO A 162 -32.88 12.32 -16.08
N LYS A 163 -31.61 12.40 -15.69
CA LYS A 163 -31.03 11.49 -14.70
C LYS A 163 -31.38 11.90 -13.27
N VAL A 164 -32.02 10.97 -12.60
CA VAL A 164 -32.41 11.17 -11.19
C VAL A 164 -31.55 10.28 -10.27
N GLU A 165 -31.14 10.82 -9.12
CA GLU A 165 -30.19 10.17 -8.20
C GLU A 165 -30.47 8.70 -7.78
N GLU A 166 -31.72 8.41 -7.43
CA GLU A 166 -32.10 7.09 -6.93
C GLU A 166 -31.99 6.07 -8.05
N ASN A 167 -32.08 6.53 -9.30
CA ASN A 167 -32.21 5.58 -10.40
C ASN A 167 -30.94 5.42 -11.23
N ILE A 168 -30.14 4.42 -10.90
CA ILE A 168 -28.89 4.16 -11.65
C ILE A 168 -28.95 2.79 -12.30
N GLY A 169 -28.11 2.54 -13.32
CA GLY A 169 -28.15 1.26 -14.04
C GLY A 169 -26.88 0.42 -13.80
N ASN A 170 -26.56 -0.46 -14.73
CA ASN A 170 -25.27 -1.20 -14.58
C ASN A 170 -24.08 -0.36 -15.05
N PRO A 171 -22.98 -0.38 -14.28
CA PRO A 171 -21.73 0.30 -14.71
C PRO A 171 -21.18 -0.22 -16.03
N LEU A 172 -20.74 0.70 -16.86
CA LEU A 172 -20.30 0.38 -18.20
C LEU A 172 -18.79 0.47 -18.34
N SER A 173 -18.05 0.82 -17.29
CA SER A 173 -16.58 0.81 -17.43
C SER A 173 -15.94 0.62 -16.07
N PRO A 174 -14.64 0.24 -16.01
CA PRO A 174 -13.98 0.25 -14.69
C PRO A 174 -14.09 1.60 -13.96
N TYR A 175 -14.07 2.71 -14.70
CA TYR A 175 -14.12 3.99 -13.99
C TYR A 175 -15.47 4.19 -13.32
N ALA A 176 -16.53 3.82 -14.02
CA ALA A 176 -17.88 3.87 -13.44
C ALA A 176 -17.92 3.04 -12.14
N VAL A 177 -17.23 1.90 -12.10
CA VAL A 177 -17.21 1.08 -10.94
C VAL A 177 -16.57 1.81 -9.80
N THR A 178 -15.40 2.40 -9.99
CA THR A 178 -14.68 3.00 -8.91
C THR A 178 -15.53 4.15 -8.34
N LYS A 179 -16.14 4.96 -9.23
CA LYS A 179 -16.95 6.11 -8.72
C LYS A 179 -18.18 5.62 -7.93
N TYR A 180 -18.88 4.60 -8.44
CA TYR A 180 -19.90 3.99 -7.65
C TYR A 180 -19.40 3.41 -6.30
N VAL A 181 -18.18 2.84 -6.26
CA VAL A 181 -17.71 2.21 -5.05
C VAL A 181 -17.46 3.29 -4.02
N ASN A 182 -17.04 4.48 -4.47
CA ASN A 182 -16.93 5.58 -3.56
C ASN A 182 -18.29 5.87 -2.88
N GLU A 183 -19.36 5.93 -3.65
CA GLU A 183 -20.65 6.20 -3.04
C GLU A 183 -20.99 5.09 -2.07
N ILE A 184 -20.72 3.83 -2.41
CA ILE A 184 -21.21 2.72 -1.54
C ILE A 184 -20.44 2.68 -0.21
N TYR A 185 -19.11 2.87 -0.28
CA TYR A 185 -18.30 3.07 0.92
C TYR A 185 -18.76 4.22 1.82
N ALA A 186 -18.97 5.39 1.21
CA ALA A 186 -19.53 6.57 1.90
C ALA A 186 -20.83 6.20 2.65
N GLN A 187 -21.71 5.46 1.97
CA GLN A 187 -22.99 5.09 2.56
C GLN A 187 -22.74 4.13 3.75
N VAL A 188 -21.78 3.23 3.61
CA VAL A 188 -21.51 2.30 4.69
C VAL A 188 -20.87 3.03 5.88
N TYR A 189 -20.04 4.02 5.60
CA TYR A 189 -19.43 4.79 6.69
C TYR A 189 -20.49 5.51 7.54
N ALA A 190 -21.53 6.07 6.88
CA ALA A 190 -22.67 6.68 7.62
C ALA A 190 -23.42 5.63 8.47
N ARG A 191 -23.64 4.45 7.93
CA ARG A 191 -24.41 3.44 8.66
C ARG A 191 -23.57 2.84 9.80
N THR A 192 -22.28 2.59 9.50
CA THR A 192 -21.41 1.85 10.40
C THR A 192 -20.76 2.76 11.45
N TYR A 193 -20.25 3.93 11.04
CA TYR A 193 -19.63 4.84 11.97
C TYR A 193 -20.41 6.14 12.34
N GLY A 194 -21.58 6.36 11.77
CA GLY A 194 -22.25 7.66 11.94
C GLY A 194 -21.58 8.80 11.18
N PHE A 195 -20.73 8.48 10.20
CA PHE A 195 -19.93 9.51 9.54
C PHE A 195 -20.58 9.93 8.20
N LYS A 196 -21.19 11.13 8.18
CA LYS A 196 -22.12 11.48 7.11
C LYS A 196 -21.43 12.32 6.05
N THR A 197 -21.47 11.88 4.80
CA THR A 197 -20.70 12.50 3.72
C THR A 197 -21.67 13.02 2.67
N ILE A 198 -21.16 13.83 1.75
CA ILE A 198 -21.84 14.17 0.48
C ILE A 198 -21.07 13.80 -0.80
N GLY A 199 -21.73 13.03 -1.69
CA GLY A 199 -21.13 12.64 -2.96
C GLY A 199 -21.75 13.51 -4.06
N LEU A 200 -20.89 14.10 -4.89
CA LEU A 200 -21.30 14.92 -5.99
C LEU A 200 -21.09 14.23 -7.39
N ARG A 201 -22.17 13.76 -7.99
CA ARG A 201 -22.10 13.21 -9.30
C ARG A 201 -21.96 14.35 -10.31
N TYR A 202 -20.71 14.64 -10.71
CA TYR A 202 -20.43 15.79 -11.61
C TYR A 202 -20.85 15.34 -13.01
N PHE A 203 -21.38 16.27 -13.83
CA PHE A 203 -21.74 16.00 -15.24
C PHE A 203 -20.91 16.94 -16.12
N ASN A 204 -19.95 16.44 -16.87
CA ASN A 204 -19.28 17.28 -17.91
C ASN A 204 -18.91 18.71 -17.53
N VAL A 205 -18.08 18.84 -16.48
CA VAL A 205 -17.61 20.12 -16.03
C VAL A 205 -16.55 20.68 -17.02
N PHE A 206 -16.46 22.00 -17.09
CA PHE A 206 -15.61 22.71 -18.03
C PHE A 206 -15.41 24.12 -17.44
N GLY A 207 -14.40 24.84 -17.91
CA GLY A 207 -13.98 26.09 -17.31
C GLY A 207 -12.45 26.19 -17.32
N ARG A 208 -11.95 27.29 -16.77
CA ARG A 208 -10.53 27.61 -16.81
C ARG A 208 -9.74 26.54 -16.06
N ARG A 209 -8.52 26.29 -16.54
CA ARG A 209 -7.63 25.26 -15.98
C ARG A 209 -8.01 23.79 -16.24
N GLN A 210 -8.97 23.53 -17.11
CA GLN A 210 -9.15 22.14 -17.56
C GLN A 210 -8.13 21.82 -18.65
N ASP A 211 -7.41 20.71 -18.52
CA ASP A 211 -6.28 20.44 -19.40
C ASP A 211 -6.70 20.22 -20.86
N PRO A 212 -6.14 20.98 -21.81
CA PRO A 212 -6.54 20.74 -23.19
C PRO A 212 -5.60 19.73 -23.89
N ASN A 213 -4.51 19.38 -23.21
CA ASN A 213 -3.44 18.56 -23.80
C ASN A 213 -3.65 17.10 -23.38
N GLY A 214 -2.99 16.14 -24.03
CA GLY A 214 -3.11 14.74 -23.54
C GLY A 214 -4.20 13.95 -24.23
N ALA A 215 -3.95 12.65 -24.31
CA ALA A 215 -4.87 11.69 -24.91
C ALA A 215 -6.25 11.66 -24.31
N TYR A 216 -6.40 12.14 -23.08
CA TYR A 216 -7.69 12.05 -22.34
C TYR A 216 -8.39 13.42 -22.21
N ALA A 217 -7.99 14.41 -23.00
CA ALA A 217 -8.60 15.74 -22.86
C ALA A 217 -10.11 15.62 -23.03
N ALA A 218 -10.84 16.37 -22.21
CA ALA A 218 -12.27 16.55 -22.40
C ALA A 218 -12.61 17.41 -23.62
N VAL A 219 -13.83 17.21 -24.11
CA VAL A 219 -14.21 17.74 -25.42
C VAL A 219 -14.18 19.27 -25.60
N ILE A 220 -14.52 20.02 -24.56
CA ILE A 220 -14.54 21.46 -24.68
C ILE A 220 -13.10 22.02 -24.89
N PRO A 221 -12.16 21.69 -24.00
CA PRO A 221 -10.78 22.19 -24.14
C PRO A 221 -9.99 21.60 -25.32
N LYS A 222 -10.18 20.30 -25.59
CA LYS A 222 -9.62 19.64 -26.78
C LYS A 222 -10.02 20.35 -28.06
N TRP A 223 -11.32 20.61 -28.22
CA TRP A 223 -11.83 21.30 -29.42
C TRP A 223 -11.45 22.74 -29.44
N THR A 224 -11.33 23.35 -28.26
CA THR A 224 -10.99 24.76 -28.20
C THR A 224 -9.54 24.87 -28.65
N ALA A 225 -8.69 24.04 -28.05
CA ALA A 225 -7.29 23.93 -28.46
C ALA A 225 -7.21 23.79 -29.98
N ALA A 226 -7.97 22.86 -30.52
CA ALA A 226 -7.96 22.56 -31.95
C ALA A 226 -8.33 23.76 -32.81
N MET A 227 -9.36 24.51 -32.46
CA MET A 227 -9.72 25.66 -33.30
C MET A 227 -8.76 26.84 -33.13
N LEU A 228 -8.03 26.87 -32.03
CA LEU A 228 -7.04 27.93 -31.87
C LEU A 228 -5.77 27.61 -32.67
N LYS A 229 -5.43 26.33 -32.80
CA LYS A 229 -4.29 25.86 -33.60
C LYS A 229 -4.67 25.72 -35.08
N GLY A 230 -5.97 25.72 -35.36
CA GLY A 230 -6.44 25.58 -36.74
C GLY A 230 -6.44 24.11 -37.15
N ASP A 231 -6.51 23.23 -36.15
CA ASP A 231 -6.58 21.78 -36.36
C ASP A 231 -8.00 21.26 -36.63
N ASP A 232 -8.06 19.97 -37.01
CA ASP A 232 -9.31 19.28 -37.31
C ASP A 232 -10.11 19.07 -36.04
N VAL A 233 -11.40 19.41 -36.09
CA VAL A 233 -12.30 19.17 -34.99
C VAL A 233 -13.13 17.91 -35.26
N TYR A 234 -12.82 16.87 -34.50
CA TYR A 234 -13.49 15.56 -34.56
C TYR A 234 -14.84 15.60 -33.84
N ILE A 235 -15.92 15.50 -34.62
CA ILE A 235 -17.26 15.20 -34.08
C ILE A 235 -17.53 13.71 -34.31
N ASN A 236 -17.42 12.92 -33.24
CA ASN A 236 -17.77 11.48 -33.24
C ASN A 236 -19.31 11.31 -33.39
N GLY A 237 -19.77 10.53 -34.38
CA GLY A 237 -21.21 10.40 -34.63
C GLY A 237 -21.66 11.53 -35.54
N ASP A 238 -22.92 11.93 -35.42
CA ASP A 238 -23.47 12.89 -36.38
C ASP A 238 -23.68 14.36 -35.95
N GLY A 239 -23.29 14.75 -34.74
CA GLY A 239 -23.47 16.12 -34.28
C GLY A 239 -24.55 16.23 -33.23
N GLU A 240 -25.58 15.38 -33.33
CA GLU A 240 -26.73 15.42 -32.42
C GLU A 240 -26.51 15.03 -30.92
N THR A 241 -25.52 14.17 -30.61
CA THR A 241 -25.30 13.67 -29.22
C THR A 241 -25.22 14.81 -28.20
N SER A 242 -25.59 14.53 -26.93
CA SER A 242 -25.81 15.64 -26.01
C SER A 242 -25.39 15.45 -24.57
N ARG A 243 -25.05 16.57 -23.95
CA ARG A 243 -24.52 16.51 -22.59
C ARG A 243 -25.07 17.64 -21.79
N ASP A 244 -24.96 17.47 -20.49
CA ASP A 244 -25.28 18.48 -19.55
C ASP A 244 -23.97 19.18 -19.11
N PHE A 245 -23.45 20.06 -19.95
CA PHE A 245 -22.18 20.75 -19.66
C PHE A 245 -22.33 21.75 -18.51
N CYS A 246 -21.47 21.63 -17.51
CA CYS A 246 -21.72 22.39 -16.30
C CYS A 246 -20.49 23.24 -15.96
N TYR A 247 -20.62 24.54 -16.07
CA TYR A 247 -19.49 25.40 -15.83
C TYR A 247 -19.00 25.26 -14.41
N ILE A 248 -17.69 25.36 -14.25
CA ILE A 248 -16.96 25.11 -13.00
C ILE A 248 -17.52 25.85 -11.75
N ASP A 249 -17.99 27.09 -11.92
CA ASP A 249 -18.48 27.90 -10.77
C ASP A 249 -19.65 27.21 -10.10
N ASN A 250 -20.50 26.50 -10.88
CA ASN A 250 -21.64 25.73 -10.31
C ASN A 250 -21.09 24.61 -9.45
N VAL A 251 -19.97 24.01 -9.87
CA VAL A 251 -19.30 22.99 -9.05
C VAL A 251 -18.71 23.52 -7.74
N ILE A 252 -18.05 24.68 -7.79
CA ILE A 252 -17.50 25.33 -6.60
C ILE A 252 -18.64 25.57 -5.63
N GLN A 253 -19.73 26.17 -6.16
CA GLN A 253 -20.91 26.42 -5.31
C GLN A 253 -21.37 25.10 -4.63
N MET A 254 -21.58 24.04 -5.40
CA MET A 254 -22.06 22.79 -4.80
C MET A 254 -21.14 22.22 -3.72
N ASN A 255 -19.81 22.36 -3.94
CA ASN A 255 -18.83 21.89 -2.94
C ASN A 255 -18.96 22.62 -1.61
N ILE A 256 -19.12 23.94 -1.69
CA ILE A 256 -19.12 24.76 -0.50
C ILE A 256 -20.44 24.52 0.21
N LEU A 257 -21.54 24.50 -0.54
CA LEU A 257 -22.87 24.22 0.05
C LEU A 257 -22.87 22.87 0.73
N SER A 258 -22.25 21.87 0.09
CA SER A 258 -22.14 20.53 0.68
C SER A 258 -21.32 20.54 1.96
N ALA A 259 -20.20 21.25 1.99
CA ALA A 259 -19.38 21.23 3.16
C ALA A 259 -20.12 21.81 4.38
N LEU A 260 -20.99 22.81 4.16
CA LEU A 260 -21.74 23.40 5.26
C LEU A 260 -23.22 23.02 5.32
N ALA A 261 -23.58 21.86 4.76
CA ALA A 261 -24.98 21.45 4.68
C ALA A 261 -25.49 21.14 6.09
N LYS A 262 -26.80 21.28 6.33
CA LYS A 262 -27.44 20.76 7.56
C LYS A 262 -27.18 19.26 7.59
N ASP A 263 -27.19 18.66 8.79
CA ASP A 263 -26.90 17.27 8.96
C ASP A 263 -27.85 16.35 8.14
N SER A 264 -29.14 16.69 8.05
CA SER A 264 -30.13 15.85 7.31
C SER A 264 -29.92 15.93 5.78
N ALA A 265 -29.15 16.87 5.33
CA ALA A 265 -28.84 16.94 3.94
C ALA A 265 -27.62 16.06 3.56
N LYS A 266 -26.92 15.52 4.56
CA LYS A 266 -25.74 14.74 4.38
C LYS A 266 -26.13 13.31 4.22
N ASP A 267 -25.14 12.44 4.03
CA ASP A 267 -25.34 11.05 3.58
C ASP A 267 -26.29 10.99 2.39
N ASN A 268 -25.96 11.73 1.33
CA ASN A 268 -26.80 11.88 0.14
C ASN A 268 -25.84 12.14 -1.02
N ILE A 269 -26.25 11.63 -2.16
CA ILE A 269 -25.68 11.89 -3.47
C ILE A 269 -26.43 13.05 -4.20
N TYR A 270 -25.71 13.98 -4.85
CA TYR A 270 -26.43 15.02 -5.64
C TYR A 270 -25.87 15.13 -7.03
N ASN A 271 -26.77 15.17 -8.03
CA ASN A 271 -26.36 15.51 -9.39
C ASN A 271 -25.80 16.91 -9.34
N VAL A 272 -24.65 17.12 -9.94
CA VAL A 272 -24.13 18.47 -10.04
C VAL A 272 -24.11 18.82 -11.51
N ALA A 273 -25.09 19.62 -11.91
CA ALA A 273 -25.20 20.09 -13.30
C ALA A 273 -26.17 21.25 -13.44
N VAL A 274 -26.67 21.51 -14.64
CA VAL A 274 -27.59 22.62 -14.85
C VAL A 274 -28.98 22.18 -15.32
N GLY A 275 -29.17 20.92 -15.69
CA GLY A 275 -30.47 20.44 -16.15
C GLY A 275 -30.69 20.69 -17.64
N ASP A 276 -29.66 21.17 -18.34
CA ASP A 276 -29.76 21.40 -19.79
C ASP A 276 -29.08 20.30 -20.61
N ARG A 277 -29.43 20.24 -21.89
CA ARG A 277 -28.90 19.25 -22.78
C ARG A 277 -28.43 19.92 -24.07
N THR A 278 -27.12 19.84 -24.30
CA THR A 278 -26.50 20.48 -25.46
C THR A 278 -25.95 19.44 -26.40
N THR A 279 -26.27 19.64 -27.67
CA THR A 279 -25.78 18.81 -28.74
C THR A 279 -24.33 19.18 -29.08
N LEU A 280 -23.49 18.15 -29.30
CA LEU A 280 -22.22 18.33 -30.02
C LEU A 280 -22.25 19.31 -31.20
N ASN A 281 -23.25 19.22 -32.07
CA ASN A 281 -23.39 20.19 -33.15
C ASN A 281 -23.51 21.59 -32.57
N GLU A 282 -24.23 21.69 -31.45
CA GLU A 282 -24.45 23.00 -30.84
C GLU A 282 -23.15 23.56 -30.24
N LEU A 283 -22.41 22.68 -29.58
CA LEU A 283 -21.19 23.02 -28.84
C LEU A 283 -20.12 23.52 -29.80
N SER A 284 -19.78 22.62 -30.74
CA SER A 284 -18.88 22.91 -31.84
C SER A 284 -19.16 24.31 -32.32
N GLY A 285 -20.44 24.61 -32.49
CA GLY A 285 -20.90 25.92 -32.94
C GLY A 285 -20.69 27.01 -31.89
N TYR A 286 -21.16 26.78 -30.66
CA TYR A 286 -21.02 27.78 -29.58
C TYR A 286 -19.55 28.11 -29.37
N ILE A 287 -18.70 27.09 -29.47
CA ILE A 287 -17.28 27.25 -29.21
C ILE A 287 -16.62 28.14 -30.27
N TYR A 288 -16.87 27.80 -31.54
CA TYR A 288 -16.44 28.62 -32.66
C TYR A 288 -16.93 30.06 -32.49
N ASP A 289 -18.19 30.23 -32.07
CA ASP A 289 -18.76 31.58 -32.00
C ASP A 289 -18.14 32.44 -30.90
N GLU A 290 -17.88 31.80 -29.73
CA GLU A 290 -17.24 32.46 -28.61
C GLU A 290 -15.76 32.76 -28.86
N LEU A 291 -15.03 31.78 -29.41
CA LEU A 291 -13.62 31.94 -29.79
C LEU A 291 -13.45 33.08 -30.78
N ASN A 292 -14.17 32.99 -31.89
CA ASN A 292 -14.04 33.94 -33.00
C ASN A 292 -14.48 35.34 -32.64
N LEU A 293 -15.16 35.50 -31.51
CA LEU A 293 -15.37 36.84 -30.96
C LEU A 293 -14.08 37.46 -30.42
N ILE A 294 -13.10 36.63 -30.08
CA ILE A 294 -11.78 37.12 -29.66
C ILE A 294 -10.64 36.77 -30.69
N HIS A 295 -10.98 37.03 -31.96
CA HIS A 295 -10.17 36.86 -33.22
C HIS A 295 -9.64 35.44 -33.47
N HIS A 296 -8.89 35.30 -34.57
CA HIS A 296 -8.10 34.09 -34.93
C HIS A 296 -8.72 33.34 -36.12
N ILE A 302 -13.55 21.74 -39.63
CA ILE A 302 -14.60 20.84 -39.12
C ILE A 302 -14.71 19.52 -39.91
N LYS A 303 -14.83 18.39 -39.20
CA LYS A 303 -15.23 17.11 -39.82
C LYS A 303 -15.68 15.98 -38.89
N TYR A 304 -16.61 15.17 -39.39
CA TYR A 304 -17.33 14.10 -38.64
C TYR A 304 -16.63 12.73 -38.74
N ARG A 305 -16.89 11.83 -37.80
CA ARG A 305 -16.18 10.53 -37.76
C ARG A 305 -16.90 9.35 -37.08
N GLU A 306 -16.23 8.77 -36.08
CA GLU A 306 -16.57 7.45 -35.48
C GLU A 306 -17.51 7.62 -34.28
N PHE A 307 -17.53 6.58 -33.44
CA PHE A 307 -18.13 6.52 -32.09
C PHE A 307 -17.09 5.91 -31.13
N ARG A 308 -17.36 5.91 -29.83
CA ARG A 308 -16.40 5.32 -28.88
C ARG A 308 -17.02 4.19 -28.03
N SER A 309 -16.39 3.82 -26.91
CA SER A 309 -16.79 2.63 -26.12
C SER A 309 -16.70 2.82 -24.61
N GLY A 310 -17.82 2.51 -23.93
CA GLY A 310 -18.17 3.08 -22.62
C GLY A 310 -19.02 4.36 -22.71
N ASP A 311 -19.11 4.95 -23.92
CA ASP A 311 -19.68 6.30 -24.22
C ASP A 311 -21.19 6.40 -24.67
N VAL A 312 -21.87 7.45 -24.19
CA VAL A 312 -23.35 7.56 -24.23
C VAL A 312 -24.01 8.59 -25.19
N ARG A 313 -25.24 8.29 -25.59
CA ARG A 313 -25.84 9.03 -26.66
C ARG A 313 -26.44 10.32 -26.08
N HIS A 314 -26.82 10.28 -24.80
CA HIS A 314 -27.68 11.32 -24.22
C HIS A 314 -27.47 11.39 -22.74
N SER A 315 -27.22 12.58 -22.22
CA SER A 315 -27.05 12.77 -20.80
C SER A 315 -27.60 14.15 -20.38
N GLN A 316 -28.49 14.16 -19.39
CA GLN A 316 -29.15 15.37 -18.86
C GLN A 316 -29.46 15.08 -17.38
N ALA A 317 -28.98 15.95 -16.48
CA ALA A 317 -29.22 15.85 -15.02
C ALA A 317 -30.56 16.49 -14.56
N ASP A 318 -31.13 15.87 -13.54
CA ASP A 318 -32.24 16.46 -12.83
C ASP A 318 -31.54 16.96 -11.58
N VAL A 319 -31.51 18.29 -11.42
CA VAL A 319 -30.84 18.87 -10.23
C VAL A 319 -31.86 19.38 -9.16
N THR A 320 -33.10 18.93 -9.29
CA THR A 320 -34.13 19.20 -8.32
C THR A 320 -33.61 18.93 -6.90
N LYS A 321 -32.95 17.81 -6.71
CA LYS A 321 -32.63 17.40 -5.36
C LYS A 321 -31.69 18.44 -4.68
N ALA A 322 -30.66 18.90 -5.39
CA ALA A 322 -29.70 19.89 -4.84
C ALA A 322 -30.39 21.24 -4.61
N ILE A 323 -31.32 21.58 -5.52
CA ILE A 323 -32.00 22.83 -5.48
C ILE A 323 -32.85 22.84 -4.23
N ASP A 324 -33.57 21.75 -4.00
CA ASP A 324 -34.47 21.67 -2.87
C ASP A 324 -33.71 21.52 -1.54
N LEU A 325 -32.83 20.53 -1.44
CA LEU A 325 -32.16 20.26 -0.17
C LEU A 325 -30.97 21.16 0.19
N LEU A 326 -30.26 21.71 -0.79
CA LEU A 326 -29.08 22.48 -0.44
C LEU A 326 -29.27 23.94 -0.82
N LYS A 327 -30.37 24.23 -1.54
CA LYS A 327 -30.63 25.53 -2.17
C LYS A 327 -29.54 25.90 -3.18
N TYR A 328 -29.09 24.90 -3.92
CA TYR A 328 -28.24 25.10 -5.08
C TYR A 328 -28.92 25.92 -6.17
N ARG A 329 -28.21 26.90 -6.71
CA ARG A 329 -28.79 27.76 -7.75
C ARG A 329 -27.84 27.80 -8.96
N PRO A 330 -28.05 26.90 -9.92
CA PRO A 330 -27.19 26.74 -11.09
C PRO A 330 -27.30 27.98 -11.96
N ASN A 331 -26.40 28.89 -11.64
CA ASN A 331 -26.20 30.21 -12.16
C ASN A 331 -25.88 30.23 -13.65
N ILE A 332 -24.83 29.50 -14.03
CA ILE A 332 -24.13 29.67 -15.30
C ILE A 332 -24.33 28.53 -16.30
N LYS A 333 -24.98 28.88 -17.39
CA LYS A 333 -25.33 27.95 -18.47
C LYS A 333 -24.22 27.93 -19.52
N ILE A 334 -24.27 26.92 -20.37
CA ILE A 334 -23.16 26.58 -21.22
C ILE A 334 -22.60 27.74 -22.05
N ARG A 335 -23.47 28.46 -22.74
CA ARG A 335 -23.02 29.60 -23.55
C ARG A 335 -22.24 30.65 -22.74
N GLU A 336 -22.73 30.98 -21.57
CA GLU A 336 -22.00 31.92 -20.74
C GLU A 336 -20.71 31.36 -20.12
N GLY A 337 -20.72 30.07 -19.78
CA GLY A 337 -19.52 29.41 -19.36
C GLY A 337 -18.46 29.49 -20.43
N LEU A 338 -18.84 29.25 -21.68
CA LEU A 338 -17.86 29.29 -22.74
C LEU A 338 -17.28 30.69 -22.85
N ARG A 339 -18.15 31.68 -22.87
CA ARG A 339 -17.74 33.06 -23.00
C ARG A 339 -16.74 33.37 -21.87
N LEU A 340 -17.06 32.92 -20.66
CA LEU A 340 -16.18 33.06 -19.51
C LEU A 340 -14.85 32.29 -19.62
N SER A 341 -14.85 31.17 -20.35
CA SER A 341 -13.69 30.26 -20.40
C SER A 341 -12.67 30.56 -21.50
N MET A 342 -13.13 31.07 -22.62
CA MET A 342 -12.30 31.20 -23.79
C MET A 342 -11.11 32.13 -23.58
N PRO A 343 -11.31 33.29 -22.94
CA PRO A 343 -10.13 34.11 -22.64
C PRO A 343 -8.99 33.39 -21.90
N TRP A 344 -9.30 32.40 -21.08
CA TRP A 344 -8.23 31.63 -20.44
C TRP A 344 -7.53 30.73 -21.46
N TYR A 345 -8.31 30.15 -22.37
CA TYR A 345 -7.75 29.27 -23.37
C TYR A 345 -6.81 30.00 -24.34
N VAL A 346 -7.13 31.23 -24.72
CA VAL A 346 -6.22 31.97 -25.62
C VAL A 346 -4.90 32.26 -24.89
N ARG A 347 -4.98 32.90 -23.73
CA ARG A 347 -3.82 33.22 -22.93
C ARG A 347 -2.93 32.00 -22.73
N PHE A 348 -3.54 30.84 -22.60
CA PHE A 348 -2.80 29.67 -22.16
C PHE A 348 -2.08 28.99 -23.32
N LEU A 349 -2.63 29.14 -24.52
CA LEU A 349 -2.08 28.50 -25.71
C LEU A 349 -1.19 29.44 -26.51
N LYS A 350 -1.56 30.72 -26.51
CA LYS A 350 -0.86 31.80 -27.22
C LYS A 350 0.51 32.16 -26.60
N TYR B 10 5.76 6.25 -5.29
CA TYR B 10 4.89 6.39 -6.54
C TYR B 10 5.47 7.28 -7.63
N MET B 11 5.58 6.74 -8.82
CA MET B 11 6.03 7.55 -9.94
C MET B 11 4.85 8.15 -10.71
N SER B 12 4.22 9.12 -10.06
CA SER B 12 2.90 9.66 -10.42
C SER B 12 2.71 10.14 -11.84
N ARG B 13 3.56 11.06 -12.28
CA ARG B 13 3.48 11.64 -13.62
C ARG B 13 3.79 10.56 -14.67
N TYR B 14 4.75 9.73 -14.34
CA TYR B 14 5.24 8.71 -15.29
C TYR B 14 4.05 7.78 -15.56
N GLU B 15 3.37 7.36 -14.50
CA GLU B 15 2.18 6.49 -14.61
C GLU B 15 1.10 7.08 -15.55
N GLU B 16 0.80 8.37 -15.35
CA GLU B 16 -0.22 9.09 -16.13
C GLU B 16 0.14 9.12 -17.61
N ILE B 17 1.41 9.39 -17.88
CA ILE B 17 1.96 9.46 -19.20
C ILE B 17 1.96 8.09 -19.88
N THR B 18 2.30 7.04 -19.14
CA THR B 18 2.20 5.70 -19.69
C THR B 18 0.75 5.33 -19.99
N GLN B 19 -0.21 5.76 -19.15
CA GLN B 19 -1.63 5.51 -19.49
C GLN B 19 -2.09 6.21 -20.79
N GLN B 20 -1.60 7.42 -21.07
CA GLN B 20 -1.89 8.07 -22.36
C GLN B 20 -1.34 7.29 -23.52
N LEU B 21 -0.12 6.74 -23.33
CA LEU B 21 0.50 5.95 -24.37
C LEU B 21 -0.29 4.68 -24.67
N ILE B 22 -0.75 4.00 -23.65
CA ILE B 22 -1.43 2.76 -23.94
C ILE B 22 -2.74 3.08 -24.70
N PHE B 23 -3.41 4.15 -24.30
CA PHE B 23 -4.68 4.52 -24.98
C PHE B 23 -4.41 4.96 -26.43
N SER B 24 -3.29 5.64 -26.67
CA SER B 24 -3.09 6.28 -27.96
C SER B 24 -1.68 5.94 -28.37
N PRO B 25 -1.46 4.71 -28.88
CA PRO B 25 -0.08 4.28 -29.07
C PRO B 25 0.61 5.06 -30.19
N LYS B 26 1.91 5.22 -30.05
CA LYS B 26 2.72 5.87 -31.04
C LYS B 26 3.83 4.94 -31.55
N THR B 27 4.59 5.48 -32.49
CA THR B 27 5.73 4.80 -33.04
C THR B 27 7.03 5.43 -32.53
N TRP B 28 7.90 4.56 -32.01
CA TRP B 28 9.12 4.97 -31.38
C TRP B 28 10.30 4.40 -32.20
N LEU B 29 11.38 5.19 -32.25
CA LEU B 29 12.65 4.71 -32.75
C LEU B 29 13.50 4.61 -31.52
N ILE B 30 14.01 3.43 -31.24
CA ILE B 30 15.09 3.30 -30.27
C ILE B 30 16.38 2.95 -31.00
N THR B 31 17.38 3.84 -31.01
CA THR B 31 18.69 3.44 -31.49
C THR B 31 19.50 2.85 -30.34
N GLY B 32 20.32 1.86 -30.64
CA GLY B 32 21.06 1.21 -29.56
C GLY B 32 20.16 0.23 -28.84
N VAL B 33 19.14 -0.25 -29.55
CA VAL B 33 18.02 -1.10 -28.96
C VAL B 33 18.44 -2.47 -28.44
N ALA B 34 19.55 -3.02 -28.99
CA ALA B 34 20.13 -4.26 -28.49
C ALA B 34 21.10 -4.09 -27.30
N GLY B 35 21.29 -2.83 -26.87
CA GLY B 35 22.22 -2.49 -25.79
C GLY B 35 21.58 -2.59 -24.42
N PHE B 36 22.33 -2.28 -23.38
CA PHE B 36 21.79 -2.25 -22.01
C PHE B 36 20.54 -1.34 -21.85
N ILE B 37 20.68 -0.05 -22.13
CA ILE B 37 19.58 0.85 -21.84
C ILE B 37 18.51 0.68 -22.94
N GLY B 38 18.97 0.62 -24.21
CA GLY B 38 18.10 0.41 -25.33
C GLY B 38 17.18 -0.77 -25.15
N SER B 39 17.74 -1.91 -24.79
CA SER B 39 16.87 -3.09 -24.61
C SER B 39 15.89 -2.98 -23.41
N ASN B 40 16.24 -2.19 -22.40
CA ASN B 40 15.31 -1.95 -21.28
C ASN B 40 14.14 -1.04 -21.71
N LEU B 41 14.48 -0.07 -22.56
CA LEU B 41 13.51 0.79 -23.25
C LEU B 41 12.56 -0.02 -24.17
N LEU B 42 13.10 -1.00 -24.90
CA LEU B 42 12.31 -1.84 -25.77
C LEU B 42 11.31 -2.58 -24.96
N GLU B 43 11.81 -3.27 -23.93
CA GLU B 43 10.94 -3.95 -23.02
C GLU B 43 9.76 -3.14 -22.47
N LYS B 44 10.02 -1.98 -21.87
CA LYS B 44 8.91 -1.17 -21.34
C LYS B 44 7.99 -0.69 -22.50
N LEU B 45 8.53 -0.25 -23.62
CA LEU B 45 7.65 0.33 -24.66
C LEU B 45 6.73 -0.76 -25.27
N LEU B 46 7.25 -1.95 -25.53
CA LEU B 46 6.42 -3.06 -26.00
C LEU B 46 5.34 -3.46 -25.00
N LYS B 47 5.67 -3.41 -23.71
CA LYS B 47 4.70 -3.76 -22.66
C LYS B 47 3.61 -2.68 -22.54
N LEU B 48 3.89 -1.46 -23.02
CA LEU B 48 2.87 -0.40 -23.18
C LEU B 48 2.17 -0.46 -24.56
N ASN B 49 2.42 -1.50 -25.35
CA ASN B 49 1.70 -1.69 -26.59
C ASN B 49 2.12 -0.63 -27.62
N GLN B 50 3.30 -0.06 -27.50
CA GLN B 50 3.81 0.82 -28.55
C GLN B 50 4.32 0.04 -29.79
N VAL B 51 4.42 0.76 -30.88
CA VAL B 51 5.05 0.21 -32.07
C VAL B 51 6.49 0.70 -31.95
N VAL B 52 7.41 -0.25 -32.06
CA VAL B 52 8.81 0.12 -31.84
C VAL B 52 9.64 -0.27 -33.07
N ILE B 53 10.42 0.69 -33.56
CA ILE B 53 11.45 0.46 -34.55
C ILE B 53 12.78 0.51 -33.84
N GLY B 54 13.55 -0.59 -33.97
CA GLY B 54 14.83 -0.64 -33.35
C GLY B 54 15.95 -0.66 -34.36
N LEU B 55 16.97 0.20 -34.14
CA LEU B 55 18.18 0.17 -34.96
C LEU B 55 19.37 -0.29 -34.14
N ASP B 56 20.18 -1.23 -34.62
CA ASP B 56 21.42 -1.50 -33.89
C ASP B 56 22.44 -2.20 -34.81
N ASN B 57 23.74 -2.00 -34.56
CA ASN B 57 24.77 -2.75 -35.35
C ASN B 57 25.48 -3.87 -34.56
N PHE B 58 24.97 -4.25 -33.37
CA PHE B 58 25.60 -5.28 -32.55
C PHE B 58 27.09 -5.04 -32.35
N SER B 59 27.50 -3.77 -32.17
CA SER B 59 28.90 -3.50 -31.84
C SER B 59 29.17 -3.95 -30.40
N THR B 60 28.63 -3.19 -29.46
CA THR B 60 28.68 -3.57 -28.05
C THR B 60 27.37 -4.25 -27.64
N GLY B 61 26.31 -4.11 -28.41
CA GLY B 61 25.03 -4.79 -28.14
C GLY B 61 24.94 -6.24 -28.58
N HIS B 62 23.87 -6.90 -28.17
CA HIS B 62 23.70 -8.34 -28.35
C HIS B 62 22.30 -8.73 -28.79
N GLN B 63 22.22 -9.55 -29.84
CA GLN B 63 21.02 -10.30 -30.15
C GLN B 63 20.42 -10.98 -28.92
N TYR B 64 21.21 -11.63 -28.07
CA TYR B 64 20.63 -12.23 -26.87
C TYR B 64 19.84 -11.26 -25.99
N ASN B 65 20.19 -9.99 -25.95
CA ASN B 65 19.31 -9.01 -25.30
C ASN B 65 17.94 -8.89 -25.95
N LEU B 66 17.88 -8.84 -27.30
CA LEU B 66 16.60 -8.89 -28.00
C LEU B 66 15.87 -10.21 -27.74
N ASP B 67 16.57 -11.36 -27.78
CA ASP B 67 15.91 -12.63 -27.51
C ASP B 67 15.28 -12.63 -26.11
N GLU B 68 15.96 -12.05 -25.14
CA GLU B 68 15.38 -12.00 -23.79
C GLU B 68 14.08 -11.17 -23.76
N VAL B 69 14.09 -10.00 -24.38
CA VAL B 69 12.89 -9.13 -24.36
C VAL B 69 11.69 -9.86 -24.99
N LYS B 70 11.98 -10.58 -26.09
CA LYS B 70 11.03 -11.40 -26.80
C LYS B 70 10.29 -12.33 -25.84
N THR B 71 11.03 -13.03 -24.97
CA THR B 71 10.41 -13.94 -24.00
C THR B 71 9.59 -13.25 -22.89
N LEU B 72 9.69 -11.95 -22.77
CA LEU B 72 9.13 -11.22 -21.66
C LEU B 72 7.86 -10.43 -22.03
N VAL B 73 7.62 -10.27 -23.34
CA VAL B 73 6.45 -9.51 -23.84
C VAL B 73 5.48 -10.53 -24.47
N SER B 74 4.23 -10.15 -24.74
CA SER B 74 3.30 -11.07 -25.35
C SER B 74 3.58 -11.15 -26.84
N THR B 75 2.99 -12.13 -27.51
CA THR B 75 3.11 -12.31 -28.95
C THR B 75 2.69 -11.04 -29.73
N GLU B 76 1.53 -10.49 -29.37
CA GLU B 76 1.04 -9.28 -30.00
C GLU B 76 2.02 -8.09 -29.81
N GLN B 77 2.64 -8.03 -28.65
CA GLN B 77 3.49 -6.92 -28.34
C GLN B 77 4.76 -7.12 -29.11
N TRP B 78 5.24 -8.37 -29.14
CA TRP B 78 6.41 -8.70 -29.95
C TRP B 78 6.22 -8.41 -31.45
N SER B 79 5.01 -8.69 -31.96
CA SER B 79 4.68 -8.42 -33.40
C SER B 79 4.76 -6.92 -33.72
N ARG B 80 4.77 -6.04 -32.72
CA ARG B 80 4.90 -4.60 -33.00
C ARG B 80 6.34 -4.11 -33.00
N PHE B 81 7.29 -5.02 -32.88
CA PHE B 81 8.69 -4.59 -32.90
C PHE B 81 9.26 -4.89 -34.30
N CYS B 82 9.81 -3.87 -34.93
CA CYS B 82 10.48 -4.06 -36.18
C CYS B 82 11.96 -3.81 -35.94
N PHE B 83 12.78 -4.84 -36.13
CA PHE B 83 14.19 -4.63 -35.85
C PHE B 83 14.98 -4.41 -37.14
N ILE B 84 15.81 -3.38 -37.15
CA ILE B 84 16.59 -3.12 -38.30
C ILE B 84 18.04 -3.22 -37.88
N GLU B 85 18.76 -4.18 -38.43
CA GLU B 85 20.23 -4.16 -38.29
C GLU B 85 20.93 -3.11 -39.16
N GLY B 86 21.57 -2.13 -38.54
CA GLY B 86 22.23 -1.13 -39.32
C GLY B 86 22.98 -0.18 -38.45
N ASP B 87 23.66 0.75 -39.11
CA ASP B 87 24.58 1.66 -38.46
C ASP B 87 24.16 3.10 -38.54
N ILE B 88 24.17 3.79 -37.39
CA ILE B 88 23.84 5.21 -37.43
C ILE B 88 24.84 6.08 -38.21
N ARG B 89 25.99 5.53 -38.51
CA ARG B 89 26.98 6.26 -39.31
C ARG B 89 26.55 6.40 -40.77
N ASP B 90 25.62 5.56 -41.19
CA ASP B 90 25.08 5.65 -42.53
C ASP B 90 23.79 6.50 -42.56
N LEU B 91 23.83 7.65 -43.24
CA LEU B 91 22.68 8.58 -43.30
C LEU B 91 21.42 7.97 -43.89
N THR B 92 21.56 7.31 -45.02
CA THR B 92 20.38 6.65 -45.65
C THR B 92 19.66 5.68 -44.71
N THR B 93 20.41 4.87 -43.97
CA THR B 93 19.82 4.07 -42.94
C THR B 93 19.01 4.90 -41.94
N CYS B 94 19.58 6.00 -41.46
CA CYS B 94 18.92 6.85 -40.45
C CYS B 94 17.58 7.37 -41.02
N GLU B 95 17.61 7.84 -42.25
CA GLU B 95 16.39 8.30 -42.89
C GLU B 95 15.33 7.23 -43.01
N GLN B 96 15.75 6.00 -43.30
CA GLN B 96 14.78 4.95 -43.60
C GLN B 96 14.07 4.53 -42.33
N VAL B 97 14.78 4.47 -41.22
CA VAL B 97 14.15 4.02 -39.98
C VAL B 97 13.35 5.16 -39.33
N MET B 98 13.56 6.39 -39.79
CA MET B 98 12.78 7.49 -39.23
C MET B 98 11.33 7.55 -39.74
N LYS B 99 11.04 6.79 -40.78
CA LYS B 99 9.82 6.96 -41.48
C LYS B 99 8.61 6.61 -40.59
N GLY B 100 7.69 7.56 -40.44
CA GLY B 100 6.43 7.38 -39.67
C GLY B 100 6.69 7.28 -38.18
N VAL B 101 7.88 7.70 -37.75
CA VAL B 101 8.24 7.69 -36.34
C VAL B 101 7.71 8.95 -35.59
N ASP B 102 7.24 8.75 -34.34
CA ASP B 102 6.68 9.84 -33.53
C ASP B 102 7.72 10.31 -32.49
N HIS B 103 8.36 9.35 -31.80
CA HIS B 103 9.28 9.59 -30.71
C HIS B 103 10.62 8.90 -30.96
N VAL B 104 11.71 9.66 -30.88
CA VAL B 104 13.06 9.10 -30.97
C VAL B 104 13.72 8.98 -29.60
N LEU B 105 14.17 7.79 -29.25
CA LEU B 105 15.02 7.62 -28.08
C LEU B 105 16.40 7.25 -28.58
N HIS B 106 17.30 8.23 -28.61
CA HIS B 106 18.61 7.95 -29.21
C HIS B 106 19.62 7.42 -28.15
N GLN B 107 20.00 6.15 -28.21
CA GLN B 107 20.91 5.54 -27.24
C GLN B 107 22.13 4.99 -27.94
N ALA B 108 22.18 4.88 -29.26
CA ALA B 108 23.33 4.22 -29.87
C ALA B 108 24.56 5.10 -29.79
N ALA B 109 25.60 4.52 -29.22
CA ALA B 109 26.91 5.15 -29.16
C ALA B 109 27.93 4.13 -28.70
N LEU B 110 29.19 4.50 -28.78
CA LEU B 110 30.26 3.72 -28.18
C LEU B 110 30.69 4.45 -26.94
N GLY B 111 30.26 3.89 -25.82
CA GLY B 111 30.56 4.45 -24.51
C GLY B 111 31.96 4.18 -24.06
N SER B 112 32.25 4.68 -22.86
CA SER B 112 33.48 4.48 -22.13
C SER B 112 34.55 5.56 -22.42
N VAL B 113 35.00 6.22 -21.34
CA VAL B 113 36.18 7.07 -21.36
C VAL B 113 37.42 6.31 -21.94
N PRO B 114 37.83 5.19 -21.30
CA PRO B 114 39.06 4.63 -21.86
C PRO B 114 39.02 4.21 -23.37
N ARG B 115 37.90 3.66 -23.80
CA ARG B 115 37.71 3.39 -25.21
C ARG B 115 37.97 4.62 -26.13
N SER B 116 37.44 5.78 -25.73
CA SER B 116 37.62 6.99 -26.49
C SER B 116 39.10 7.43 -26.53
N ILE B 117 39.87 7.13 -25.48
CA ILE B 117 41.25 7.58 -25.40
C ILE B 117 42.14 6.77 -26.34
N VAL B 118 41.70 5.54 -26.54
CA VAL B 118 42.42 4.57 -27.29
C VAL B 118 42.01 4.56 -28.80
N ASP B 119 40.80 4.96 -29.09
CA ASP B 119 40.35 5.02 -30.49
C ASP B 119 39.44 6.22 -30.57
N PRO B 120 39.98 7.46 -30.48
CA PRO B 120 39.09 8.60 -30.59
C PRO B 120 38.46 8.69 -32.01
N ILE B 121 39.03 8.02 -33.03
CA ILE B 121 38.50 8.16 -34.39
C ILE B 121 37.20 7.41 -34.55
N THR B 122 37.17 6.13 -34.29
CA THR B 122 35.90 5.43 -34.41
C THR B 122 34.81 5.99 -33.51
N THR B 123 35.19 6.26 -32.27
CA THR B 123 34.32 6.90 -31.26
C THR B 123 33.78 8.24 -31.77
N ASN B 124 34.65 9.05 -32.41
CA ASN B 124 34.13 10.28 -32.99
C ASN B 124 33.06 10.01 -34.02
N ALA B 125 33.32 9.04 -34.91
CA ALA B 125 32.38 8.70 -35.98
C ALA B 125 31.01 8.14 -35.41
N THR B 126 31.05 7.25 -34.43
CA THR B 126 29.72 6.77 -33.97
C THR B 126 29.02 7.81 -33.12
N ASN B 127 29.76 8.58 -32.34
CA ASN B 127 29.17 9.37 -31.28
C ASN B 127 28.83 10.78 -31.71
N ILE B 128 29.62 11.35 -32.62
CA ILE B 128 29.26 12.66 -33.16
C ILE B 128 28.52 12.53 -34.55
N THR B 129 29.18 11.92 -35.56
CA THR B 129 28.54 11.72 -36.93
C THR B 129 27.24 10.94 -36.80
N GLY B 130 27.29 9.78 -36.13
CA GLY B 130 26.08 9.01 -35.93
C GLY B 130 25.01 9.85 -35.19
N PHE B 131 25.41 10.66 -34.22
CA PHE B 131 24.43 11.44 -33.49
C PHE B 131 23.79 12.43 -34.48
N LEU B 132 24.62 13.11 -35.24
CA LEU B 132 24.10 14.15 -36.14
C LEU B 132 23.21 13.56 -37.23
N ASN B 133 23.60 12.40 -37.76
CA ASN B 133 22.75 11.73 -38.75
C ASN B 133 21.36 11.49 -38.24
N ILE B 134 21.28 10.97 -37.01
CA ILE B 134 19.99 10.62 -36.41
C ILE B 134 19.21 11.93 -36.08
N LEU B 135 19.90 12.95 -35.60
CA LEU B 135 19.26 14.21 -35.20
C LEU B 135 18.68 14.90 -36.46
N HIS B 136 19.48 14.99 -37.51
CA HIS B 136 19.05 15.54 -38.76
C HIS B 136 17.99 14.69 -39.46
N ALA B 137 18.13 13.38 -39.49
CA ALA B 137 17.02 12.55 -40.00
C ALA B 137 15.69 12.86 -39.30
N ALA B 138 15.76 12.89 -37.97
CA ALA B 138 14.60 13.10 -37.14
C ALA B 138 14.05 14.49 -37.34
N LYS B 139 14.89 15.53 -37.47
CA LYS B 139 14.29 16.82 -37.81
C LYS B 139 13.50 16.75 -39.16
N ASN B 140 14.09 16.12 -40.17
CA ASN B 140 13.48 16.21 -41.50
C ASN B 140 12.21 15.35 -41.54
N ALA B 141 12.13 14.33 -40.68
CA ALA B 141 10.95 13.46 -40.64
C ALA B 141 9.85 14.09 -39.77
N GLN B 142 10.15 15.25 -39.16
CA GLN B 142 9.24 15.98 -38.25
C GLN B 142 8.65 15.15 -37.11
N VAL B 143 9.53 14.47 -36.41
CA VAL B 143 9.10 13.69 -35.26
C VAL B 143 8.51 14.61 -34.19
N GLN B 144 7.63 14.05 -33.36
CA GLN B 144 7.08 14.76 -32.24
C GLN B 144 8.14 15.02 -31.16
N SER B 145 9.07 14.10 -30.94
CA SER B 145 10.05 14.37 -29.90
C SER B 145 11.37 13.67 -30.20
N PHE B 146 12.41 14.12 -29.51
CA PHE B 146 13.75 13.58 -29.72
C PHE B 146 14.53 13.75 -28.42
N THR B 147 14.91 12.63 -27.84
CA THR B 147 15.58 12.55 -26.51
C THR B 147 16.84 11.69 -26.69
N TYR B 148 18.00 12.14 -26.23
CA TYR B 148 19.23 11.42 -26.50
C TYR B 148 20.04 11.19 -25.22
N ALA B 149 20.85 10.12 -25.20
CA ALA B 149 21.75 9.80 -24.10
C ALA B 149 22.92 10.76 -24.13
N ALA B 150 23.06 11.53 -23.05
CA ALA B 150 24.21 12.40 -22.86
C ALA B 150 24.95 11.82 -21.64
N SER B 151 25.93 12.53 -21.07
CA SER B 151 26.78 11.96 -20.08
C SER B 151 27.21 12.89 -18.93
N SER B 152 27.29 12.30 -17.74
CA SER B 152 27.82 13.07 -16.63
C SER B 152 29.34 13.38 -16.83
N SER B 153 30.01 12.70 -17.77
CA SER B 153 31.41 13.05 -18.09
C SER B 153 31.49 14.49 -18.58
N THR B 154 30.40 15.01 -19.08
CA THR B 154 30.40 16.41 -19.56
C THR B 154 30.73 17.42 -18.43
N TYR B 155 30.53 17.04 -17.17
CA TYR B 155 30.98 17.91 -16.09
C TYR B 155 32.51 18.12 -16.09
N GLY B 156 33.27 17.14 -16.59
CA GLY B 156 34.70 17.36 -16.76
C GLY B 156 35.41 17.69 -15.47
N ASP B 157 36.27 18.71 -15.50
CA ASP B 157 36.99 19.00 -14.29
C ASP B 157 36.24 19.96 -13.35
N HIS B 158 34.96 20.22 -13.55
CA HIS B 158 34.25 21.15 -12.65
C HIS B 158 34.26 20.62 -11.20
N PRO B 159 34.74 21.43 -10.24
CA PRO B 159 34.95 20.90 -8.88
C PRO B 159 33.69 20.79 -7.99
N ALA B 160 32.58 21.39 -8.41
CA ALA B 160 31.40 21.49 -7.54
C ALA B 160 30.69 20.15 -7.34
N LEU B 161 30.27 19.89 -6.11
CA LEU B 161 29.28 18.85 -5.82
C LEU B 161 28.12 19.49 -5.00
N PRO B 162 26.87 19.05 -5.24
CA PRO B 162 26.46 18.16 -6.32
C PRO B 162 26.57 18.79 -7.73
N LYS B 163 26.49 17.97 -8.76
CA LYS B 163 26.53 18.41 -10.17
C LYS B 163 25.21 19.01 -10.63
N VAL B 164 25.30 20.31 -10.96
CA VAL B 164 24.18 21.10 -11.43
C VAL B 164 24.34 21.36 -12.93
N GLU B 165 23.26 21.24 -13.72
CA GLU B 165 23.31 21.19 -15.20
C GLU B 165 24.02 22.35 -15.92
N GLU B 166 23.76 23.58 -15.46
CA GLU B 166 24.35 24.78 -16.01
C GLU B 166 25.84 24.84 -15.78
N ASN B 167 26.33 24.13 -14.76
CA ASN B 167 27.71 24.27 -14.38
C ASN B 167 28.62 23.12 -14.78
N ILE B 168 29.29 23.27 -15.92
CA ILE B 168 30.23 22.25 -16.43
C ILE B 168 31.63 22.83 -16.56
N GLY B 169 32.64 21.94 -16.61
CA GLY B 169 34.04 22.38 -16.66
C GLY B 169 34.67 22.00 -17.99
N ASN B 170 35.99 21.85 -18.01
CA ASN B 170 36.62 21.33 -19.27
C ASN B 170 36.51 19.80 -19.41
N PRO B 171 36.24 19.32 -20.65
CA PRO B 171 36.22 17.87 -20.89
C PRO B 171 37.58 17.19 -20.70
N LEU B 172 37.52 15.99 -20.19
CA LEU B 172 38.69 15.32 -19.72
C LEU B 172 39.06 14.12 -20.60
N SER B 173 38.23 13.77 -21.58
CA SER B 173 38.61 12.64 -22.49
C SER B 173 37.94 12.93 -23.85
N PRO B 174 38.32 12.22 -24.92
CA PRO B 174 37.57 12.32 -26.19
C PRO B 174 36.05 11.95 -26.06
N TYR B 175 35.73 11.00 -25.17
CA TYR B 175 34.32 10.64 -24.96
C TYR B 175 33.51 11.80 -24.42
N ALA B 176 34.08 12.51 -23.44
CA ALA B 176 33.42 13.69 -22.88
C ALA B 176 33.13 14.72 -24.01
N VAL B 177 34.08 14.94 -24.89
CA VAL B 177 33.86 15.81 -26.02
C VAL B 177 32.70 15.36 -26.85
N THR B 178 32.64 14.10 -27.22
CA THR B 178 31.55 13.66 -28.09
C THR B 178 30.19 13.93 -27.44
N LYS B 179 30.07 13.60 -26.15
CA LYS B 179 28.74 13.73 -25.52
C LYS B 179 28.35 15.20 -25.39
N TYR B 180 29.27 16.05 -24.95
CA TYR B 180 29.11 17.47 -25.05
C TYR B 180 28.70 18.02 -26.47
N VAL B 181 29.33 17.48 -27.53
CA VAL B 181 29.08 17.93 -28.89
C VAL B 181 27.65 17.62 -29.23
N ASN B 182 27.16 16.50 -28.71
CA ASN B 182 25.76 16.15 -28.88
C ASN B 182 24.85 17.25 -28.29
N GLU B 183 25.12 17.69 -27.07
CA GLU B 183 24.29 18.70 -26.45
C GLU B 183 24.38 19.98 -27.26
N ILE B 184 25.56 20.36 -27.76
CA ILE B 184 25.74 21.66 -28.43
C ILE B 184 25.04 21.68 -29.81
N TYR B 185 25.19 20.59 -30.59
CA TYR B 185 24.39 20.37 -31.79
C TYR B 185 22.88 20.42 -31.55
N ALA B 186 22.42 19.71 -30.53
CA ALA B 186 20.99 19.75 -30.09
C ALA B 186 20.48 21.18 -29.84
N GLN B 187 21.29 22.00 -29.18
CA GLN B 187 20.93 23.35 -28.77
C GLN B 187 20.90 24.22 -30.07
N VAL B 188 21.78 23.92 -30.99
CA VAL B 188 21.81 24.68 -32.24
C VAL B 188 20.61 24.31 -33.13
N TYR B 189 20.20 23.06 -33.06
CA TYR B 189 19.03 22.62 -33.80
C TYR B 189 17.78 23.36 -33.34
N ALA B 190 17.60 23.50 -32.02
CA ALA B 190 16.45 24.27 -31.45
C ALA B 190 16.49 25.72 -31.94
N ARG B 191 17.68 26.32 -31.93
CA ARG B 191 17.77 27.74 -32.27
C ARG B 191 17.64 27.96 -33.78
N THR B 192 18.27 27.08 -34.56
CA THR B 192 18.36 27.23 -36.02
C THR B 192 17.12 26.72 -36.73
N TYR B 193 16.61 25.56 -36.32
CA TYR B 193 15.45 24.97 -36.96
C TYR B 193 14.15 24.95 -36.11
N GLY B 194 14.20 25.39 -34.87
CA GLY B 194 13.03 25.21 -34.01
C GLY B 194 12.81 23.81 -33.50
N PHE B 195 13.83 22.94 -33.62
CA PHE B 195 13.68 21.52 -33.29
C PHE B 195 14.19 21.20 -31.85
N LYS B 196 13.25 20.88 -30.94
CA LYS B 196 13.53 21.02 -29.51
C LYS B 196 13.72 19.65 -28.94
N THR B 197 14.88 19.41 -28.32
CA THR B 197 15.28 18.05 -27.92
C THR B 197 15.38 18.02 -26.42
N ILE B 198 15.51 16.82 -25.84
CA ILE B 198 16.01 16.67 -24.50
C ILE B 198 17.27 15.76 -24.41
N GLY B 199 18.33 16.26 -23.76
CA GLY B 199 19.55 15.46 -23.56
C GLY B 199 19.54 14.98 -22.09
N LEU B 200 19.87 13.71 -21.88
CA LEU B 200 19.86 13.11 -20.57
C LEU B 200 21.28 12.75 -20.11
N ARG B 201 21.83 13.55 -19.18
CA ARG B 201 23.15 13.29 -18.64
C ARG B 201 23.05 12.13 -17.64
N TYR B 202 23.29 10.90 -18.11
CA TYR B 202 23.17 9.69 -17.26
C TYR B 202 24.36 9.69 -16.30
N PHE B 203 24.15 9.22 -15.07
CA PHE B 203 25.23 9.00 -14.08
C PHE B 203 25.29 7.53 -13.72
N ASN B 204 26.25 6.77 -14.22
CA ASN B 204 26.46 5.40 -13.63
C ASN B 204 25.24 4.49 -13.51
N VAL B 205 24.59 4.26 -14.64
CA VAL B 205 23.45 3.40 -14.77
C VAL B 205 23.88 1.92 -14.63
N PHE B 206 22.99 1.11 -14.07
CA PHE B 206 23.25 -0.27 -13.76
C PHE B 206 21.86 -0.95 -13.67
N GLY B 207 21.84 -2.29 -13.67
CA GLY B 207 20.59 -3.05 -13.84
C GLY B 207 20.79 -4.19 -14.83
N ARG B 208 19.73 -4.95 -15.06
CA ARG B 208 19.79 -6.18 -15.84
C ARG B 208 20.15 -5.89 -17.29
N ARG B 209 20.88 -6.82 -17.90
CA ARG B 209 21.36 -6.67 -19.27
C ARG B 209 22.55 -5.70 -19.45
N GLN B 210 23.19 -5.24 -18.38
CA GLN B 210 24.44 -4.50 -18.55
C GLN B 210 25.60 -5.47 -18.63
N ASP B 211 26.40 -5.35 -19.68
CA ASP B 211 27.42 -6.33 -20.00
C ASP B 211 28.49 -6.52 -18.92
N PRO B 212 28.68 -7.75 -18.44
CA PRO B 212 29.70 -7.91 -17.41
C PRO B 212 31.05 -8.32 -18.02
N ASN B 213 31.00 -8.68 -19.30
CA ASN B 213 32.16 -9.17 -20.06
C ASN B 213 32.78 -7.99 -20.80
N GLY B 214 33.97 -8.14 -21.35
CA GLY B 214 34.59 -6.98 -22.05
C GLY B 214 35.59 -6.25 -21.18
N ALA B 215 36.63 -5.73 -21.81
CA ALA B 215 37.61 -4.90 -21.12
C ALA B 215 36.99 -3.60 -20.63
N TYR B 216 35.82 -3.24 -21.14
CA TYR B 216 35.14 -1.94 -20.80
C TYR B 216 33.96 -2.12 -19.85
N ALA B 217 33.96 -3.20 -19.09
CA ALA B 217 32.79 -3.50 -18.29
C ALA B 217 32.71 -2.44 -17.23
N ALA B 218 31.51 -1.91 -17.02
CA ALA B 218 31.24 -1.05 -15.86
C ALA B 218 31.33 -1.74 -14.49
N VAL B 219 31.62 -0.92 -13.48
CA VAL B 219 31.93 -1.40 -12.14
C VAL B 219 31.00 -2.49 -11.61
N ILE B 220 29.71 -2.19 -11.56
CA ILE B 220 28.76 -3.07 -10.87
C ILE B 220 28.76 -4.52 -11.45
N PRO B 221 28.65 -4.66 -12.79
CA PRO B 221 28.58 -5.98 -13.40
C PRO B 221 29.91 -6.72 -13.47
N LYS B 222 31.00 -5.99 -13.64
CA LYS B 222 32.35 -6.57 -13.59
C LYS B 222 32.59 -7.20 -12.21
N TRP B 223 32.29 -6.45 -11.16
CA TRP B 223 32.47 -6.92 -9.80
C TRP B 223 31.52 -8.02 -9.45
N THR B 224 30.30 -7.94 -9.97
CA THR B 224 29.34 -8.98 -9.68
C THR B 224 29.83 -10.29 -10.33
N ALA B 225 30.21 -10.20 -11.61
CA ALA B 225 30.77 -11.34 -12.33
C ALA B 225 31.90 -11.95 -11.54
N ALA B 226 32.83 -11.09 -11.15
CA ALA B 226 34.00 -11.48 -10.39
C ALA B 226 33.65 -12.22 -9.09
N MET B 227 32.65 -11.74 -8.34
CA MET B 227 32.31 -12.45 -7.11
C MET B 227 31.60 -13.78 -7.36
N LEU B 228 30.89 -13.89 -8.48
CA LEU B 228 30.21 -15.14 -8.79
C LEU B 228 31.16 -16.24 -9.25
N LYS B 229 32.30 -15.85 -9.82
CA LYS B 229 33.34 -16.80 -10.21
C LYS B 229 34.37 -16.94 -9.09
N GLY B 230 34.30 -16.02 -8.14
CA GLY B 230 35.23 -16.00 -7.02
C GLY B 230 36.58 -15.49 -7.47
N ASP B 231 36.59 -14.66 -8.50
CA ASP B 231 37.83 -14.04 -8.97
C ASP B 231 38.12 -12.77 -8.15
N ASP B 232 39.21 -12.08 -8.50
CA ASP B 232 39.72 -10.95 -7.73
C ASP B 232 38.91 -9.68 -8.03
N VAL B 233 38.48 -9.00 -6.98
CA VAL B 233 37.72 -7.76 -7.09
C VAL B 233 38.63 -6.52 -6.92
N TYR B 234 38.96 -5.89 -8.04
CA TYR B 234 39.83 -4.72 -8.06
C TYR B 234 39.11 -3.46 -7.53
N ILE B 235 39.45 -3.03 -6.32
CA ILE B 235 39.09 -1.69 -5.81
C ILE B 235 40.24 -0.72 -6.03
N ASN B 236 40.08 0.20 -6.98
CA ASN B 236 41.11 1.20 -7.34
C ASN B 236 41.09 2.44 -6.40
N GLY B 237 42.24 2.82 -5.84
CA GLY B 237 42.28 3.86 -4.83
C GLY B 237 42.04 3.17 -3.49
N ASP B 238 41.44 3.87 -2.53
CA ASP B 238 41.35 3.30 -1.17
C ASP B 238 39.97 2.80 -0.64
N GLY B 239 38.97 2.71 -1.49
CA GLY B 239 37.65 2.24 -1.09
C GLY B 239 36.68 3.40 -0.96
N GLU B 240 37.21 4.55 -0.52
CA GLU B 240 36.42 5.78 -0.36
C GLU B 240 35.64 6.33 -1.59
N THR B 241 36.23 6.29 -2.80
CA THR B 241 35.66 6.97 -4.00
C THR B 241 34.17 6.71 -4.22
N SER B 242 33.47 7.67 -4.85
CA SER B 242 32.01 7.68 -4.81
C SER B 242 31.30 8.07 -6.10
N ARG B 243 30.14 7.45 -6.31
CA ARG B 243 29.34 7.69 -7.53
C ARG B 243 27.88 7.75 -7.19
N ASP B 244 27.12 8.34 -8.10
CA ASP B 244 25.69 8.39 -8.05
C ASP B 244 25.11 7.24 -8.91
N PHE B 245 25.18 6.03 -8.38
CA PHE B 245 24.70 4.87 -9.14
C PHE B 245 23.20 4.92 -9.37
N CYS B 246 22.78 4.79 -10.63
CA CYS B 246 21.38 4.98 -10.93
C CYS B 246 20.75 3.74 -11.52
N TYR B 247 19.86 3.09 -10.77
CA TYR B 247 19.15 1.96 -11.35
C TYR B 247 18.40 2.28 -12.63
N ILE B 248 18.46 1.33 -13.58
CA ILE B 248 17.89 1.47 -14.94
C ILE B 248 16.45 1.99 -15.02
N ASP B 249 15.59 1.59 -14.06
CA ASP B 249 14.15 1.94 -14.16
C ASP B 249 14.02 3.43 -14.06
N ASN B 250 14.87 4.09 -13.25
CA ASN B 250 14.87 5.57 -13.14
C ASN B 250 15.17 6.15 -14.50
N VAL B 251 16.11 5.53 -15.25
CA VAL B 251 16.42 5.95 -16.64
C VAL B 251 15.28 5.79 -17.65
N ILE B 252 14.57 4.67 -17.58
CA ILE B 252 13.41 4.41 -18.41
C ILE B 252 12.39 5.49 -18.12
N GLN B 253 12.13 5.74 -16.83
CA GLN B 253 11.15 6.76 -16.47
C GLN B 253 11.54 8.10 -17.13
N MET B 254 12.80 8.54 -17.00
CA MET B 254 13.24 9.81 -17.58
C MET B 254 13.11 9.90 -19.11
N ASN B 255 13.45 8.80 -19.80
CA ASN B 255 13.18 8.77 -21.28
C ASN B 255 11.74 9.02 -21.66
N ILE B 256 10.82 8.36 -20.97
CA ILE B 256 9.41 8.42 -21.34
C ILE B 256 8.88 9.81 -20.99
N LEU B 257 9.16 10.29 -19.78
CA LEU B 257 8.79 11.64 -19.38
C LEU B 257 9.39 12.66 -20.32
N SER B 258 10.65 12.44 -20.76
CA SER B 258 11.26 13.33 -21.75
C SER B 258 10.57 13.34 -23.09
N ALA B 259 10.15 12.19 -23.57
CA ALA B 259 9.52 12.10 -24.88
C ALA B 259 8.18 12.78 -24.88
N LEU B 260 7.45 12.72 -23.76
CA LEU B 260 6.14 13.41 -23.69
C LEU B 260 6.16 14.73 -22.91
N ALA B 261 7.32 15.38 -22.83
CA ALA B 261 7.46 16.61 -22.07
C ALA B 261 6.61 17.68 -22.69
N LYS B 262 6.12 18.61 -21.86
CA LYS B 262 5.53 19.87 -22.38
C LYS B 262 6.61 20.61 -23.18
N ASP B 263 6.20 21.45 -24.14
CA ASP B 263 7.16 22.07 -25.03
C ASP B 263 8.19 22.92 -24.26
N SER B 264 7.79 23.65 -23.22
CA SER B 264 8.72 24.52 -22.48
C SER B 264 9.80 23.75 -21.69
N ALA B 265 9.59 22.45 -21.53
CA ALA B 265 10.53 21.60 -20.83
C ALA B 265 11.61 21.00 -21.74
N LYS B 266 11.41 21.13 -23.05
CA LYS B 266 12.35 20.73 -24.07
C LYS B 266 13.44 21.76 -24.28
N ASP B 267 14.34 21.48 -25.23
CA ASP B 267 15.65 22.15 -25.39
C ASP B 267 16.30 22.35 -24.05
N ASN B 268 16.50 21.27 -23.33
CA ASN B 268 17.03 21.30 -21.96
C ASN B 268 17.78 19.98 -21.79
N ILE B 269 18.80 20.08 -20.94
CA ILE B 269 19.58 18.96 -20.46
C ILE B 269 19.11 18.64 -19.03
N TYR B 270 19.01 17.36 -18.70
CA TYR B 270 18.68 16.95 -17.32
C TYR B 270 19.66 15.93 -16.79
N ASN B 271 20.15 16.12 -15.57
CA ASN B 271 20.86 15.05 -14.89
C ASN B 271 19.87 13.93 -14.69
N VAL B 272 20.33 12.70 -14.91
CA VAL B 272 19.50 11.57 -14.63
C VAL B 272 20.22 10.72 -13.59
N ALA B 273 19.78 10.82 -12.34
CA ALA B 273 20.40 10.03 -11.29
C ALA B 273 19.48 9.98 -10.08
N VAL B 274 19.99 9.65 -8.90
CA VAL B 274 19.17 9.61 -7.69
C VAL B 274 19.53 10.75 -6.73
N GLY B 275 20.73 11.34 -6.84
CA GLY B 275 21.17 12.41 -5.93
C GLY B 275 21.93 11.84 -4.74
N ASP B 276 22.17 10.52 -4.75
CA ASP B 276 22.92 9.89 -3.65
C ASP B 276 24.37 9.69 -4.09
N ARG B 277 25.22 9.39 -3.13
CA ARG B 277 26.64 9.26 -3.36
C ARG B 277 27.19 8.01 -2.66
N THR B 278 27.45 6.95 -3.44
CA THR B 278 27.94 5.70 -2.87
C THR B 278 29.42 5.52 -3.09
N THR B 279 30.07 5.09 -2.01
CA THR B 279 31.50 4.79 -1.99
C THR B 279 31.75 3.38 -2.56
N LEU B 280 32.80 3.22 -3.36
CA LEU B 280 33.32 1.87 -3.65
C LEU B 280 33.36 0.86 -2.46
N ASN B 281 33.88 1.25 -1.29
CA ASN B 281 33.79 0.37 -0.13
C ASN B 281 32.34 -0.07 0.07
N GLU B 282 31.43 0.88 -0.06
CA GLU B 282 30.03 0.60 0.23
C GLU B 282 29.50 -0.38 -0.81
N LEU B 283 29.90 -0.15 -2.06
CA LEU B 283 29.42 -0.87 -3.23
C LEU B 283 29.84 -2.34 -3.12
N SER B 284 31.17 -2.52 -3.03
CA SER B 284 31.79 -3.81 -2.83
C SER B 284 31.03 -4.57 -1.77
N GLY B 285 30.72 -3.87 -0.67
CA GLY B 285 29.96 -4.41 0.44
C GLY B 285 28.51 -4.69 0.07
N TYR B 286 27.82 -3.71 -0.51
CA TYR B 286 26.43 -3.89 -0.94
C TYR B 286 26.29 -5.06 -1.89
N ILE B 287 27.23 -5.17 -2.85
CA ILE B 287 27.20 -6.22 -3.86
C ILE B 287 27.36 -7.64 -3.24
N TYR B 288 28.43 -7.85 -2.47
CA TYR B 288 28.63 -9.09 -1.72
C TYR B 288 27.38 -9.41 -0.89
N ASP B 289 26.78 -8.38 -0.27
CA ASP B 289 25.66 -8.62 0.64
C ASP B 289 24.45 -9.12 -0.13
N GLU B 290 24.14 -8.46 -1.24
CA GLU B 290 23.00 -8.79 -2.07
C GLU B 290 23.16 -10.12 -2.79
N LEU B 291 24.35 -10.35 -3.36
CA LEU B 291 24.69 -11.63 -4.00
C LEU B 291 24.51 -12.81 -3.04
N ASN B 292 25.29 -12.78 -1.96
CA ASN B 292 25.31 -13.91 -1.04
C ASN B 292 24.00 -14.12 -0.30
N LEU B 293 23.03 -13.25 -0.52
CA LEU B 293 21.68 -13.60 -0.12
C LEU B 293 21.10 -14.71 -0.99
N ILE B 294 21.59 -14.84 -2.23
CA ILE B 294 21.20 -15.95 -3.13
C ILE B 294 22.36 -16.96 -3.45
N HIS B 295 22.97 -17.46 -2.36
CA HIS B 295 24.07 -18.49 -2.29
C HIS B 295 25.34 -18.05 -3.04
N HIS B 296 26.40 -18.90 -2.99
CA HIS B 296 27.62 -18.73 -3.83
C HIS B 296 28.80 -18.05 -3.08
N ILE B 302 38.95 -9.91 -2.44
CA ILE B 302 39.03 -8.45 -2.34
C ILE B 302 40.48 -7.97 -2.28
N LYS B 303 40.86 -7.03 -3.16
CA LYS B 303 42.18 -6.38 -3.06
C LYS B 303 42.40 -5.06 -3.80
N TYR B 304 42.91 -4.09 -3.04
CA TYR B 304 43.08 -2.67 -3.43
C TYR B 304 44.29 -2.45 -4.35
N ARG B 305 44.14 -1.60 -5.37
CA ARG B 305 45.20 -1.41 -6.36
C ARG B 305 45.62 0.03 -6.75
N GLU B 306 45.08 0.52 -7.87
CA GLU B 306 45.66 1.59 -8.69
C GLU B 306 44.61 2.74 -8.77
N PHE B 307 44.83 3.61 -9.77
CA PHE B 307 43.92 4.69 -10.20
C PHE B 307 43.89 4.70 -11.73
N ARG B 308 42.81 5.17 -12.34
CA ARG B 308 42.74 5.17 -13.80
C ARG B 308 43.14 6.55 -14.37
N SER B 309 42.90 6.77 -15.67
CA SER B 309 43.25 8.04 -16.35
C SER B 309 42.07 8.62 -17.16
N GLY B 310 41.76 9.88 -16.86
CA GLY B 310 40.45 10.49 -17.15
C GLY B 310 39.42 10.18 -16.06
N ASP B 311 39.86 9.91 -14.82
CA ASP B 311 38.98 9.34 -13.75
C ASP B 311 38.77 10.13 -12.40
N VAL B 312 37.48 10.28 -12.00
CA VAL B 312 37.06 11.27 -10.99
C VAL B 312 36.84 10.78 -9.54
N ARG B 313 37.06 11.68 -8.61
CA ARG B 313 37.17 11.26 -7.23
C ARG B 313 35.74 11.20 -6.65
N HIS B 314 34.86 12.06 -7.18
CA HIS B 314 33.57 12.27 -6.54
C HIS B 314 32.53 12.65 -7.59
N SER B 315 31.37 12.03 -7.52
CA SER B 315 30.30 12.33 -8.47
C SER B 315 28.95 12.14 -7.80
N GLN B 316 28.12 13.19 -7.83
CA GLN B 316 26.81 13.21 -7.20
C GLN B 316 25.96 14.20 -7.99
N ALA B 317 24.85 13.74 -8.52
CA ALA B 317 23.93 14.60 -9.28
C ALA B 317 22.95 15.40 -8.40
N ASP B 318 22.64 16.61 -8.89
CA ASP B 318 21.51 17.35 -8.38
C ASP B 318 20.41 17.12 -9.40
N VAL B 319 19.33 16.48 -8.95
CA VAL B 319 18.26 16.11 -9.91
C VAL B 319 16.98 16.95 -9.71
N THR B 320 17.13 18.05 -8.98
CA THR B 320 16.06 19.01 -8.78
C THR B 320 15.45 19.42 -10.12
N LYS B 321 16.30 19.72 -11.08
CA LYS B 321 15.79 20.26 -12.35
C LYS B 321 14.76 19.29 -12.97
N ALA B 322 15.12 18.01 -13.05
CA ALA B 322 14.18 16.98 -13.57
C ALA B 322 12.92 16.80 -12.70
N ILE B 323 13.09 16.92 -11.40
CA ILE B 323 12.01 16.72 -10.48
C ILE B 323 11.00 17.85 -10.67
N ASP B 324 11.51 19.04 -10.91
CA ASP B 324 10.67 20.25 -10.97
C ASP B 324 9.98 20.33 -12.33
N LEU B 325 10.76 20.26 -13.39
CA LEU B 325 10.24 20.47 -14.75
C LEU B 325 9.55 19.28 -15.37
N LEU B 326 9.97 18.07 -15.02
CA LEU B 326 9.42 16.91 -15.65
C LEU B 326 8.61 16.11 -14.66
N LYS B 327 8.73 16.43 -13.36
CA LYS B 327 8.11 15.63 -12.31
C LYS B 327 8.67 14.20 -12.30
N TYR B 328 9.95 14.09 -12.58
CA TYR B 328 10.74 12.89 -12.30
C TYR B 328 10.71 12.49 -10.83
N ARG B 329 10.58 11.20 -10.57
CA ARG B 329 10.55 10.73 -9.17
C ARG B 329 11.45 9.49 -9.05
N PRO B 330 12.73 9.70 -8.69
CA PRO B 330 13.67 8.63 -8.58
C PRO B 330 13.37 7.76 -7.39
N ASN B 331 12.63 6.68 -7.58
CA ASN B 331 12.20 5.89 -6.46
C ASN B 331 13.06 4.67 -6.17
N ILE B 332 13.99 4.33 -7.06
CA ILE B 332 14.86 3.16 -6.83
C ILE B 332 16.31 3.55 -6.58
N LYS B 333 16.69 3.47 -5.30
CA LYS B 333 18.03 3.74 -4.77
C LYS B 333 18.94 2.50 -4.85
N ILE B 334 20.23 2.73 -4.67
CA ILE B 334 21.24 1.75 -5.05
C ILE B 334 21.07 0.35 -4.44
N ARG B 335 20.82 0.28 -3.13
CA ARG B 335 20.70 -1.01 -2.44
C ARG B 335 19.55 -1.85 -3.05
N GLU B 336 18.41 -1.21 -3.29
CA GLU B 336 17.27 -1.87 -3.93
C GLU B 336 17.51 -2.25 -5.40
N GLY B 337 18.26 -1.39 -6.09
CA GLY B 337 18.60 -1.68 -7.44
C GLY B 337 19.46 -2.92 -7.42
N LEU B 338 20.42 -3.00 -6.51
CA LEU B 338 21.26 -4.20 -6.55
C LEU B 338 20.42 -5.44 -6.29
N ARG B 339 19.52 -5.36 -5.30
CA ARG B 339 18.63 -6.48 -4.97
C ARG B 339 17.84 -6.89 -6.22
N LEU B 340 17.34 -5.90 -6.96
CA LEU B 340 16.60 -6.14 -8.20
C LEU B 340 17.46 -6.74 -9.33
N SER B 341 18.77 -6.43 -9.34
CA SER B 341 19.67 -6.81 -10.44
C SER B 341 20.34 -8.18 -10.30
N MET B 342 20.64 -8.57 -9.07
CA MET B 342 21.43 -9.74 -8.82
C MET B 342 20.86 -11.04 -9.40
N PRO B 343 19.55 -11.34 -9.18
CA PRO B 343 18.94 -12.51 -9.81
C PRO B 343 19.11 -12.61 -11.34
N TRP B 344 19.29 -11.47 -12.01
CA TRP B 344 19.61 -11.56 -13.43
C TRP B 344 21.06 -12.00 -13.65
N TYR B 345 21.98 -11.50 -12.83
CA TYR B 345 23.38 -11.87 -13.02
C TYR B 345 23.65 -13.35 -12.73
N VAL B 346 23.00 -13.90 -11.70
CA VAL B 346 23.19 -15.33 -11.40
C VAL B 346 22.78 -16.18 -12.58
N ARG B 347 21.55 -15.98 -13.06
CA ARG B 347 21.04 -16.73 -14.21
C ARG B 347 21.90 -16.52 -15.45
N PHE B 348 22.46 -15.34 -15.61
CA PHE B 348 23.20 -15.04 -16.83
C PHE B 348 24.57 -15.72 -16.85
N LEU B 349 25.15 -15.93 -15.67
CA LEU B 349 26.52 -16.40 -15.58
C LEU B 349 26.58 -17.85 -15.15
N LYS B 350 25.44 -18.42 -14.79
CA LYS B 350 25.36 -19.75 -14.19
C LYS B 350 25.36 -20.82 -15.30
N TYR C 10 -26.68 -39.40 -5.24
CA TYR C 10 -25.97 -39.19 -6.49
C TYR C 10 -25.70 -37.73 -6.83
N MET C 11 -24.51 -37.50 -7.39
CA MET C 11 -23.99 -36.18 -7.76
C MET C 11 -23.63 -36.12 -9.25
N SER C 12 -24.61 -36.32 -10.13
CA SER C 12 -24.36 -36.86 -11.43
C SER C 12 -23.75 -36.07 -12.57
N ARG C 13 -24.05 -34.80 -12.74
CA ARG C 13 -23.24 -34.02 -13.64
C ARG C 13 -21.90 -33.80 -12.96
N TYR C 14 -21.95 -33.72 -11.66
CA TYR C 14 -20.74 -33.61 -10.89
C TYR C 14 -19.88 -34.87 -10.95
N GLU C 15 -20.46 -36.04 -10.77
CA GLU C 15 -19.74 -37.32 -10.96
C GLU C 15 -19.11 -37.40 -12.36
N GLU C 16 -19.87 -37.06 -13.38
CA GLU C 16 -19.39 -37.16 -14.75
C GLU C 16 -18.19 -36.23 -14.96
N ILE C 17 -18.29 -35.01 -14.47
CA ILE C 17 -17.15 -34.12 -14.61
C ILE C 17 -15.93 -34.61 -13.85
N THR C 18 -16.08 -35.08 -12.63
CA THR C 18 -14.86 -35.48 -11.86
C THR C 18 -14.22 -36.73 -12.50
N GLN C 19 -15.07 -37.63 -12.99
CA GLN C 19 -14.63 -38.74 -13.78
C GLN C 19 -13.78 -38.23 -14.94
N GLN C 20 -14.24 -37.18 -15.62
CA GLN C 20 -13.56 -36.66 -16.78
C GLN C 20 -12.25 -36.04 -16.39
N LEU C 21 -12.24 -35.32 -15.29
CA LEU C 21 -10.99 -34.75 -14.79
C LEU C 21 -9.96 -35.85 -14.48
N ILE C 22 -10.41 -36.97 -13.90
CA ILE C 22 -9.55 -38.12 -13.62
C ILE C 22 -8.82 -38.57 -14.86
N PHE C 23 -9.51 -38.54 -16.02
CA PHE C 23 -8.91 -39.02 -17.29
C PHE C 23 -8.21 -37.91 -18.03
N SER C 24 -8.44 -36.68 -17.68
CA SER C 24 -7.90 -35.65 -18.49
C SER C 24 -7.57 -34.44 -17.62
N PRO C 25 -6.42 -34.50 -16.93
CA PRO C 25 -6.06 -33.48 -15.97
C PRO C 25 -5.89 -32.12 -16.61
N LYS C 26 -6.19 -31.09 -15.81
CA LYS C 26 -6.08 -29.70 -16.20
C LYS C 26 -5.23 -29.05 -15.14
N THR C 27 -4.92 -27.79 -15.37
CA THR C 27 -4.11 -27.02 -14.44
C THR C 27 -4.96 -25.96 -13.74
N TRP C 28 -4.90 -25.94 -12.42
CA TRP C 28 -5.81 -25.09 -11.68
C TRP C 28 -5.01 -24.18 -10.86
N LEU C 29 -5.54 -22.97 -10.67
CA LEU C 29 -5.03 -22.04 -9.69
C LEU C 29 -6.00 -21.95 -8.48
N ILE C 30 -5.51 -22.20 -7.29
CA ILE C 30 -6.28 -21.92 -6.09
C ILE C 30 -5.59 -20.82 -5.33
N THR C 31 -6.25 -19.66 -5.19
CA THR C 31 -5.73 -18.67 -4.27
C THR C 31 -6.39 -18.95 -2.95
N GLY C 32 -5.68 -18.78 -1.83
CA GLY C 32 -6.35 -18.98 -0.54
C GLY C 32 -6.26 -20.45 -0.22
N VAL C 33 -5.28 -21.09 -0.84
CA VAL C 33 -5.15 -22.56 -0.85
C VAL C 33 -4.86 -23.12 0.58
N ALA C 34 -4.26 -22.30 1.45
CA ALA C 34 -3.89 -22.72 2.83
C ALA C 34 -5.03 -22.51 3.78
N GLY C 35 -6.18 -22.06 3.26
CA GLY C 35 -7.31 -21.65 4.09
C GLY C 35 -8.28 -22.77 4.19
N PHE C 36 -9.45 -22.48 4.79
CA PHE C 36 -10.52 -23.48 4.97
C PHE C 36 -11.01 -24.06 3.60
N ILE C 37 -11.72 -23.25 2.83
CA ILE C 37 -12.20 -23.67 1.53
C ILE C 37 -11.10 -24.04 0.49
N GLY C 38 -10.05 -23.23 0.38
CA GLY C 38 -8.89 -23.53 -0.48
C GLY C 38 -8.26 -24.90 -0.26
N SER C 39 -7.96 -25.23 1.00
CA SER C 39 -7.30 -26.48 1.29
C SER C 39 -8.25 -27.64 1.04
N ASN C 40 -9.55 -27.43 1.20
CA ASN C 40 -10.50 -28.49 0.83
C ASN C 40 -10.56 -28.71 -0.70
N LEU C 41 -10.54 -27.62 -1.48
CA LEU C 41 -10.39 -27.68 -2.95
C LEU C 41 -9.08 -28.33 -3.39
N LEU C 42 -8.00 -28.05 -2.69
CA LEU C 42 -6.71 -28.65 -3.00
C LEU C 42 -6.80 -30.14 -2.80
N GLU C 43 -7.35 -30.59 -1.66
CA GLU C 43 -7.51 -32.04 -1.40
C GLU C 43 -8.31 -32.75 -2.52
N LYS C 44 -9.45 -32.18 -2.90
CA LYS C 44 -10.26 -32.77 -3.93
C LYS C 44 -9.54 -32.80 -5.31
N LEU C 45 -8.96 -31.68 -5.72
CA LEU C 45 -8.24 -31.61 -7.00
C LEU C 45 -7.04 -32.58 -7.11
N LEU C 46 -6.29 -32.73 -6.00
CA LEU C 46 -5.12 -33.60 -6.00
C LEU C 46 -5.58 -35.05 -6.11
N LYS C 47 -6.68 -35.39 -5.44
CA LYS C 47 -7.24 -36.75 -5.55
C LYS C 47 -7.85 -37.01 -6.89
N LEU C 48 -8.12 -35.94 -7.64
CA LEU C 48 -8.56 -36.15 -9.04
C LEU C 48 -7.36 -36.09 -9.95
N ASN C 49 -6.17 -36.19 -9.35
CA ASN C 49 -4.87 -36.09 -10.07
C ASN C 49 -4.66 -34.82 -10.90
N GLN C 50 -5.25 -33.69 -10.50
CA GLN C 50 -5.04 -32.47 -11.24
C GLN C 50 -3.69 -31.86 -10.95
N VAL C 51 -3.34 -30.85 -11.75
CA VAL C 51 -2.13 -30.05 -11.50
C VAL C 51 -2.66 -28.80 -10.89
N VAL C 52 -2.15 -28.49 -9.71
CA VAL C 52 -2.66 -27.35 -8.96
C VAL C 52 -1.54 -26.37 -8.67
N ILE C 53 -1.74 -25.11 -9.05
CA ILE C 53 -0.86 -24.04 -8.55
C ILE C 53 -1.61 -23.33 -7.47
N GLY C 54 -0.97 -23.20 -6.31
CA GLY C 54 -1.62 -22.59 -5.12
C GLY C 54 -0.91 -21.31 -4.73
N LEU C 55 -1.65 -20.32 -4.24
CA LEU C 55 -1.08 -19.05 -3.79
C LEU C 55 -1.62 -18.77 -2.42
N ASP C 56 -0.79 -18.38 -1.46
CA ASP C 56 -1.28 -17.95 -0.13
C ASP C 56 -0.18 -17.19 0.65
N ASN C 57 -0.59 -16.17 1.43
CA ASN C 57 0.36 -15.43 2.27
C ASN C 57 0.30 -15.86 3.78
N PHE C 58 -0.47 -16.89 4.05
CA PHE C 58 -0.69 -17.40 5.41
C PHE C 58 -1.10 -16.26 6.34
N SER C 59 -2.00 -15.41 5.87
CA SER C 59 -2.57 -14.32 6.67
C SER C 59 -3.56 -14.95 7.69
N THR C 60 -4.48 -15.78 7.20
CA THR C 60 -5.51 -16.40 8.04
C THR C 60 -5.39 -17.90 7.81
N GLY C 61 -4.74 -18.29 6.71
CA GLY C 61 -4.48 -19.68 6.42
C GLY C 61 -3.30 -20.24 7.22
N HIS C 62 -3.05 -21.53 7.03
CA HIS C 62 -2.16 -22.25 7.92
C HIS C 62 -1.38 -23.30 7.15
N GLN C 63 -0.08 -23.31 7.34
CA GLN C 63 0.76 -24.38 6.84
C GLN C 63 0.23 -25.74 7.28
N TYR C 64 -0.27 -25.84 8.51
CA TYR C 64 -0.66 -27.17 8.96
C TYR C 64 -1.80 -27.74 8.11
N ASN C 65 -2.58 -26.87 7.45
CA ASN C 65 -3.60 -27.38 6.49
C ASN C 65 -3.02 -28.03 5.29
N LEU C 66 -2.00 -27.38 4.74
CA LEU C 66 -1.21 -27.92 3.66
C LEU C 66 -0.60 -29.23 4.12
N ASP C 67 -0.02 -29.25 5.34
CA ASP C 67 0.57 -30.45 5.85
C ASP C 67 -0.45 -31.57 5.95
N GLU C 68 -1.67 -31.25 6.38
CA GLU C 68 -2.71 -32.29 6.46
C GLU C 68 -3.04 -32.83 5.06
N VAL C 69 -3.23 -31.93 4.08
CA VAL C 69 -3.55 -32.43 2.73
C VAL C 69 -2.48 -33.40 2.26
N LYS C 70 -1.23 -33.10 2.57
CA LYS C 70 -0.14 -33.90 2.05
C LYS C 70 -0.19 -35.35 2.54
N THR C 71 -0.60 -35.56 3.80
CA THR C 71 -0.69 -36.87 4.37
C THR C 71 -1.98 -37.54 3.90
N LEU C 72 -2.83 -36.84 3.14
CA LEU C 72 -4.04 -37.48 2.61
C LEU C 72 -3.97 -37.88 1.13
N VAL C 73 -2.93 -37.43 0.42
CA VAL C 73 -2.77 -37.73 -1.00
C VAL C 73 -1.49 -38.54 -1.19
N SER C 74 -1.33 -39.14 -2.35
CA SER C 74 -0.08 -39.86 -2.64
C SER C 74 1.08 -38.88 -2.89
N THR C 75 2.28 -39.45 -2.89
CA THR C 75 3.49 -38.70 -3.23
C THR C 75 3.41 -38.10 -4.65
N GLU C 76 2.95 -38.92 -5.61
CA GLU C 76 2.85 -38.48 -7.01
C GLU C 76 1.80 -37.40 -7.19
N GLN C 77 0.70 -37.47 -6.40
CA GLN C 77 -0.35 -36.46 -6.49
C GLN C 77 0.11 -35.13 -5.90
N TRP C 78 0.83 -35.22 -4.77
CA TRP C 78 1.41 -34.03 -4.12
C TRP C 78 2.55 -33.42 -4.98
N SER C 79 3.26 -34.24 -5.77
CA SER C 79 4.29 -33.74 -6.71
C SER C 79 3.70 -32.82 -7.77
N ARG C 80 2.39 -32.86 -7.94
CA ARG C 80 1.69 -31.98 -8.92
C ARG C 80 1.16 -30.68 -8.30
N PHE C 81 1.43 -30.51 -7.03
CA PHE C 81 1.07 -29.29 -6.31
C PHE C 81 2.26 -28.33 -6.35
N CYS C 82 2.15 -27.23 -7.07
CA CYS C 82 3.14 -26.18 -6.89
C CYS C 82 2.60 -25.05 -6.00
N PHE C 83 3.16 -24.97 -4.78
CA PHE C 83 2.83 -23.93 -3.79
C PHE C 83 3.73 -22.73 -3.87
N ILE C 84 3.13 -21.55 -3.95
CA ILE C 84 3.89 -20.28 -4.01
C ILE C 84 3.40 -19.52 -2.81
N GLU C 85 4.30 -19.16 -1.92
CA GLU C 85 3.95 -18.26 -0.81
C GLU C 85 4.03 -16.85 -1.32
N GLY C 86 2.92 -16.11 -1.27
CA GLY C 86 2.90 -14.78 -1.90
C GLY C 86 1.54 -14.13 -1.67
N ASP C 87 1.40 -12.92 -2.17
CA ASP C 87 0.23 -12.11 -1.85
C ASP C 87 -0.45 -11.64 -3.13
N ILE C 88 -1.76 -11.85 -3.22
CA ILE C 88 -2.56 -11.37 -4.34
C ILE C 88 -2.59 -9.83 -4.46
N ARG C 89 -2.09 -9.10 -3.46
CA ARG C 89 -2.07 -7.65 -3.60
C ARG C 89 -0.93 -7.21 -4.56
N ASP C 90 -0.01 -8.14 -4.84
CA ASP C 90 1.07 -7.86 -5.77
C ASP C 90 0.79 -8.40 -7.18
N LEU C 91 0.61 -7.48 -8.15
CA LEU C 91 0.18 -7.87 -9.52
C LEU C 91 1.18 -8.81 -10.25
N THR C 92 2.48 -8.53 -10.14
CA THR C 92 3.51 -9.40 -10.65
C THR C 92 3.34 -10.88 -10.21
N THR C 93 3.15 -11.09 -8.90
CA THR C 93 2.95 -12.43 -8.36
C THR C 93 1.71 -13.06 -9.03
N CYS C 94 0.64 -12.26 -9.16
CA CYS C 94 -0.60 -12.75 -9.77
C CYS C 94 -0.36 -13.28 -11.20
N GLU C 95 0.42 -12.54 -11.96
CA GLU C 95 0.73 -12.88 -13.32
C GLU C 95 1.65 -14.15 -13.39
N GLN C 96 2.65 -14.26 -12.50
CA GLN C 96 3.49 -15.46 -12.48
C GLN C 96 2.67 -16.72 -12.23
N VAL C 97 1.78 -16.73 -11.19
CA VAL C 97 1.08 -17.98 -10.80
C VAL C 97 0.01 -18.34 -11.82
N MET C 98 -0.25 -17.43 -12.71
CA MET C 98 -1.25 -17.60 -13.75
C MET C 98 -0.70 -18.35 -14.99
N LYS C 99 0.62 -18.49 -15.10
CA LYS C 99 1.21 -19.07 -16.28
C LYS C 99 0.72 -20.52 -16.43
N GLY C 100 0.07 -20.81 -17.56
CA GLY C 100 -0.27 -22.19 -17.94
C GLY C 100 -1.59 -22.65 -17.34
N VAL C 101 -2.24 -21.77 -16.59
CA VAL C 101 -3.41 -22.15 -15.85
C VAL C 101 -4.63 -22.21 -16.72
N ASP C 102 -5.44 -23.27 -16.50
CA ASP C 102 -6.71 -23.47 -17.20
C ASP C 102 -7.89 -22.86 -16.43
N HIS C 103 -7.97 -23.19 -15.13
CA HIS C 103 -9.10 -22.85 -14.30
C HIS C 103 -8.70 -22.10 -13.03
N VAL C 104 -9.30 -20.94 -12.80
CA VAL C 104 -8.94 -20.17 -11.59
C VAL C 104 -10.01 -20.40 -10.52
N LEU C 105 -9.59 -20.78 -9.32
CA LEU C 105 -10.53 -20.89 -8.21
C LEU C 105 -10.05 -19.85 -7.21
N HIS C 106 -10.69 -18.68 -7.17
CA HIS C 106 -10.13 -17.65 -6.33
C HIS C 106 -10.88 -17.58 -4.99
N GLN C 107 -10.20 -17.96 -3.91
CA GLN C 107 -10.77 -18.02 -2.59
C GLN C 107 -10.06 -17.09 -1.62
N ALA C 108 -8.92 -16.51 -2.01
CA ALA C 108 -8.15 -15.65 -1.14
C ALA C 108 -8.87 -14.29 -0.83
N ALA C 109 -9.14 -14.06 0.45
CA ALA C 109 -9.85 -12.85 0.88
C ALA C 109 -9.71 -12.83 2.36
N LEU C 110 -10.02 -11.69 2.96
CA LEU C 110 -10.17 -11.59 4.40
C LEU C 110 -11.67 -11.55 4.70
N GLY C 111 -12.21 -12.66 5.20
CA GLY C 111 -13.64 -12.76 5.56
C GLY C 111 -13.87 -12.06 6.88
N SER C 112 -15.03 -12.25 7.48
CA SER C 112 -15.33 -11.56 8.72
C SER C 112 -15.75 -10.07 8.66
N VAL C 113 -17.03 -9.89 8.98
CA VAL C 113 -17.61 -8.60 9.08
C VAL C 113 -16.95 -7.72 10.17
N PRO C 114 -16.72 -8.26 11.40
CA PRO C 114 -16.16 -7.44 12.46
C PRO C 114 -14.72 -6.99 12.16
N ARG C 115 -13.94 -7.89 11.58
CA ARG C 115 -12.62 -7.53 11.07
C ARG C 115 -12.67 -6.25 10.18
N SER C 116 -13.65 -6.23 9.27
CA SER C 116 -13.73 -5.22 8.23
C SER C 116 -14.15 -3.90 8.88
N ILE C 117 -14.89 -3.96 9.99
CA ILE C 117 -15.29 -2.74 10.76
C ILE C 117 -14.13 -2.13 11.54
N VAL C 118 -13.25 -2.96 12.08
CA VAL C 118 -12.12 -2.45 12.86
C VAL C 118 -11.06 -1.94 11.91
N ASP C 119 -10.88 -2.64 10.81
CA ASP C 119 -9.86 -2.29 9.86
C ASP C 119 -10.39 -2.45 8.42
N PRO C 120 -11.15 -1.46 7.94
CA PRO C 120 -11.61 -1.55 6.58
C PRO C 120 -10.47 -1.42 5.55
N ILE C 121 -9.37 -0.74 5.86
CA ILE C 121 -8.26 -0.55 4.88
C ILE C 121 -7.71 -1.87 4.43
N THR C 122 -7.44 -2.73 5.41
CA THR C 122 -6.78 -4.00 5.10
C THR C 122 -7.74 -4.95 4.38
N THR C 123 -9.00 -4.92 4.79
CA THR C 123 -9.99 -5.73 4.13
C THR C 123 -10.18 -5.25 2.65
N ASN C 124 -10.16 -3.95 2.44
CA ASN C 124 -10.28 -3.43 1.07
C ASN C 124 -9.12 -3.89 0.18
N ALA C 125 -7.90 -3.76 0.67
CA ALA C 125 -6.73 -4.03 -0.16
C ALA C 125 -6.67 -5.49 -0.62
N THR C 126 -6.98 -6.44 0.27
CA THR C 126 -6.99 -7.84 -0.12
C THR C 126 -8.25 -8.20 -0.91
N ASN C 127 -9.41 -7.73 -0.45
CA ASN C 127 -10.61 -8.18 -1.09
C ASN C 127 -10.98 -7.44 -2.42
N ILE C 128 -10.65 -6.16 -2.54
CA ILE C 128 -10.86 -5.44 -3.81
C ILE C 128 -9.62 -5.41 -4.66
N THR C 129 -8.55 -4.74 -4.21
CA THR C 129 -7.24 -4.74 -4.94
C THR C 129 -6.71 -6.11 -5.32
N GLY C 130 -6.65 -7.03 -4.36
CA GLY C 130 -6.10 -8.35 -4.64
C GLY C 130 -7.04 -9.09 -5.56
N PHE C 131 -8.35 -8.90 -5.36
CA PHE C 131 -9.32 -9.58 -6.26
C PHE C 131 -9.15 -9.08 -7.71
N LEU C 132 -9.03 -7.77 -7.89
CA LEU C 132 -8.83 -7.20 -9.22
C LEU C 132 -7.54 -7.70 -9.90
N ASN C 133 -6.47 -7.85 -9.11
CA ASN C 133 -5.21 -8.32 -9.60
C ASN C 133 -5.37 -9.72 -10.23
N ILE C 134 -6.05 -10.59 -9.50
CA ILE C 134 -6.25 -11.95 -9.97
C ILE C 134 -7.18 -11.93 -11.18
N LEU C 135 -8.30 -11.20 -11.10
CA LEU C 135 -9.20 -11.12 -12.25
C LEU C 135 -8.47 -10.60 -13.52
N HIS C 136 -7.64 -9.58 -13.37
CA HIS C 136 -6.95 -8.98 -14.52
C HIS C 136 -5.81 -9.85 -15.07
N ALA C 137 -4.97 -10.39 -14.19
CA ALA C 137 -4.02 -11.47 -14.62
C ALA C 137 -4.72 -12.60 -15.40
N ALA C 138 -5.84 -13.11 -14.87
CA ALA C 138 -6.50 -14.22 -15.51
C ALA C 138 -7.00 -13.84 -16.89
N LYS C 139 -7.45 -12.60 -17.03
CA LYS C 139 -8.05 -12.14 -18.27
C LYS C 139 -6.90 -12.05 -19.25
N ASN C 140 -5.77 -11.49 -18.81
CA ASN C 140 -4.58 -11.35 -19.71
C ASN C 140 -3.97 -12.67 -20.15
N ALA C 141 -4.06 -13.67 -19.30
CA ALA C 141 -3.52 -14.95 -19.56
C ALA C 141 -4.51 -15.81 -20.32
N GLN C 142 -5.73 -15.34 -20.48
CA GLN C 142 -6.78 -16.06 -21.21
C GLN C 142 -7.07 -17.48 -20.70
N VAL C 143 -7.32 -17.59 -19.39
CA VAL C 143 -7.60 -18.90 -18.78
C VAL C 143 -8.94 -19.43 -19.31
N GLN C 144 -9.20 -20.72 -19.20
CA GLN C 144 -10.51 -21.27 -19.67
C GLN C 144 -11.70 -20.87 -18.80
N SER C 145 -11.47 -20.72 -17.52
CA SER C 145 -12.57 -20.38 -16.63
C SER C 145 -12.03 -19.62 -15.45
N PHE C 146 -12.95 -18.92 -14.77
CA PHE C 146 -12.62 -18.16 -13.61
C PHE C 146 -13.83 -18.18 -12.66
N THR C 147 -13.66 -18.61 -11.41
CA THR C 147 -14.74 -18.75 -10.46
C THR C 147 -14.23 -18.15 -9.13
N TYR C 148 -14.99 -17.29 -8.50
CA TYR C 148 -14.46 -16.64 -7.31
C TYR C 148 -15.45 -16.73 -6.18
N ALA C 149 -14.92 -16.63 -4.96
CA ALA C 149 -15.73 -16.71 -3.78
C ALA C 149 -16.42 -15.39 -3.59
N ALA C 150 -17.77 -15.41 -3.66
CA ALA C 150 -18.59 -14.26 -3.35
C ALA C 150 -19.27 -14.45 -1.98
N SER C 151 -20.28 -13.70 -1.69
CA SER C 151 -20.77 -13.78 -0.32
C SER C 151 -22.21 -13.45 -0.24
N SER C 152 -22.94 -14.21 0.60
CA SER C 152 -24.30 -13.93 0.92
C SER C 152 -24.43 -12.61 1.58
N SER C 153 -23.35 -11.99 2.05
CA SER C 153 -23.57 -10.62 2.65
C SER C 153 -23.89 -9.62 1.56
N THR C 154 -23.74 -10.03 0.32
CA THR C 154 -24.15 -9.13 -0.76
C THR C 154 -25.65 -8.85 -0.77
N TYR C 155 -26.46 -9.73 -0.15
CA TYR C 155 -27.89 -9.41 0.04
C TYR C 155 -28.18 -8.14 0.81
N GLY C 156 -27.28 -7.74 1.70
CA GLY C 156 -27.43 -6.47 2.41
C GLY C 156 -28.72 -6.43 3.18
N ASP C 157 -29.45 -5.31 3.05
CA ASP C 157 -30.67 -5.11 3.81
C ASP C 157 -31.92 -5.58 3.04
N HIS C 158 -31.75 -6.34 1.95
CA HIS C 158 -32.90 -6.76 1.15
C HIS C 158 -33.82 -7.73 1.96
N PRO C 159 -35.09 -7.40 2.10
CA PRO C 159 -35.92 -8.25 2.96
C PRO C 159 -36.34 -9.63 2.41
N ALA C 160 -36.03 -9.98 1.14
CA ALA C 160 -36.56 -11.26 0.61
C ALA C 160 -35.95 -12.44 1.32
N LEU C 161 -36.71 -13.52 1.49
CA LEU C 161 -36.20 -14.73 2.09
C LEU C 161 -37.12 -15.83 1.59
N PRO C 162 -36.59 -16.89 0.91
CA PRO C 162 -35.19 -17.14 0.62
C PRO C 162 -34.58 -16.04 -0.28
N LYS C 163 -33.26 -15.99 -0.28
CA LYS C 163 -32.50 -14.98 -1.03
C LYS C 163 -32.37 -15.48 -2.51
N VAL C 164 -32.77 -14.65 -3.45
CA VAL C 164 -32.69 -15.04 -4.87
C VAL C 164 -31.65 -14.11 -5.54
N GLU C 165 -30.79 -14.64 -6.42
CA GLU C 165 -29.62 -13.90 -6.89
C GLU C 165 -29.82 -12.46 -7.44
N GLU C 166 -30.90 -12.26 -8.21
CA GLU C 166 -31.19 -10.94 -8.84
C GLU C 166 -31.55 -9.82 -7.86
N ASN C 167 -32.01 -10.17 -6.66
CA ASN C 167 -32.54 -9.15 -5.71
C ASN C 167 -31.64 -8.97 -4.51
N ILE C 168 -30.87 -7.88 -4.53
CA ILE C 168 -29.98 -7.53 -3.46
C ILE C 168 -30.31 -6.14 -2.93
N GLY C 169 -29.78 -5.80 -1.76
CA GLY C 169 -30.05 -4.49 -1.18
C GLY C 169 -28.75 -3.75 -0.92
N ASN C 170 -28.79 -2.90 0.09
CA ASN C 170 -27.60 -2.17 0.46
C ASN C 170 -26.69 -3.04 1.32
N PRO C 171 -25.34 -2.92 1.10
CA PRO C 171 -24.38 -3.65 1.91
C PRO C 171 -24.29 -3.04 3.33
N LEU C 172 -24.01 -3.87 4.32
CA LEU C 172 -24.17 -3.40 5.66
C LEU C 172 -22.86 -3.25 6.38
N SER C 173 -21.75 -3.58 5.72
CA SER C 173 -20.43 -3.48 6.36
C SER C 173 -19.34 -3.31 5.28
N PRO C 174 -18.13 -2.87 5.67
CA PRO C 174 -17.02 -2.77 4.68
C PRO C 174 -16.73 -4.12 3.99
N TYR C 175 -16.71 -5.20 4.73
CA TYR C 175 -16.64 -6.51 4.08
C TYR C 175 -17.63 -6.68 2.92
N ALA C 176 -18.90 -6.37 3.19
CA ALA C 176 -19.96 -6.63 2.23
C ALA C 176 -19.72 -5.76 0.99
N VAL C 177 -19.26 -4.50 1.18
CA VAL C 177 -18.91 -3.68 0.04
C VAL C 177 -17.88 -4.45 -0.81
N THR C 178 -16.84 -5.00 -0.16
CA THR C 178 -15.78 -5.65 -0.92
C THR C 178 -16.29 -6.78 -1.83
N LYS C 179 -17.17 -7.64 -1.31
CA LYS C 179 -17.62 -8.83 -2.04
C LYS C 179 -18.58 -8.46 -3.12
N TYR C 180 -19.39 -7.41 -2.86
CA TYR C 180 -20.22 -6.86 -3.89
C TYR C 180 -19.39 -6.32 -5.08
N VAL C 181 -18.33 -5.57 -4.78
CA VAL C 181 -17.45 -4.98 -5.79
C VAL C 181 -16.79 -6.09 -6.62
N ASN C 182 -16.51 -7.23 -5.96
CA ASN C 182 -16.06 -8.39 -6.71
C ASN C 182 -16.98 -8.69 -7.86
N GLU C 183 -18.28 -8.80 -7.58
CA GLU C 183 -19.28 -9.13 -8.56
C GLU C 183 -19.38 -8.06 -9.67
N ILE C 184 -19.28 -6.79 -9.29
CA ILE C 184 -19.49 -5.69 -10.24
C ILE C 184 -18.29 -5.61 -11.18
N TYR C 185 -17.11 -5.79 -10.61
CA TYR C 185 -15.93 -5.89 -11.48
C TYR C 185 -15.96 -7.06 -12.49
N ALA C 186 -16.29 -8.27 -11.99
CA ALA C 186 -16.51 -9.47 -12.82
C ALA C 186 -17.48 -9.16 -13.99
N GLN C 187 -18.58 -8.51 -13.65
CA GLN C 187 -19.56 -8.07 -14.60
C GLN C 187 -18.99 -7.08 -15.62
N VAL C 188 -18.16 -6.14 -15.16
CA VAL C 188 -17.58 -5.16 -16.08
C VAL C 188 -16.53 -5.81 -17.01
N TYR C 189 -15.79 -6.77 -16.47
CA TYR C 189 -14.85 -7.50 -17.27
C TYR C 189 -15.54 -8.32 -18.39
N ALA C 190 -16.63 -9.01 -18.06
CA ALA C 190 -17.44 -9.64 -19.10
C ALA C 190 -17.74 -8.64 -20.21
N ARG C 191 -18.34 -7.52 -19.81
CA ARG C 191 -18.80 -6.51 -20.74
C ARG C 191 -17.64 -5.90 -21.54
N THR C 192 -16.52 -5.65 -20.89
CA THR C 192 -15.51 -4.83 -21.54
C THR C 192 -14.48 -5.67 -22.30
N TYR C 193 -14.11 -6.81 -21.74
CA TYR C 193 -13.09 -7.59 -22.37
C TYR C 193 -13.60 -8.94 -22.88
N GLY C 194 -14.89 -9.25 -22.62
CA GLY C 194 -15.51 -10.55 -22.91
C GLY C 194 -15.05 -11.71 -22.02
N PHE C 195 -14.59 -11.38 -20.83
CA PHE C 195 -14.03 -12.38 -20.00
C PHE C 195 -15.15 -12.72 -19.01
N LYS C 196 -15.73 -13.92 -19.14
CA LYS C 196 -16.92 -14.35 -18.38
C LYS C 196 -16.51 -15.19 -17.18
N THR C 197 -17.06 -14.87 -16.02
CA THR C 197 -16.63 -15.49 -14.77
C THR C 197 -17.90 -15.95 -14.06
N ILE C 198 -17.73 -16.73 -12.99
CA ILE C 198 -18.83 -17.18 -12.13
C ILE C 198 -18.47 -16.86 -10.69
N GLY C 199 -19.36 -16.11 -10.07
CA GLY C 199 -19.28 -15.78 -8.69
C GLY C 199 -20.24 -16.66 -7.93
N LEU C 200 -19.75 -17.12 -6.78
CA LEU C 200 -20.43 -18.02 -5.93
C LEU C 200 -20.69 -17.34 -4.56
N ARG C 201 -21.96 -16.97 -4.31
CA ARG C 201 -22.39 -16.41 -3.05
C ARG C 201 -22.52 -17.55 -2.02
N TYR C 202 -21.45 -17.77 -1.26
CA TYR C 202 -21.40 -18.76 -0.18
C TYR C 202 -22.31 -18.32 0.95
N PHE C 203 -23.00 -19.26 1.58
CA PHE C 203 -23.75 -19.06 2.80
C PHE C 203 -23.18 -19.99 3.91
N ASN C 204 -22.65 -19.43 5.00
CA ASN C 204 -22.29 -20.22 6.20
C ASN C 204 -21.70 -21.64 5.96
N VAL C 205 -20.55 -21.64 5.30
CA VAL C 205 -19.92 -22.87 4.91
C VAL C 205 -19.29 -23.44 6.19
N PHE C 206 -19.27 -24.75 6.35
CA PHE C 206 -18.57 -25.35 7.49
C PHE C 206 -18.01 -26.68 7.08
N GLY C 207 -17.11 -27.22 7.92
CA GLY C 207 -16.55 -28.54 7.71
C GLY C 207 -15.10 -28.59 8.15
N ARG C 208 -14.41 -29.68 7.83
CA ARG C 208 -13.05 -29.88 8.33
C ARG C 208 -12.10 -28.73 7.87
N ARG C 209 -11.17 -28.36 8.77
CA ARG C 209 -10.17 -27.31 8.54
C ARG C 209 -10.73 -25.87 8.60
N GLN C 210 -11.96 -25.68 9.08
CA GLN C 210 -12.39 -24.35 9.41
C GLN C 210 -11.84 -23.96 10.77
N ASP C 211 -11.13 -22.84 10.81
CA ASP C 211 -10.43 -22.46 12.03
C ASP C 211 -11.38 -22.21 13.21
N PRO C 212 -11.28 -23.01 14.31
CA PRO C 212 -12.06 -22.76 15.50
C PRO C 212 -11.48 -21.65 16.43
N ASN C 213 -10.28 -21.16 16.13
CA ASN C 213 -9.58 -20.18 16.96
C ASN C 213 -9.64 -18.72 16.46
N GLY C 214 -9.13 -17.79 17.29
CA GLY C 214 -9.12 -16.37 16.91
C GLY C 214 -10.44 -15.70 17.23
N ALA C 215 -10.45 -14.37 17.23
CA ALA C 215 -11.71 -13.64 17.46
C ALA C 215 -12.82 -13.85 16.39
N TYR C 216 -12.45 -14.10 15.12
CA TYR C 216 -13.48 -14.23 14.07
C TYR C 216 -14.01 -15.63 13.78
N ALA C 217 -13.98 -16.53 14.78
CA ALA C 217 -14.33 -17.90 14.44
C ALA C 217 -15.82 -17.95 14.10
N ALA C 218 -16.18 -18.72 13.06
CA ALA C 218 -17.57 -19.02 12.73
C ALA C 218 -18.27 -19.83 13.84
N VAL C 219 -19.58 -19.75 13.93
CA VAL C 219 -20.25 -20.38 15.06
C VAL C 219 -20.03 -21.94 15.21
N ILE C 220 -20.15 -22.68 14.10
CA ILE C 220 -20.03 -24.15 14.19
C ILE C 220 -18.68 -24.61 14.79
N PRO C 221 -17.55 -24.16 14.20
CA PRO C 221 -16.23 -24.46 14.78
C PRO C 221 -16.05 -23.94 16.23
N LYS C 222 -16.34 -22.67 16.46
CA LYS C 222 -16.37 -22.08 17.77
C LYS C 222 -17.15 -22.90 18.84
N TRP C 223 -18.34 -23.32 18.50
CA TRP C 223 -19.19 -24.00 19.49
C TRP C 223 -18.72 -25.42 19.72
N THR C 224 -18.13 -25.98 18.67
CA THR C 224 -17.64 -27.35 18.68
C THR C 224 -16.41 -27.41 19.60
N ALA C 225 -15.48 -26.48 19.35
CA ALA C 225 -14.33 -26.32 20.21
C ALA C 225 -14.76 -26.07 21.66
N ALA C 226 -15.66 -25.12 21.88
CA ALA C 226 -16.17 -24.87 23.22
C ALA C 226 -16.80 -26.11 23.90
N MET C 227 -17.60 -26.88 23.16
CA MET C 227 -18.15 -28.11 23.74
C MET C 227 -17.08 -29.10 24.12
N LEU C 228 -16.08 -29.26 23.26
CA LEU C 228 -14.99 -30.20 23.53
C LEU C 228 -14.08 -29.75 24.65
N LYS C 229 -14.01 -28.45 24.95
CA LYS C 229 -13.21 -27.99 26.10
C LYS C 229 -14.04 -27.89 27.37
N GLY C 230 -15.36 -27.93 27.21
CA GLY C 230 -16.30 -27.80 28.34
C GLY C 230 -16.50 -26.34 28.66
N ASP C 231 -16.13 -25.48 27.74
CA ASP C 231 -16.35 -24.03 27.85
C ASP C 231 -17.78 -23.62 27.54
N ASP C 232 -18.15 -22.43 28.01
CA ASP C 232 -19.46 -21.83 27.73
C ASP C 232 -19.72 -21.70 26.26
N VAL C 233 -20.84 -22.28 25.84
CA VAL C 233 -21.41 -22.05 24.52
C VAL C 233 -22.36 -20.83 24.65
N TYR C 234 -21.96 -19.71 24.07
CA TYR C 234 -22.80 -18.48 24.01
C TYR C 234 -23.76 -18.46 22.82
N ILE C 235 -25.04 -18.26 23.09
CA ILE C 235 -26.00 -17.98 22.02
C ILE C 235 -26.34 -16.45 22.06
N ASN C 236 -25.99 -15.73 21.00
CA ASN C 236 -26.32 -14.31 20.86
C ASN C 236 -27.80 -14.07 20.48
N GLY C 237 -28.64 -13.76 21.46
CA GLY C 237 -30.02 -13.48 21.17
C GLY C 237 -30.91 -14.49 21.86
N ASP C 238 -32.11 -14.70 21.33
CA ASP C 238 -33.02 -15.72 21.85
C ASP C 238 -32.71 -17.08 21.25
N GLY C 239 -31.87 -17.11 20.21
CA GLY C 239 -31.56 -18.37 19.57
C GLY C 239 -32.42 -18.77 18.37
N GLU C 240 -33.32 -17.90 17.96
CA GLU C 240 -34.25 -18.24 16.88
C GLU C 240 -33.72 -17.68 15.58
N THR C 241 -32.60 -16.98 15.64
CA THR C 241 -31.83 -16.60 14.49
C THR C 241 -31.46 -17.89 13.73
N SER C 242 -31.41 -17.80 12.39
CA SER C 242 -31.37 -18.97 11.51
C SER C 242 -30.47 -18.73 10.31
N ARG C 243 -29.79 -19.79 9.93
CA ARG C 243 -28.86 -19.79 8.82
C ARG C 243 -29.03 -21.02 7.96
N ASP C 244 -28.52 -20.87 6.72
CA ASP C 244 -28.51 -21.96 5.73
C ASP C 244 -27.07 -22.47 5.73
N PHE C 245 -26.73 -23.30 6.71
CA PHE C 245 -25.37 -23.79 6.81
C PHE C 245 -25.05 -24.79 5.73
N CYS C 246 -23.91 -24.60 5.07
CA CYS C 246 -23.59 -25.34 3.88
C CYS C 246 -22.30 -26.14 4.04
N TYR C 247 -22.43 -27.45 4.20
CA TYR C 247 -21.26 -28.32 4.32
C TYR C 247 -20.26 -28.10 3.17
N ILE C 248 -18.98 -28.19 3.50
CA ILE C 248 -17.89 -27.92 2.52
C ILE C 248 -17.97 -28.68 1.17
N ASP C 249 -18.30 -29.97 1.16
CA ASP C 249 -18.41 -30.70 -0.12
C ASP C 249 -19.41 -30.06 -1.13
N ASN C 250 -20.47 -29.42 -0.59
CA ASN C 250 -21.43 -28.72 -1.45
C ASN C 250 -20.70 -27.60 -2.17
N VAL C 251 -19.74 -26.98 -1.50
CA VAL C 251 -19.00 -25.84 -2.10
C VAL C 251 -18.00 -26.36 -3.09
N ILE C 252 -17.29 -27.44 -2.74
CA ILE C 252 -16.34 -28.09 -3.69
C ILE C 252 -17.05 -28.41 -5.00
N GLN C 253 -18.25 -29.00 -4.85
CA GLN C 253 -19.08 -29.34 -5.94
C GLN C 253 -19.40 -28.13 -6.83
N MET C 254 -19.80 -27.02 -6.23
CA MET C 254 -20.18 -25.85 -7.02
C MET C 254 -18.97 -25.26 -7.70
N ASN C 255 -17.84 -25.28 -7.01
CA ASN C 255 -16.58 -24.78 -7.67
C ASN C 255 -16.21 -25.54 -8.92
N ILE C 256 -16.24 -26.88 -8.85
CA ILE C 256 -15.85 -27.71 -9.99
C ILE C 256 -16.89 -27.55 -11.11
N LEU C 257 -18.19 -27.66 -10.76
CA LEU C 257 -19.26 -27.40 -11.76
C LEU C 257 -19.06 -26.04 -12.44
N SER C 258 -18.65 -25.02 -11.71
CA SER C 258 -18.50 -23.71 -12.34
C SER C 258 -17.29 -23.64 -13.25
N ALA C 259 -16.20 -24.30 -12.86
CA ALA C 259 -14.97 -24.21 -13.66
C ALA C 259 -15.26 -24.83 -15.02
N LEU C 260 -16.14 -25.81 -15.05
CA LEU C 260 -16.37 -26.55 -16.27
C LEU C 260 -17.70 -26.25 -16.97
N ALA C 261 -18.36 -25.16 -16.57
CA ALA C 261 -19.68 -24.72 -17.07
C ALA C 261 -19.59 -24.36 -18.53
N LYS C 262 -20.68 -24.56 -19.27
CA LYS C 262 -20.77 -24.05 -20.64
C LYS C 262 -20.78 -22.54 -20.58
N ASP C 263 -20.46 -21.95 -21.72
CA ASP C 263 -20.28 -20.53 -21.77
C ASP C 263 -21.53 -19.71 -21.35
N SER C 264 -22.72 -20.19 -21.70
CA SER C 264 -23.97 -19.53 -21.39
C SER C 264 -24.24 -19.47 -19.88
N ALA C 265 -23.61 -20.37 -19.12
CA ALA C 265 -23.80 -20.37 -17.70
C ALA C 265 -22.88 -19.35 -17.01
N LYS C 266 -21.91 -18.83 -17.76
CA LYS C 266 -20.94 -17.88 -17.18
C LYS C 266 -21.53 -16.51 -17.16
N ASP C 267 -20.71 -15.54 -16.68
CA ASP C 267 -21.15 -14.20 -16.33
C ASP C 267 -22.46 -14.28 -15.51
N ASN C 268 -22.44 -15.12 -14.45
CA ASN C 268 -23.60 -15.34 -13.58
C ASN C 268 -23.12 -15.45 -12.13
N ILE C 269 -24.02 -15.11 -11.22
CA ILE C 269 -23.82 -15.27 -9.78
C ILE C 269 -24.75 -16.42 -9.40
N TYR C 270 -24.24 -17.32 -8.54
CA TYR C 270 -25.03 -18.44 -7.98
C TYR C 270 -24.87 -18.52 -6.46
N ASN C 271 -25.99 -18.57 -5.76
CA ASN C 271 -26.00 -18.99 -4.39
C ASN C 271 -25.44 -20.42 -4.25
N VAL C 272 -24.63 -20.62 -3.22
CA VAL C 272 -24.15 -21.93 -2.87
C VAL C 272 -24.56 -22.15 -1.43
N ALA C 273 -25.49 -23.07 -1.22
CA ALA C 273 -26.07 -23.41 0.08
C ALA C 273 -26.94 -24.63 -0.13
N VAL C 274 -27.73 -25.01 0.86
CA VAL C 274 -28.66 -26.13 0.73
C VAL C 274 -30.10 -25.71 0.39
N GLY C 275 -30.49 -24.48 0.73
CA GLY C 275 -31.89 -24.12 0.74
C GLY C 275 -32.69 -24.32 2.04
N ASP C 276 -32.04 -24.73 3.14
CA ASP C 276 -32.68 -25.00 4.47
C ASP C 276 -32.31 -23.91 5.46
N ARG C 277 -33.08 -23.80 6.53
CA ARG C 277 -32.82 -22.87 7.64
C ARG C 277 -32.70 -23.67 8.93
N THR C 278 -31.66 -23.37 9.72
CA THR C 278 -31.49 -23.95 11.03
C THR C 278 -31.36 -22.83 12.05
N THR C 279 -32.08 -22.95 13.17
CA THR C 279 -31.93 -21.98 14.25
C THR C 279 -30.65 -22.26 15.06
N LEU C 280 -30.17 -21.23 15.70
CA LEU C 280 -29.12 -21.39 16.68
C LEU C 280 -29.56 -22.37 17.78
N ASN C 281 -30.82 -22.33 18.18
CA ASN C 281 -31.27 -23.30 19.18
C ASN C 281 -31.21 -24.73 18.68
N GLU C 282 -31.52 -24.92 17.40
CA GLU C 282 -31.43 -26.25 16.79
C GLU C 282 -29.98 -26.73 16.67
N LEU C 283 -29.13 -25.85 16.12
CA LEU C 283 -27.72 -26.10 15.90
C LEU C 283 -27.05 -26.60 17.18
N SER C 284 -27.21 -25.85 18.27
CA SER C 284 -26.59 -26.21 19.52
C SER C 284 -26.90 -27.65 19.86
N GLY C 285 -28.13 -28.09 19.64
CA GLY C 285 -28.52 -29.47 20.00
C GLY C 285 -27.92 -30.49 19.02
N TYR C 286 -27.86 -30.09 17.75
CA TYR C 286 -27.21 -30.89 16.69
C TYR C 286 -25.74 -31.17 16.94
N ILE C 287 -24.97 -30.11 17.18
CA ILE C 287 -23.55 -30.23 17.50
C ILE C 287 -23.39 -31.14 18.69
N TYR C 288 -24.08 -30.81 19.77
CA TYR C 288 -23.92 -31.57 21.01
C TYR C 288 -24.23 -33.04 20.80
N ASP C 289 -25.31 -33.30 20.07
CA ASP C 289 -25.76 -34.66 19.80
C ASP C 289 -24.72 -35.40 18.95
N GLU C 290 -24.11 -34.69 17.99
CA GLU C 290 -23.05 -35.34 17.18
C GLU C 290 -21.73 -35.59 17.91
N LEU C 291 -21.29 -34.64 18.73
CA LEU C 291 -20.04 -34.74 19.48
C LEU C 291 -20.13 -35.86 20.46
N ASN C 292 -21.28 -35.97 21.09
CA ASN C 292 -21.47 -36.93 22.16
C ASN C 292 -21.70 -38.36 21.68
N LEU C 293 -21.83 -38.55 20.36
CA LEU C 293 -21.83 -39.92 19.84
C LEU C 293 -20.39 -40.41 19.68
N ILE C 294 -19.48 -39.46 19.51
CA ILE C 294 -18.08 -39.81 19.35
C ILE C 294 -17.17 -39.39 20.51
N HIS C 295 -17.68 -38.56 21.43
CA HIS C 295 -17.50 -38.77 22.89
C HIS C 295 -17.48 -37.47 23.71
N HIS C 296 -17.21 -37.60 25.03
CA HIS C 296 -16.75 -36.47 25.87
C HIS C 296 -17.91 -35.88 26.67
N ILE C 302 -24.22 -23.95 28.08
CA ILE C 302 -24.95 -22.99 27.23
C ILE C 302 -25.44 -21.77 27.98
N LYS C 303 -25.12 -20.60 27.43
CA LYS C 303 -25.73 -19.36 27.90
C LYS C 303 -26.20 -18.41 26.82
N TYR C 304 -27.28 -17.71 27.17
CA TYR C 304 -27.89 -16.68 26.38
C TYR C 304 -27.39 -15.29 26.79
N ARG C 305 -27.02 -14.51 25.78
CA ARG C 305 -26.60 -13.12 25.93
C ARG C 305 -27.25 -12.20 24.84
N GLU C 306 -26.77 -10.95 24.74
CA GLU C 306 -27.31 -9.98 23.77
C GLU C 306 -27.11 -10.47 22.34
N PHE C 307 -28.12 -10.25 21.49
CA PHE C 307 -27.93 -10.30 20.03
C PHE C 307 -26.66 -9.54 19.70
N ARG C 308 -25.88 -10.08 18.78
CA ARG C 308 -24.78 -9.32 18.20
C ARG C 308 -25.42 -8.10 17.52
N SER C 309 -24.67 -7.00 17.44
CA SER C 309 -25.22 -5.77 16.86
C SER C 309 -25.24 -5.92 15.34
N GLY C 310 -26.24 -5.32 14.66
CA GLY C 310 -26.35 -5.32 13.18
C GLY C 310 -26.33 -6.69 12.53
N ASP C 311 -26.90 -7.66 13.25
CA ASP C 311 -26.94 -9.07 12.89
C ASP C 311 -28.16 -9.32 12.04
N VAL C 312 -27.99 -10.14 11.01
CA VAL C 312 -29.13 -10.61 10.22
C VAL C 312 -29.90 -11.68 10.96
N ARG C 313 -31.20 -11.55 10.94
CA ARG C 313 -32.05 -12.41 11.78
C ARG C 313 -32.18 -13.82 11.15
N HIS C 314 -32.37 -13.86 9.85
CA HIS C 314 -32.73 -15.08 9.17
C HIS C 314 -32.12 -15.02 7.83
N SER C 315 -31.59 -16.16 7.40
CA SER C 315 -30.89 -16.26 6.14
C SER C 315 -31.10 -17.69 5.62
N GLN C 316 -31.35 -17.76 4.31
CA GLN C 316 -31.74 -18.98 3.59
C GLN C 316 -31.58 -18.67 2.11
N ALA C 317 -30.91 -19.57 1.39
CA ALA C 317 -30.65 -19.38 -0.05
C ALA C 317 -31.74 -20.06 -0.88
N ASP C 318 -32.08 -19.46 -2.01
CA ASP C 318 -32.81 -20.18 -3.05
C ASP C 318 -31.67 -20.71 -3.95
N VAL C 319 -31.54 -22.03 -4.11
CA VAL C 319 -30.43 -22.53 -4.96
C VAL C 319 -30.98 -23.10 -6.29
N THR C 320 -32.24 -22.76 -6.58
CA THR C 320 -32.89 -23.15 -7.83
C THR C 320 -32.02 -22.85 -9.11
N LYS C 321 -31.38 -21.68 -9.14
CA LYS C 321 -30.58 -21.32 -10.30
C LYS C 321 -29.38 -22.27 -10.47
N ALA C 322 -28.68 -22.57 -9.38
CA ALA C 322 -27.57 -23.50 -9.48
C ALA C 322 -28.03 -24.91 -9.93
N ILE C 323 -29.15 -25.37 -9.40
CA ILE C 323 -29.70 -26.66 -9.71
C ILE C 323 -30.02 -26.73 -11.19
N ASP C 324 -30.71 -25.67 -11.69
CA ASP C 324 -31.20 -25.61 -13.07
C ASP C 324 -30.09 -25.38 -14.09
N LEU C 325 -29.20 -24.44 -13.83
CA LEU C 325 -28.20 -24.12 -14.84
C LEU C 325 -26.86 -24.88 -14.65
N LEU C 326 -26.51 -25.29 -13.43
CA LEU C 326 -25.23 -25.97 -13.30
C LEU C 326 -25.40 -27.44 -12.99
N LYS C 327 -26.65 -27.85 -12.80
CA LYS C 327 -27.02 -29.18 -12.35
C LYS C 327 -26.46 -29.49 -10.96
N TYR C 328 -26.36 -28.47 -10.11
CA TYR C 328 -26.03 -28.65 -8.68
C TYR C 328 -26.98 -29.62 -7.96
N ARG C 329 -26.48 -30.49 -7.10
CA ARG C 329 -27.29 -31.24 -6.18
C ARG C 329 -26.77 -30.93 -4.78
N PRO C 330 -27.54 -30.17 -4.00
CA PRO C 330 -27.19 -29.88 -2.58
C PRO C 330 -27.46 -31.12 -1.73
N ASN C 331 -26.62 -32.14 -1.80
CA ASN C 331 -27.03 -33.38 -1.23
C ASN C 331 -26.58 -33.58 0.21
N ILE C 332 -25.63 -32.77 0.67
CA ILE C 332 -25.25 -32.81 2.09
C ILE C 332 -25.89 -31.72 2.93
N LYS C 333 -26.87 -32.18 3.67
CA LYS C 333 -27.57 -31.35 4.65
C LYS C 333 -26.81 -31.22 6.02
N ILE C 334 -27.29 -30.30 6.86
CA ILE C 334 -26.56 -29.92 8.07
C ILE C 334 -26.24 -31.07 9.02
N ARG C 335 -27.18 -31.95 9.32
CA ARG C 335 -26.86 -33.04 10.29
C ARG C 335 -25.81 -34.00 9.73
N GLU C 336 -25.97 -34.42 8.48
CA GLU C 336 -24.91 -35.19 7.84
C GLU C 336 -23.55 -34.43 7.87
N GLY C 337 -23.56 -33.16 7.51
CA GLY C 337 -22.35 -32.37 7.54
C GLY C 337 -21.70 -32.35 8.92
N LEU C 338 -22.49 -32.22 9.97
CA LEU C 338 -21.88 -32.16 11.28
C LEU C 338 -21.32 -33.51 11.58
N ARG C 339 -22.06 -34.55 11.23
CA ARG C 339 -21.59 -35.91 11.48
C ARG C 339 -20.20 -36.08 10.85
N LEU C 340 -20.04 -35.60 9.63
CA LEU C 340 -18.78 -35.77 8.91
C LEU C 340 -17.67 -34.86 9.44
N SER C 341 -18.01 -33.69 9.95
CA SER C 341 -17.01 -32.70 10.41
C SER C 341 -16.51 -32.96 11.81
N MET C 342 -17.33 -33.59 12.67
CA MET C 342 -17.04 -33.62 14.09
C MET C 342 -15.73 -34.35 14.44
N PRO C 343 -15.46 -35.54 13.80
CA PRO C 343 -14.21 -36.27 14.09
C PRO C 343 -12.94 -35.47 13.77
N TRP C 344 -12.98 -34.54 12.83
CA TRP C 344 -11.80 -33.74 12.54
C TRP C 344 -11.52 -32.77 13.68
N TYR C 345 -12.58 -32.19 14.23
CA TYR C 345 -12.49 -31.35 15.42
C TYR C 345 -11.99 -32.13 16.63
N VAL C 346 -12.46 -33.36 16.80
CA VAL C 346 -12.07 -34.17 17.97
C VAL C 346 -10.54 -34.41 17.95
N ARG C 347 -10.03 -34.87 16.80
CA ARG C 347 -8.58 -35.05 16.57
C ARG C 347 -7.79 -33.72 16.72
N PHE C 348 -8.28 -32.65 16.07
CA PHE C 348 -7.55 -31.37 16.05
C PHE C 348 -7.38 -30.76 17.44
N LEU C 349 -8.41 -30.91 18.26
CA LEU C 349 -8.45 -30.33 19.60
C LEU C 349 -7.78 -31.21 20.67
N LYS C 350 -7.62 -32.50 20.37
CA LYS C 350 -6.99 -33.45 21.28
C LYS C 350 -5.60 -33.82 20.78
N TYR D 10 14.99 -2.51 8.82
CA TYR D 10 14.04 -3.66 8.93
C TYR D 10 14.15 -4.36 10.28
N MET D 11 12.97 -4.59 10.88
CA MET D 11 12.74 -5.51 12.01
C MET D 11 11.95 -6.71 11.46
N SER D 12 12.61 -7.63 10.79
CA SER D 12 11.90 -8.44 9.86
C SER D 12 11.06 -9.60 10.28
N ARG D 13 11.53 -10.45 11.19
CA ARG D 13 10.62 -11.39 11.79
C ARG D 13 9.59 -10.63 12.59
N TYR D 14 9.98 -9.51 13.15
CA TYR D 14 9.06 -8.61 13.81
C TYR D 14 7.99 -8.06 12.84
N GLU D 15 8.40 -7.63 11.66
CA GLU D 15 7.48 -7.17 10.63
C GLU D 15 6.48 -8.27 10.23
N GLU D 16 6.97 -9.48 10.10
CA GLU D 16 6.14 -10.60 9.66
C GLU D 16 5.10 -10.92 10.71
N ILE D 17 5.50 -10.90 11.97
CA ILE D 17 4.54 -11.14 13.01
C ILE D 17 3.52 -10.01 13.12
N THR D 18 3.92 -8.75 13.03
CA THR D 18 2.92 -7.69 13.20
C THR D 18 1.86 -7.73 12.05
N GLN D 19 2.32 -7.99 10.82
CA GLN D 19 1.42 -8.26 9.71
C GLN D 19 0.49 -9.38 10.05
N GLN D 20 1.00 -10.49 10.61
CA GLN D 20 0.13 -11.61 10.94
C GLN D 20 -0.91 -11.19 11.95
N LEU D 21 -0.47 -10.59 13.05
CA LEU D 21 -1.41 -9.99 14.01
C LEU D 21 -2.51 -9.11 13.36
N ILE D 22 -2.13 -8.25 12.41
CA ILE D 22 -3.08 -7.40 11.70
C ILE D 22 -4.17 -8.23 11.05
N PHE D 23 -3.77 -9.37 10.46
CA PHE D 23 -4.69 -10.26 9.74
C PHE D 23 -5.47 -11.19 10.65
N SER D 24 -4.94 -11.54 11.79
CA SER D 24 -5.54 -12.54 12.65
C SER D 24 -5.41 -12.14 14.10
N PRO D 25 -6.33 -11.31 14.58
CA PRO D 25 -6.14 -10.78 15.94
C PRO D 25 -6.31 -11.81 17.05
N LYS D 26 -5.71 -11.49 18.19
CA LYS D 26 -5.60 -12.35 19.35
C LYS D 26 -6.05 -11.51 20.51
N THR D 27 -6.22 -12.17 21.66
CA THR D 27 -6.55 -11.48 22.92
C THR D 27 -5.35 -11.41 23.85
N TRP D 28 -5.04 -10.20 24.31
CA TRP D 28 -3.85 -10.01 25.11
C TRP D 28 -4.24 -9.50 26.41
N LEU D 29 -3.50 -9.91 27.43
CA LEU D 29 -3.61 -9.29 28.75
C LEU D 29 -2.36 -8.39 29.03
N ILE D 30 -2.60 -7.12 29.27
CA ILE D 30 -1.53 -6.27 29.68
C ILE D 30 -1.76 -5.85 31.10
N THR D 31 -0.99 -6.36 32.05
CA THR D 31 -1.01 -5.81 33.39
C THR D 31 -0.06 -4.61 33.45
N GLY D 32 -0.41 -3.58 34.21
CA GLY D 32 0.51 -2.42 34.33
C GLY D 32 0.33 -1.58 33.08
N VAL D 33 -0.86 -1.70 32.51
CA VAL D 33 -1.24 -1.10 31.21
C VAL D 33 -1.30 0.43 31.27
N ALA D 34 -1.52 0.99 32.48
CA ALA D 34 -1.63 2.46 32.65
C ALA D 34 -0.24 3.04 32.86
N GLY D 35 0.79 2.18 32.87
CA GLY D 35 2.17 2.58 33.14
C GLY D 35 2.93 2.99 31.89
N PHE D 36 4.23 3.23 32.06
CA PHE D 36 5.13 3.58 30.97
C PHE D 36 5.19 2.47 29.89
N ILE D 37 5.76 1.32 30.20
CA ILE D 37 5.83 0.23 29.22
C ILE D 37 4.43 -0.34 28.84
N GLY D 38 3.58 -0.59 29.82
CA GLY D 38 2.19 -1.05 29.52
C GLY D 38 1.39 -0.23 28.52
N SER D 39 1.37 1.10 28.66
CA SER D 39 0.59 1.95 27.77
C SER D 39 1.19 2.02 26.39
N ASN D 40 2.52 1.92 26.29
CA ASN D 40 3.17 1.79 24.96
C ASN D 40 2.81 0.44 24.31
N LEU D 41 2.75 -0.63 25.09
CA LEU D 41 2.26 -1.92 24.55
C LEU D 41 0.76 -1.82 24.14
N LEU D 42 -0.05 -1.15 24.94
CA LEU D 42 -1.45 -0.95 24.61
C LEU D 42 -1.55 -0.22 23.28
N GLU D 43 -0.77 0.85 23.12
CA GLU D 43 -0.86 1.64 21.87
C GLU D 43 -0.55 0.81 20.61
N LYS D 44 0.56 0.09 20.63
CA LYS D 44 0.93 -0.80 19.57
C LYS D 44 -0.10 -1.91 19.33
N LEU D 45 -0.53 -2.61 20.38
CA LEU D 45 -1.51 -3.70 20.17
C LEU D 45 -2.89 -3.21 19.61
N LEU D 46 -3.31 -2.02 20.02
CA LEU D 46 -4.59 -1.49 19.54
C LEU D 46 -4.46 -1.10 18.08
N LYS D 47 -3.29 -0.60 17.68
CA LYS D 47 -3.06 -0.20 16.30
C LYS D 47 -2.89 -1.37 15.37
N LEU D 48 -2.55 -2.51 15.95
CA LEU D 48 -2.52 -3.76 15.21
C LEU D 48 -3.91 -4.40 15.26
N ASN D 49 -4.90 -3.62 15.69
CA ASN D 49 -6.28 -4.11 15.87
C ASN D 49 -6.48 -5.32 16.80
N GLN D 50 -5.64 -5.46 17.82
CA GLN D 50 -5.79 -6.59 18.73
C GLN D 50 -6.93 -6.35 19.74
N VAL D 51 -7.36 -7.43 20.43
CA VAL D 51 -8.26 -7.26 21.59
C VAL D 51 -7.34 -7.26 22.77
N VAL D 52 -7.48 -6.24 23.61
CA VAL D 52 -6.64 -6.08 24.80
C VAL D 52 -7.45 -6.00 26.09
N ILE D 53 -7.12 -6.86 27.05
CA ILE D 53 -7.61 -6.74 28.42
C ILE D 53 -6.51 -6.11 29.21
N GLY D 54 -6.85 -5.03 29.93
CA GLY D 54 -5.85 -4.24 30.67
C GLY D 54 -6.12 -4.32 32.16
N LEU D 55 -5.09 -4.39 32.98
CA LEU D 55 -5.30 -4.39 34.43
C LEU D 55 -4.38 -3.38 35.01
N ASP D 56 -4.89 -2.50 35.88
CA ASP D 56 -4.00 -1.57 36.62
C ASP D 56 -4.72 -1.00 37.85
N ASN D 57 -3.96 -0.73 38.91
CA ASN D 57 -4.50 -0.09 40.15
C ASN D 57 -4.13 1.43 40.23
N PHE D 58 -3.54 1.96 39.18
CA PHE D 58 -3.08 3.35 39.15
C PHE D 58 -2.22 3.67 40.38
N SER D 59 -1.35 2.74 40.77
CA SER D 59 -0.43 2.94 41.90
C SER D 59 0.68 3.91 41.42
N THR D 60 1.26 3.62 40.26
CA THR D 60 2.35 4.42 39.70
C THR D 60 1.99 4.85 38.28
N GLY D 61 1.07 4.11 37.65
CA GLY D 61 0.51 4.49 36.36
C GLY D 61 -0.55 5.63 36.48
N HIS D 62 -1.08 6.02 35.32
CA HIS D 62 -1.87 7.22 35.24
C HIS D 62 -2.99 7.08 34.18
N GLN D 63 -4.18 7.45 34.59
CA GLN D 63 -5.30 7.59 33.69
C GLN D 63 -4.89 8.46 32.51
N TYR D 64 -4.14 9.54 32.72
CA TYR D 64 -3.79 10.35 31.57
C TYR D 64 -3.09 9.55 30.48
N ASN D 65 -2.40 8.47 30.85
CA ASN D 65 -1.73 7.63 29.84
C ASN D 65 -2.72 6.92 28.97
N LEU D 66 -3.76 6.38 29.60
CA LEU D 66 -4.85 5.79 28.84
C LEU D 66 -5.58 6.84 28.00
N ASP D 67 -5.74 8.05 28.53
CA ASP D 67 -6.46 9.08 27.79
C ASP D 67 -5.68 9.41 26.54
N GLU D 68 -4.37 9.45 26.65
CA GLU D 68 -3.50 9.68 25.52
C GLU D 68 -3.60 8.57 24.47
N VAL D 69 -3.48 7.30 24.89
CA VAL D 69 -3.56 6.23 23.89
C VAL D 69 -4.87 6.37 23.12
N LYS D 70 -5.92 6.76 23.82
CA LYS D 70 -7.22 6.87 23.22
C LYS D 70 -7.32 7.87 22.05
N THR D 71 -6.69 9.04 22.22
CA THR D 71 -6.69 10.04 21.19
C THR D 71 -5.74 9.62 20.07
N LEU D 72 -4.99 8.51 20.25
CA LEU D 72 -4.08 8.03 19.20
C LEU D 72 -4.59 6.84 18.35
N VAL D 73 -5.70 6.21 18.77
CA VAL D 73 -6.29 5.09 18.04
C VAL D 73 -7.70 5.43 17.58
N SER D 74 -8.25 4.60 16.70
CA SER D 74 -9.59 4.84 16.23
C SER D 74 -10.56 4.44 17.33
N THR D 75 -11.80 4.89 17.17
CA THR D 75 -12.90 4.47 18.02
C THR D 75 -13.07 2.94 18.09
N GLU D 76 -13.11 2.30 16.92
CA GLU D 76 -13.25 0.86 16.79
C GLU D 76 -12.10 0.09 17.41
N GLN D 77 -10.86 0.59 17.25
CA GLN D 77 -9.72 0.00 17.94
C GLN D 77 -9.85 0.10 19.46
N TRP D 78 -10.22 1.29 19.95
CA TRP D 78 -10.40 1.53 21.39
C TRP D 78 -11.59 0.72 22.02
N SER D 79 -12.61 0.40 21.22
CA SER D 79 -13.71 -0.49 21.66
C SER D 79 -13.20 -1.91 21.84
N ARG D 80 -11.98 -2.18 21.41
CA ARG D 80 -11.40 -3.51 21.63
C ARG D 80 -10.53 -3.59 22.87
N PHE D 81 -10.46 -2.47 23.58
CA PHE D 81 -9.76 -2.34 24.85
C PHE D 81 -10.76 -2.52 26.01
N CYS D 82 -10.61 -3.60 26.76
CA CYS D 82 -11.40 -3.69 27.98
C CYS D 82 -10.46 -3.48 29.15
N PHE D 83 -10.63 -2.32 29.78
CA PHE D 83 -9.88 -1.89 30.96
C PHE D 83 -10.53 -2.26 32.30
N ILE D 84 -9.77 -2.86 33.19
CA ILE D 84 -10.29 -3.28 34.49
C ILE D 84 -9.39 -2.64 35.50
N GLU D 85 -9.98 -1.85 36.38
CA GLU D 85 -9.23 -1.22 37.48
C GLU D 85 -9.17 -2.19 38.61
N GLY D 86 -7.97 -2.68 38.92
CA GLY D 86 -7.85 -3.68 39.97
C GLY D 86 -6.39 -3.96 40.29
N ASP D 87 -6.18 -4.91 41.21
CA ASP D 87 -4.89 -5.16 41.77
C ASP D 87 -4.46 -6.63 41.59
N ILE D 88 -3.25 -6.84 41.08
CA ILE D 88 -2.69 -8.20 40.88
C ILE D 88 -2.43 -8.92 42.21
N ARG D 89 -2.46 -8.18 43.33
CA ARG D 89 -2.32 -8.86 44.60
C ARG D 89 -3.59 -9.68 44.95
N ASP D 90 -4.69 -9.44 44.21
CA ASP D 90 -5.93 -10.19 44.41
C ASP D 90 -6.11 -11.34 43.36
N LEU D 91 -5.98 -12.59 43.81
CA LEU D 91 -6.04 -13.77 42.90
C LEU D 91 -7.35 -13.88 42.06
N THR D 92 -8.49 -13.62 42.70
CA THR D 92 -9.76 -13.54 42.03
C THR D 92 -9.75 -12.61 40.80
N THR D 93 -9.23 -11.39 40.95
CA THR D 93 -9.17 -10.43 39.86
C THR D 93 -8.25 -10.99 38.76
N CYS D 94 -7.15 -11.63 39.16
CA CYS D 94 -6.21 -12.18 38.21
C CYS D 94 -6.90 -13.23 37.29
N GLU D 95 -7.71 -14.06 37.90
CA GLU D 95 -8.42 -15.14 37.25
C GLU D 95 -9.53 -14.61 36.32
N GLN D 96 -10.22 -13.56 36.74
CA GLN D 96 -11.22 -12.95 35.92
C GLN D 96 -10.60 -12.31 34.67
N VAL D 97 -9.50 -11.54 34.81
CA VAL D 97 -8.99 -10.82 33.64
C VAL D 97 -8.33 -11.76 32.66
N MET D 98 -8.13 -12.96 33.11
CA MET D 98 -7.44 -14.00 32.36
C MET D 98 -8.38 -14.77 31.39
N LYS D 99 -9.69 -14.66 31.58
CA LYS D 99 -10.61 -15.43 30.78
C LYS D 99 -10.47 -15.06 29.30
N GLY D 100 -10.31 -16.08 28.46
CA GLY D 100 -10.31 -15.85 26.99
C GLY D 100 -8.96 -15.29 26.49
N VAL D 101 -7.99 -15.11 27.39
CA VAL D 101 -6.75 -14.50 26.99
C VAL D 101 -5.84 -15.47 26.30
N ASP D 102 -5.17 -14.98 25.22
CA ASP D 102 -4.21 -15.80 24.49
C ASP D 102 -2.78 -15.51 24.98
N HIS D 103 -2.42 -14.23 25.02
CA HIS D 103 -1.06 -13.81 25.34
C HIS D 103 -0.99 -12.91 26.56
N VAL D 104 -0.13 -13.27 27.50
CA VAL D 104 0.05 -12.44 28.67
C VAL D 104 1.28 -11.58 28.57
N LEU D 105 1.12 -10.28 28.72
CA LEU D 105 2.27 -9.42 28.87
C LEU D 105 2.18 -8.83 30.30
N HIS D 106 2.92 -9.40 31.24
CA HIS D 106 2.85 -8.89 32.60
C HIS D 106 3.90 -7.81 32.83
N GLN D 107 3.47 -6.57 33.04
CA GLN D 107 4.35 -5.47 33.29
C GLN D 107 4.08 -4.83 34.65
N ALA D 108 2.98 -5.15 35.32
CA ALA D 108 2.66 -4.51 36.60
C ALA D 108 3.66 -4.91 37.73
N ALA D 109 4.29 -3.91 38.33
CA ALA D 109 5.24 -4.13 39.40
C ALA D 109 5.52 -2.76 39.95
N LEU D 110 6.10 -2.71 41.14
CA LEU D 110 6.70 -1.49 41.67
C LEU D 110 8.22 -1.48 41.42
N GLY D 111 8.67 -0.70 40.45
CA GLY D 111 10.10 -0.59 40.10
C GLY D 111 10.81 0.28 41.10
N SER D 112 12.04 0.65 40.82
CA SER D 112 12.76 1.46 41.80
C SER D 112 13.36 0.74 43.00
N VAL D 113 14.68 0.70 42.97
CA VAL D 113 15.49 0.30 44.07
C VAL D 113 15.27 1.07 45.38
N PRO D 114 15.27 2.43 45.35
CA PRO D 114 15.14 3.16 46.61
C PRO D 114 13.79 2.94 47.29
N ARG D 115 12.72 2.93 46.51
CA ARG D 115 11.42 2.53 46.96
C ARG D 115 11.48 1.22 47.77
N SER D 116 12.13 0.20 47.18
CA SER D 116 12.19 -1.15 47.78
C SER D 116 12.96 -1.10 49.10
N ILE D 117 13.95 -0.22 49.23
CA ILE D 117 14.75 -0.12 50.47
C ILE D 117 13.98 0.54 51.63
N VAL D 118 13.16 1.53 51.29
CA VAL D 118 12.38 2.22 52.28
C VAL D 118 11.21 1.32 52.65
N ASP D 119 10.62 0.68 51.67
CA ASP D 119 9.48 -0.15 51.96
C ASP D 119 9.57 -1.49 51.20
N PRO D 120 10.39 -2.42 51.71
CA PRO D 120 10.48 -3.73 51.05
C PRO D 120 9.11 -4.48 51.09
N ILE D 121 8.25 -4.21 52.07
CA ILE D 121 6.99 -5.00 52.27
C ILE D 121 6.09 -4.79 51.06
N THR D 122 5.89 -3.53 50.71
CA THR D 122 4.96 -3.20 49.67
C THR D 122 5.50 -3.68 48.34
N THR D 123 6.81 -3.55 48.17
CA THR D 123 7.49 -4.01 46.96
C THR D 123 7.40 -5.56 46.81
N ASN D 124 7.55 -6.26 47.93
CA ASN D 124 7.37 -7.69 47.91
C ASN D 124 5.95 -8.11 47.46
N ALA D 125 4.92 -7.53 48.10
CA ALA D 125 3.57 -7.98 47.84
C ALA D 125 3.16 -7.78 46.36
N THR D 126 3.53 -6.65 45.74
CA THR D 126 3.20 -6.49 44.30
C THR D 126 4.14 -7.29 43.40
N ASN D 127 5.44 -7.29 43.72
CA ASN D 127 6.35 -7.91 42.79
C ASN D 127 6.47 -9.46 42.91
N ILE D 128 6.30 -9.98 44.10
CA ILE D 128 6.30 -11.44 44.25
C ILE D 128 4.86 -11.94 44.29
N THR D 129 4.05 -11.48 45.23
CA THR D 129 2.66 -12.04 45.37
C THR D 129 1.83 -11.79 44.15
N GLY D 130 1.90 -10.58 43.57
CA GLY D 130 1.11 -10.29 42.39
C GLY D 130 1.63 -10.98 41.17
N PHE D 131 2.97 -11.10 41.08
CA PHE D 131 3.56 -11.85 39.96
C PHE D 131 3.04 -13.31 40.03
N LEU D 132 3.19 -13.93 41.21
CA LEU D 132 2.76 -15.30 41.38
C LEU D 132 1.26 -15.51 41.04
N ASN D 133 0.39 -14.58 41.45
CA ASN D 133 -1.03 -14.62 41.11
C ASN D 133 -1.25 -14.64 39.56
N ILE D 134 -0.56 -13.74 38.89
CA ILE D 134 -0.74 -13.61 37.43
C ILE D 134 -0.14 -14.89 36.80
N LEU D 135 1.04 -15.30 37.25
CA LEU D 135 1.61 -16.55 36.72
C LEU D 135 0.64 -17.72 36.88
N HIS D 136 0.17 -17.94 38.08
CA HIS D 136 -0.71 -19.06 38.39
C HIS D 136 -2.08 -18.96 37.71
N ALA D 137 -2.70 -17.78 37.67
CA ALA D 137 -3.96 -17.67 36.90
C ALA D 137 -3.75 -18.04 35.41
N ALA D 138 -2.61 -17.63 34.82
CA ALA D 138 -2.29 -17.91 33.42
C ALA D 138 -2.11 -19.38 33.18
N LYS D 139 -1.49 -20.00 34.14
CA LYS D 139 -1.16 -21.41 34.01
C LYS D 139 -2.49 -22.14 34.04
N ASN D 140 -3.39 -21.71 34.93
CA ASN D 140 -4.70 -22.40 35.12
C ASN D 140 -5.62 -22.23 33.93
N ALA D 141 -5.55 -21.06 33.32
CA ALA D 141 -6.32 -20.72 32.21
C ALA D 141 -5.74 -21.28 30.92
N GLN D 142 -4.52 -21.77 30.96
CA GLN D 142 -3.83 -22.30 29.79
C GLN D 142 -3.71 -21.30 28.63
N VAL D 143 -3.19 -20.10 28.92
CA VAL D 143 -2.88 -19.11 27.85
C VAL D 143 -1.88 -19.66 26.81
N GLN D 144 -1.81 -19.07 25.62
CA GLN D 144 -0.83 -19.54 24.61
C GLN D 144 0.58 -19.11 24.99
N SER D 145 0.70 -17.96 25.62
CA SER D 145 2.04 -17.42 25.93
C SER D 145 2.00 -16.56 27.18
N PHE D 146 3.16 -16.44 27.83
CA PHE D 146 3.31 -15.64 29.02
C PHE D 146 4.70 -14.98 29.01
N THR D 147 4.78 -13.67 29.07
CA THR D 147 6.02 -12.93 28.96
C THR D 147 5.97 -11.88 30.07
N TYR D 148 6.99 -11.80 30.90
CA TYR D 148 6.93 -10.89 32.03
C TYR D 148 8.16 -10.05 32.05
N ALA D 149 8.01 -8.89 32.68
CA ALA D 149 9.04 -7.90 32.79
C ALA D 149 9.97 -8.30 33.89
N ALA D 150 11.22 -8.60 33.49
CA ALA D 150 12.30 -8.91 34.42
C ALA D 150 13.25 -7.72 34.58
N SER D 151 14.42 -7.93 35.08
CA SER D 151 15.24 -6.75 35.32
C SER D 151 16.69 -7.04 35.27
N SER D 152 17.48 -6.06 34.77
CA SER D 152 18.91 -6.16 34.74
C SER D 152 19.45 -6.13 36.13
N SER D 153 18.62 -5.80 37.10
CA SER D 153 19.16 -5.81 38.47
C SER D 153 19.39 -7.25 38.92
N THR D 154 18.87 -8.21 38.17
CA THR D 154 19.13 -9.58 38.53
C THR D 154 20.62 -9.96 38.38
N TYR D 155 21.36 -9.21 37.56
CA TYR D 155 22.80 -9.39 37.54
C TYR D 155 23.49 -9.20 38.88
N GLY D 156 22.92 -8.37 39.76
CA GLY D 156 23.45 -8.19 41.11
C GLY D 156 24.90 -7.78 41.08
N ASP D 157 25.76 -8.45 41.87
CA ASP D 157 27.18 -8.10 41.97
C ASP D 157 28.07 -8.84 40.96
N HIS D 158 27.47 -9.50 39.96
CA HIS D 158 28.31 -10.27 39.03
C HIS D 158 29.22 -9.33 38.21
N PRO D 159 30.54 -9.55 38.21
CA PRO D 159 31.45 -8.60 37.54
C PRO D 159 31.47 -8.55 36.01
N ALA D 160 30.81 -9.52 35.33
CA ALA D 160 30.92 -9.62 33.85
C ALA D 160 30.29 -8.41 33.20
N LEU D 161 30.92 -7.91 32.12
CA LEU D 161 30.35 -6.84 31.32
C LEU D 161 30.91 -7.07 29.89
N PRO D 162 30.04 -7.22 28.86
CA PRO D 162 28.59 -7.07 28.86
C PRO D 162 27.94 -8.17 29.70
N LYS D 163 26.70 -7.96 30.07
CA LYS D 163 25.97 -8.90 30.93
C LYS D 163 25.36 -10.07 30.11
N VAL D 164 25.65 -11.31 30.48
CA VAL D 164 25.17 -12.45 29.68
C VAL D 164 24.15 -13.23 30.52
N GLU D 165 23.10 -13.75 29.92
CA GLU D 165 21.99 -14.27 30.70
C GLU D 165 22.25 -15.35 31.75
N GLU D 166 23.10 -16.33 31.42
CA GLU D 166 23.43 -17.46 32.32
C GLU D 166 24.20 -17.04 33.59
N ASN D 167 24.90 -15.91 33.54
CA ASN D 167 25.79 -15.51 34.64
C ASN D 167 25.23 -14.36 35.44
N ILE D 168 24.79 -14.65 36.67
CA ILE D 168 24.27 -13.64 37.55
C ILE D 168 24.95 -13.72 38.92
N GLY D 169 24.83 -12.66 39.71
CA GLY D 169 25.47 -12.64 41.02
C GLY D 169 24.44 -12.57 42.12
N ASN D 170 24.88 -11.98 43.23
CA ASN D 170 23.99 -11.74 44.35
C ASN D 170 23.16 -10.50 44.11
N PRO D 171 21.87 -10.57 44.51
CA PRO D 171 20.99 -9.42 44.33
C PRO D 171 21.33 -8.32 45.38
N LEU D 172 21.16 -7.05 45.06
CA LEU D 172 21.73 -6.01 45.91
C LEU D 172 20.72 -5.14 46.63
N SER D 173 19.42 -5.36 46.38
CA SER D 173 18.38 -4.61 47.06
C SER D 173 17.12 -5.49 47.12
N PRO D 174 16.14 -5.10 47.97
CA PRO D 174 14.90 -5.87 47.99
C PRO D 174 14.23 -5.95 46.61
N TYR D 175 14.17 -4.81 45.90
CA TYR D 175 13.70 -4.88 44.51
C TYR D 175 14.29 -6.05 43.72
N ALA D 176 15.62 -6.13 43.72
CA ALA D 176 16.30 -7.07 42.86
C ALA D 176 15.90 -8.46 43.33
N VAL D 177 15.73 -8.66 44.66
CA VAL D 177 15.27 -9.95 45.09
C VAL D 177 13.94 -10.27 44.38
N THR D 178 12.99 -9.31 44.34
CA THR D 178 11.69 -9.60 43.77
C THR D 178 11.74 -10.05 42.30
N LYS D 179 12.55 -9.38 41.47
CA LYS D 179 12.60 -9.66 40.01
C LYS D 179 13.33 -10.97 39.77
N TYR D 180 14.36 -11.23 40.61
CA TYR D 180 15.02 -12.50 40.49
C TYR D 180 14.01 -13.66 40.78
N VAL D 181 13.21 -13.50 41.82
CA VAL D 181 12.21 -14.49 42.25
C VAL D 181 11.15 -14.70 41.15
N ASN D 182 10.85 -13.64 40.44
CA ASN D 182 10.01 -13.80 39.24
C ASN D 182 10.54 -14.91 38.35
N GLU D 183 11.84 -14.87 38.04
CA GLU D 183 12.47 -15.77 37.13
C GLU D 183 12.47 -17.14 37.70
N ILE D 184 12.64 -17.25 39.03
CA ILE D 184 12.82 -18.55 39.64
C ILE D 184 11.49 -19.29 39.69
N TYR D 185 10.43 -18.59 40.09
CA TYR D 185 9.08 -19.14 40.00
C TYR D 185 8.68 -19.57 38.57
N ALA D 186 8.96 -18.72 37.58
CA ALA D 186 8.68 -19.02 36.14
C ALA D 186 9.39 -20.35 35.73
N GLN D 187 10.63 -20.48 36.21
CA GLN D 187 11.40 -21.64 35.95
C GLN D 187 10.79 -22.89 36.62
N VAL D 188 10.27 -22.71 37.85
CA VAL D 188 9.69 -23.84 38.56
C VAL D 188 8.34 -24.27 37.92
N TYR D 189 7.58 -23.27 37.49
CA TYR D 189 6.35 -23.50 36.78
C TYR D 189 6.54 -24.31 35.47
N ALA D 190 7.60 -23.99 34.71
CA ALA D 190 7.95 -24.80 33.54
C ALA D 190 8.20 -26.24 34.00
N ARG D 191 9.04 -26.37 35.02
CA ARG D 191 9.42 -27.68 35.52
C ARG D 191 8.21 -28.45 36.07
N THR D 192 7.33 -27.80 36.79
CA THR D 192 6.34 -28.55 37.55
C THR D 192 5.03 -28.72 36.79
N TYR D 193 4.62 -27.69 36.07
CA TYR D 193 3.34 -27.80 35.42
C TYR D 193 3.50 -27.78 33.90
N GLY D 194 4.75 -27.76 33.42
CA GLY D 194 5.05 -27.60 31.98
C GLY D 194 4.63 -26.28 31.33
N PHE D 195 4.51 -25.23 32.13
CA PHE D 195 4.01 -23.95 31.65
C PHE D 195 5.26 -23.10 31.39
N LYS D 196 5.59 -22.87 30.11
CA LYS D 196 6.87 -22.23 29.72
C LYS D 196 6.66 -20.74 29.46
N THR D 197 7.53 -19.91 30.01
CA THR D 197 7.34 -18.47 29.97
C THR D 197 8.62 -17.88 29.41
N ILE D 198 8.60 -16.57 29.10
CA ILE D 198 9.79 -15.79 28.74
C ILE D 198 9.84 -14.56 29.64
N GLY D 199 10.98 -14.44 30.33
CA GLY D 199 11.32 -13.31 31.17
C GLY D 199 12.25 -12.42 30.36
N LEU D 200 11.95 -11.13 30.43
CA LEU D 200 12.66 -10.09 29.71
C LEU D 200 13.39 -9.18 30.72
N ARG D 201 14.72 -9.33 30.79
CA ARG D 201 15.53 -8.47 31.65
C ARG D 201 15.72 -7.13 30.93
N TYR D 202 14.87 -6.15 31.29
CA TYR D 202 14.92 -4.80 30.73
C TYR D 202 16.17 -4.10 31.21
N PHE D 203 16.81 -3.30 30.36
CA PHE D 203 17.94 -2.41 30.72
C PHE D 203 17.55 -0.92 30.46
N ASN D 204 17.44 -0.11 31.48
CA ASN D 204 17.29 1.36 31.31
C ASN D 204 16.39 1.81 30.14
N VAL D 205 15.12 1.45 30.26
CA VAL D 205 14.20 1.64 29.15
C VAL D 205 13.76 3.11 29.19
N PHE D 206 13.59 3.73 28.06
CA PHE D 206 13.08 5.13 28.03
C PHE D 206 12.23 5.35 26.81
N GLY D 207 11.56 6.51 26.78
CA GLY D 207 10.71 6.93 25.68
C GLY D 207 9.47 7.64 26.20
N ARG D 208 8.52 7.88 25.31
CA ARG D 208 7.30 8.63 25.67
C ARG D 208 6.49 7.94 26.80
N ARG D 209 5.88 8.74 27.68
CA ARG D 209 5.05 8.30 28.82
C ARG D 209 5.82 7.70 30.01
N GLN D 210 7.13 7.89 30.04
CA GLN D 210 7.88 7.58 31.24
C GLN D 210 7.84 8.77 32.20
N ASP D 211 7.33 8.54 33.40
CA ASP D 211 7.10 9.64 34.34
C ASP D 211 8.37 10.43 34.67
N PRO D 212 8.38 11.75 34.39
CA PRO D 212 9.48 12.59 34.85
C PRO D 212 9.30 13.14 36.29
N ASN D 213 8.15 12.88 36.91
CA ASN D 213 7.83 13.37 38.27
C ASN D 213 7.95 12.32 39.38
N GLY D 214 7.95 12.79 40.63
CA GLY D 214 7.99 11.90 41.79
C GLY D 214 9.42 11.50 42.08
N ALA D 215 9.73 11.30 43.36
CA ALA D 215 11.11 10.99 43.78
C ALA D 215 11.86 9.87 42.99
N TYR D 216 11.15 8.94 42.35
CA TYR D 216 11.82 7.83 41.64
C TYR D 216 12.04 8.01 40.12
N ALA D 217 12.14 9.26 39.62
CA ALA D 217 12.15 9.42 38.19
C ALA D 217 13.46 8.76 37.70
N ALA D 218 13.41 8.08 36.54
CA ALA D 218 14.63 7.66 35.84
C ALA D 218 15.40 8.87 35.31
N VAL D 219 16.66 8.67 34.99
CA VAL D 219 17.50 9.82 34.72
C VAL D 219 17.08 10.58 33.41
N ILE D 220 16.75 9.85 32.35
CA ILE D 220 16.47 10.52 31.07
C ILE D 220 15.26 11.46 31.19
N PRO D 221 14.09 10.94 31.64
CA PRO D 221 12.96 11.79 31.94
C PRO D 221 13.24 12.92 32.95
N LYS D 222 13.79 12.57 34.11
CA LYS D 222 14.17 13.56 35.11
C LYS D 222 15.06 14.70 34.58
N TRP D 223 16.04 14.36 33.76
CA TRP D 223 16.97 15.39 33.26
C TRP D 223 16.33 16.23 32.18
N THR D 224 15.48 15.58 31.41
CA THR D 224 14.80 16.21 30.29
C THR D 224 13.84 17.26 30.87
N ALA D 225 13.06 16.85 31.86
CA ALA D 225 12.20 17.78 32.61
C ALA D 225 13.03 18.94 33.24
N ALA D 226 14.08 18.61 33.97
CA ALA D 226 14.97 19.61 34.49
C ALA D 226 15.45 20.61 33.40
N MET D 227 15.89 20.13 32.23
CA MET D 227 16.36 21.08 31.19
C MET D 227 15.26 21.97 30.64
N LEU D 228 14.05 21.45 30.60
CA LEU D 228 12.91 22.20 30.07
C LEU D 228 12.41 23.24 31.06
N LYS D 229 12.61 23.01 32.34
CA LYS D 229 12.28 24.03 33.36
C LYS D 229 13.44 24.97 33.65
N GLY D 230 14.65 24.57 33.24
CA GLY D 230 15.86 25.36 33.52
C GLY D 230 16.38 24.98 34.89
N ASP D 231 15.89 23.86 35.40
CA ASP D 231 16.36 23.38 36.69
C ASP D 231 17.73 22.71 36.61
N ASP D 232 18.43 22.65 37.75
CA ASP D 232 19.73 21.99 37.85
C ASP D 232 19.68 20.54 37.43
N VAL D 233 20.59 20.20 36.53
CA VAL D 233 20.82 18.83 36.15
C VAL D 233 21.92 18.30 37.07
N TYR D 234 21.56 17.34 37.90
CA TYR D 234 22.52 16.70 38.81
C TYR D 234 23.18 15.44 38.22
N ILE D 235 24.50 15.45 38.11
CA ILE D 235 25.24 14.22 37.79
C ILE D 235 25.85 13.57 39.05
N ASN D 236 25.36 12.39 39.42
CA ASN D 236 25.85 11.62 40.58
C ASN D 236 27.19 10.90 40.32
N GLY D 237 28.29 11.48 40.78
CA GLY D 237 29.59 10.94 40.50
C GLY D 237 30.36 11.84 39.55
N ASP D 238 31.35 11.28 38.84
CA ASP D 238 32.14 12.01 37.85
C ASP D 238 31.51 12.00 36.48
N GLY D 239 30.42 11.25 36.33
CA GLY D 239 29.72 11.18 35.07
C GLY D 239 30.14 10.08 34.10
N GLU D 240 31.11 9.27 34.52
CA GLU D 240 31.70 8.24 33.67
C GLU D 240 30.96 6.92 33.84
N THR D 241 30.02 6.90 34.78
CA THR D 241 29.05 5.86 34.90
C THR D 241 28.28 5.71 33.57
N SER D 242 27.94 4.46 33.22
CA SER D 242 27.45 4.16 31.88
C SER D 242 26.27 3.19 31.94
N ARG D 243 25.36 3.34 30.99
CA ARG D 243 24.22 2.44 30.87
C ARG D 243 23.92 2.10 29.40
N ASP D 244 23.09 1.08 29.24
CA ASP D 244 22.63 0.57 27.96
C ASP D 244 21.19 1.00 27.90
N PHE D 245 20.98 2.26 27.55
CA PHE D 245 19.64 2.81 27.48
C PHE D 245 18.88 2.27 26.31
N CYS D 246 17.67 1.81 26.59
CA CYS D 246 16.94 1.09 25.61
C CYS D 246 15.63 1.78 25.23
N TYR D 247 15.57 2.35 24.02
CA TYR D 247 14.34 2.98 23.56
C TYR D 247 13.13 2.01 23.63
N ILE D 248 11.97 2.57 24.00
CA ILE D 248 10.76 1.77 24.19
C ILE D 248 10.38 0.84 23.01
N ASP D 249 10.48 1.30 21.77
CA ASP D 249 10.06 0.46 20.66
C ASP D 249 10.83 -0.88 20.60
N ASN D 250 12.06 -0.88 21.15
CA ASN D 250 12.88 -2.08 21.20
C ASN D 250 12.24 -3.04 22.18
N VAL D 251 11.63 -2.52 23.23
CA VAL D 251 11.01 -3.37 24.26
C VAL D 251 9.71 -3.92 23.73
N ILE D 252 8.92 -3.05 23.09
CA ILE D 252 7.65 -3.48 22.43
C ILE D 252 7.94 -4.66 21.50
N GLN D 253 8.98 -4.48 20.66
CA GLN D 253 9.47 -5.51 19.77
C GLN D 253 9.70 -6.85 20.51
N MET D 254 10.46 -6.81 21.60
CA MET D 254 10.82 -8.03 22.27
C MET D 254 9.59 -8.70 22.83
N ASN D 255 8.66 -7.89 23.31
CA ASN D 255 7.41 -8.43 23.91
C ASN D 255 6.59 -9.18 22.86
N ILE D 256 6.42 -8.56 21.69
CA ILE D 256 5.64 -9.23 20.63
C ILE D 256 6.39 -10.46 20.17
N LEU D 257 7.72 -10.36 19.93
CA LEU D 257 8.50 -11.56 19.53
C LEU D 257 8.43 -12.67 20.55
N SER D 258 8.38 -12.32 21.83
CA SER D 258 8.30 -13.37 22.86
C SER D 258 6.92 -14.03 22.91
N ALA D 259 5.87 -13.21 22.74
CA ALA D 259 4.50 -13.77 22.89
C ALA D 259 4.28 -14.76 21.78
N LEU D 260 4.93 -14.55 20.64
CA LEU D 260 4.70 -15.42 19.51
C LEU D 260 5.86 -16.40 19.21
N ALA D 261 6.75 -16.61 20.19
CA ALA D 261 7.98 -17.41 20.03
C ALA D 261 7.63 -18.87 19.91
N LYS D 262 8.45 -19.62 19.18
CA LYS D 262 8.24 -21.06 19.12
C LYS D 262 8.53 -21.66 20.48
N ASP D 263 8.04 -22.87 20.69
CA ASP D 263 8.06 -23.44 22.02
C ASP D 263 9.49 -23.61 22.59
N SER D 264 10.46 -23.91 21.72
CA SER D 264 11.85 -24.14 22.11
C SER D 264 12.50 -22.84 22.61
N ALA D 265 12.00 -21.69 22.16
CA ALA D 265 12.52 -20.44 22.63
C ALA D 265 12.00 -20.02 24.02
N LYS D 266 11.01 -20.74 24.53
CA LYS D 266 10.37 -20.41 25.81
C LYS D 266 11.12 -21.04 26.95
N ASP D 267 10.66 -20.80 28.19
CA ASP D 267 11.38 -21.09 29.42
C ASP D 267 12.83 -20.58 29.30
N ASN D 268 12.96 -19.28 28.98
CA ASN D 268 14.25 -18.64 28.74
C ASN D 268 14.16 -17.20 29.21
N ILE D 269 15.32 -16.65 29.58
CA ILE D 269 15.48 -15.25 29.93
C ILE D 269 16.25 -14.61 28.78
N TYR D 270 15.84 -13.39 28.43
CA TYR D 270 16.52 -12.57 27.42
C TYR D 270 16.75 -11.16 27.92
N ASN D 271 17.97 -10.69 27.76
CA ASN D 271 18.23 -9.29 27.94
C ASN D 271 17.46 -8.49 26.87
N VAL D 272 16.92 -7.37 27.28
CA VAL D 272 16.34 -6.46 26.32
C VAL D 272 17.06 -5.13 26.45
N ALA D 273 17.91 -4.82 25.45
CA ALA D 273 18.72 -3.62 25.38
C ALA D 273 19.26 -3.47 23.96
N VAL D 274 20.24 -2.59 23.77
CA VAL D 274 20.86 -2.38 22.50
C VAL D 274 22.23 -3.08 22.39
N GLY D 275 22.89 -3.29 23.52
CA GLY D 275 24.27 -3.69 23.47
C GLY D 275 25.32 -2.59 23.47
N ASP D 276 24.90 -1.32 23.65
CA ASP D 276 25.79 -0.14 23.72
C ASP D 276 25.88 0.42 25.14
N ARG D 277 26.88 1.24 25.39
CA ARG D 277 27.10 1.81 26.68
C ARG D 277 27.21 3.32 26.45
N THR D 278 26.49 4.10 27.24
CA THR D 278 26.60 5.56 27.20
C THR D 278 26.89 6.11 28.59
N THR D 279 27.83 7.06 28.67
CA THR D 279 28.15 7.69 29.94
C THR D 279 27.09 8.74 30.28
N LEU D 280 26.92 8.96 31.57
CA LEU D 280 26.18 10.09 32.05
C LEU D 280 26.67 11.42 31.46
N ASN D 281 27.97 11.60 31.29
CA ASN D 281 28.44 12.82 30.63
C ASN D 281 27.98 12.86 29.19
N GLU D 282 28.14 11.74 28.49
CA GLU D 282 27.65 11.67 27.12
C GLU D 282 26.16 12.04 27.07
N LEU D 283 25.36 11.37 27.91
CA LEU D 283 23.90 11.51 27.92
C LEU D 283 23.43 12.95 28.06
N SER D 284 23.99 13.67 29.03
CA SER D 284 23.56 15.03 29.25
C SER D 284 23.73 15.85 27.99
N GLY D 285 24.80 15.61 27.25
CA GLY D 285 25.05 16.39 26.01
C GLY D 285 24.04 16.00 24.93
N TYR D 286 23.77 14.70 24.83
CA TYR D 286 22.72 14.17 23.93
C TYR D 286 21.34 14.80 24.15
N ILE D 287 20.89 14.76 25.41
CA ILE D 287 19.58 15.30 25.76
C ILE D 287 19.55 16.76 25.40
N TYR D 288 20.57 17.48 25.82
CA TYR D 288 20.59 18.92 25.60
C TYR D 288 20.56 19.24 24.11
N ASP D 289 21.33 18.52 23.31
CA ASP D 289 21.40 18.80 21.87
C ASP D 289 20.08 18.49 21.16
N GLU D 290 19.39 17.43 21.60
CA GLU D 290 18.07 17.06 21.03
C GLU D 290 16.96 18.01 21.44
N LEU D 291 16.95 18.41 22.72
CA LEU D 291 15.96 19.36 23.23
C LEU D 291 16.12 20.67 22.52
N ASN D 292 17.38 21.05 22.36
CA ASN D 292 17.68 22.34 21.81
C ASN D 292 17.46 22.49 20.30
N LEU D 293 17.30 21.37 19.60
CA LEU D 293 16.87 21.43 18.20
C LEU D 293 15.40 21.77 18.09
N ILE D 294 14.64 21.45 19.15
CA ILE D 294 13.20 21.66 19.15
C ILE D 294 12.67 22.70 20.16
N HIS D 295 13.53 23.14 21.10
CA HIS D 295 13.60 24.55 21.59
C HIS D 295 14.11 24.79 23.01
N HIS D 296 14.20 26.09 23.37
CA HIS D 296 14.19 26.54 24.78
C HIS D 296 15.60 26.74 25.29
N ILE D 302 23.57 22.34 35.20
CA ILE D 302 24.45 21.17 35.39
C ILE D 302 25.41 21.22 36.59
N LYS D 303 25.20 20.28 37.50
CA LYS D 303 26.19 20.06 38.54
C LYS D 303 26.51 18.61 38.88
N TYR D 304 27.74 18.45 39.34
CA TYR D 304 28.33 17.22 39.83
C TYR D 304 28.15 17.14 41.35
N ARG D 305 27.71 15.98 41.82
CA ARG D 305 27.62 15.68 43.25
C ARG D 305 28.12 14.24 43.54
N GLU D 306 27.84 13.72 44.73
CA GLU D 306 28.33 12.41 45.12
C GLU D 306 27.77 11.33 44.21
N PHE D 307 28.48 10.21 44.11
CA PHE D 307 27.91 8.97 43.61
C PHE D 307 26.74 8.62 44.50
N ARG D 308 25.70 8.06 43.91
CA ARG D 308 24.60 7.53 44.67
C ARG D 308 25.17 6.30 45.35
N SER D 309 24.60 5.92 46.50
CA SER D 309 25.16 4.83 47.33
C SER D 309 24.85 3.53 46.62
N GLY D 310 25.79 2.58 46.61
CA GLY D 310 25.53 1.23 46.05
C GLY D 310 25.07 1.21 44.58
N ASP D 311 25.49 2.24 43.84
CA ASP D 311 25.17 2.41 42.42
C ASP D 311 26.03 1.44 41.63
N VAL D 312 25.52 0.98 40.50
CA VAL D 312 26.34 0.18 39.59
C VAL D 312 27.15 1.08 38.70
N ARG D 313 28.42 0.76 38.52
CA ARG D 313 29.29 1.68 37.80
C ARG D 313 28.95 1.63 36.31
N HIS D 314 28.79 0.43 35.78
CA HIS D 314 28.77 0.21 34.35
C HIS D 314 27.82 -0.89 34.03
N SER D 315 27.03 -0.68 33.01
CA SER D 315 26.01 -1.65 32.66
C SER D 315 25.84 -1.61 31.16
N GLN D 316 25.79 -2.80 30.58
CA GLN D 316 25.72 -3.05 29.14
C GLN D 316 25.29 -4.51 28.97
N ALA D 317 24.29 -4.71 28.10
CA ALA D 317 23.73 -6.05 27.80
C ALA D 317 24.44 -6.68 26.59
N ASP D 318 24.61 -8.00 26.65
CA ASP D 318 24.84 -8.81 25.48
C ASP D 318 23.44 -9.25 25.03
N VAL D 319 23.03 -8.88 23.82
CA VAL D 319 21.68 -9.23 23.34
C VAL D 319 21.74 -10.29 22.22
N THR D 320 22.88 -10.96 22.17
CA THR D 320 23.15 -12.05 21.23
C THR D 320 22.08 -13.13 21.29
N LYS D 321 21.63 -13.47 22.48
CA LYS D 321 20.65 -14.55 22.59
C LYS D 321 19.31 -14.15 21.97
N ALA D 322 18.88 -12.92 22.19
CA ALA D 322 17.60 -12.50 21.66
C ALA D 322 17.67 -12.42 20.13
N ILE D 323 18.82 -11.99 19.60
CA ILE D 323 19.03 -11.82 18.18
C ILE D 323 18.99 -13.21 17.53
N ASP D 324 19.74 -14.15 18.11
CA ASP D 324 19.87 -15.50 17.57
C ASP D 324 18.54 -16.27 17.75
N LEU D 325 17.97 -16.29 18.94
CA LEU D 325 16.80 -17.16 19.18
C LEU D 325 15.43 -16.52 18.85
N LEU D 326 15.29 -15.20 18.98
CA LEU D 326 14.01 -14.57 18.72
C LEU D 326 14.04 -13.73 17.46
N LYS D 327 15.22 -13.59 16.87
CA LYS D 327 15.47 -12.71 15.72
C LYS D 327 15.16 -11.22 16.05
N TYR D 328 15.42 -10.83 17.27
CA TYR D 328 15.48 -9.44 17.69
C TYR D 328 16.40 -8.59 16.78
N ARG D 329 16.02 -7.37 16.43
CA ARG D 329 16.94 -6.41 15.85
C ARG D 329 16.88 -5.15 16.72
N PRO D 330 17.95 -4.88 17.51
CA PRO D 330 18.14 -3.64 18.32
C PRO D 330 18.33 -2.41 17.41
N ASN D 331 17.20 -2.07 16.82
CA ASN D 331 16.96 -1.13 15.75
C ASN D 331 17.26 0.31 16.13
N ILE D 332 16.74 0.68 17.29
CA ILE D 332 16.79 2.05 17.74
C ILE D 332 17.82 2.26 18.82
N LYS D 333 18.87 2.94 18.41
CA LYS D 333 19.94 3.33 19.33
C LYS D 333 19.60 4.63 20.09
N ILE D 334 20.43 4.97 21.09
CA ILE D 334 20.13 6.05 22.02
C ILE D 334 19.87 7.42 21.41
N ARG D 335 20.64 7.84 20.42
CA ARG D 335 20.45 9.20 19.90
C ARG D 335 19.12 9.28 19.15
N GLU D 336 18.87 8.33 18.27
CA GLU D 336 17.56 8.27 17.62
C GLU D 336 16.39 8.21 18.65
N GLY D 337 16.56 7.44 19.70
CA GLY D 337 15.50 7.34 20.70
C GLY D 337 15.24 8.69 21.37
N LEU D 338 16.30 9.46 21.62
CA LEU D 338 16.06 10.72 22.28
C LEU D 338 15.34 11.61 21.30
N ARG D 339 15.78 11.62 20.04
CA ARG D 339 15.11 12.44 19.02
C ARG D 339 13.59 12.11 19.03
N LEU D 340 13.25 10.83 19.12
CA LEU D 340 11.83 10.47 19.07
C LEU D 340 11.08 10.81 20.35
N SER D 341 11.76 10.77 21.50
CA SER D 341 11.13 11.04 22.82
C SER D 341 10.93 12.52 23.17
N MET D 342 11.87 13.36 22.74
CA MET D 342 11.89 14.74 23.22
C MET D 342 10.58 15.53 22.97
N PRO D 343 9.94 15.40 21.75
CA PRO D 343 8.69 16.15 21.54
C PRO D 343 7.58 15.77 22.50
N TRP D 344 7.58 14.54 22.99
CA TRP D 344 6.56 14.15 23.95
C TRP D 344 6.77 14.91 25.24
N TYR D 345 8.00 14.93 25.76
CA TYR D 345 8.32 15.72 26.96
C TYR D 345 8.01 17.20 26.78
N VAL D 346 8.32 17.74 25.61
CA VAL D 346 8.08 19.17 25.35
C VAL D 346 6.58 19.50 25.52
N ARG D 347 5.72 18.76 24.79
CA ARG D 347 4.25 18.84 24.95
C ARG D 347 3.83 18.60 26.41
N PHE D 348 4.32 17.52 27.02
CA PHE D 348 3.86 17.14 28.35
C PHE D 348 4.09 18.25 29.37
N LEU D 349 5.25 18.91 29.28
CA LEU D 349 5.70 19.88 30.30
C LEU D 349 5.26 21.32 30.08
N LYS D 350 4.65 21.60 28.93
CA LYS D 350 4.14 22.94 28.64
C LYS D 350 2.61 22.97 28.86
PA NAD E . -7.90 16.61 -12.85
O1A NAD E . -7.79 17.92 -13.39
O2A NAD E . -7.18 15.53 -13.46
O5B NAD E . -7.71 16.56 -11.27
C5B NAD E . -7.40 15.41 -10.51
C4B NAD E . -6.33 15.78 -9.48
O4B NAD E . -6.09 14.66 -8.59
C3B NAD E . -4.99 16.08 -10.22
O3B NAD E . -4.37 17.36 -9.79
C2B NAD E . -4.11 14.84 -9.91
O2B NAD E . -2.71 15.19 -10.00
C1B NAD E . -4.62 14.50 -8.51
N9A NAD E . -4.41 13.06 -8.19
C8A NAD E . -4.75 12.02 -8.96
N7A NAD E . -4.38 10.89 -8.35
C5A NAD E . -3.80 11.22 -7.18
C6A NAD E . -3.20 10.50 -6.15
N6A NAD E . -3.12 9.17 -6.23
N1A NAD E . -2.67 11.17 -5.11
C2A NAD E . -2.71 12.50 -5.05
N3A NAD E . -3.26 13.21 -6.04
C4A NAD E . -3.80 12.61 -7.09
O3 NAD E . -9.44 16.19 -12.88
PN NAD E . -10.71 17.06 -12.46
O1N NAD E . -10.32 18.25 -11.65
O2N NAD E . -11.54 17.19 -13.68
O5D NAD E . -11.48 16.00 -11.58
C5D NAD E . -11.53 16.18 -10.22
C4D NAD E . -12.38 15.03 -9.70
O4D NAD E . -13.59 15.18 -10.43
C3D NAD E . -11.91 13.59 -10.01
O3D NAD E . -12.29 12.78 -8.89
C2D NAD E . -12.74 13.17 -11.18
O2D NAD E . -12.96 11.77 -11.12
C1D NAD E . -14.04 13.90 -10.89
N1N NAD E . -14.93 14.08 -12.08
C2N NAD E . -14.70 15.12 -13.04
C3N NAD E . -15.58 15.24 -14.11
C7N NAD E . -15.39 16.33 -15.18
O7N NAD E . -16.33 16.51 -15.96
N7N NAD E . -14.22 17.00 -15.20
C4N NAD E . -16.67 14.37 -14.26
C5N NAD E . -16.91 13.34 -13.36
C6N NAD E . -16.03 13.22 -12.27
S SO4 F . -33.92 24.85 4.08
O1 SO4 F . -34.19 25.97 3.15
O2 SO4 F . -32.83 25.27 4.97
O3 SO4 F . -35.09 24.56 4.91
O4 SO4 F . -33.67 23.74 3.18
O1B UNL G . -17.95 11.31 -22.65
PB UNL G . -17.99 12.34 -21.43
O2B UNL G . -17.14 11.82 -20.17
O1' UNL G . -19.44 12.60 -21.20
O3A UNL G . -17.21 13.69 -21.89
PA UNL G . -15.98 13.84 -22.84
O1A UNL G . -14.85 13.07 -22.23
O2A UNL G . -15.81 15.30 -23.05
O5B UNL G . -16.57 13.36 -24.11
C5B UNL G . -17.62 14.16 -24.63
C4B UNL G . -18.24 13.57 -25.90
O4B UNL G . -17.68 14.05 -27.18
C3B UNL G . -17.96 12.07 -25.82
O3B UNL G . -19.05 11.36 -26.43
C2B UNL G . -16.68 11.99 -26.66
O2' UNL G . -16.42 10.63 -27.05
C1B UNL G . -17.02 12.95 -27.84
N1 UNL G . -15.83 13.58 -28.42
C6 UNL G . -14.60 13.57 -27.69
C5 UNL G . -13.45 14.16 -28.21
C4 UNL G . -13.52 14.77 -29.46
O4 UNL G . -12.53 15.31 -29.95
N3 UNL G . -14.71 14.79 -30.18
C2 UNL G . -15.87 14.20 -29.68
O2 UNL G . -16.88 14.26 -30.37
S SO4 H . 3.77 21.00 -14.25
O1 SO4 H . 3.09 20.36 -15.37
O2 SO4 H . 3.26 22.36 -14.18
O3 SO4 H . 3.56 20.23 -13.03
O4 SO4 H . 5.22 21.09 -14.33
PA NAD I . 25.57 -0.26 -24.60
O1A NAD I . 24.96 -1.32 -23.86
O2A NAD I . 26.92 -0.43 -25.15
O5B NAD I . 24.57 0.22 -25.73
C5B NAD I . 24.91 0.96 -26.86
C4B NAD I . 24.07 0.37 -28.06
O4B NAD I . 24.30 1.17 -29.26
C3B NAD I . 24.60 -1.07 -28.34
O3B NAD I . 23.52 -2.04 -28.55
C2B NAD I . 25.44 -0.86 -29.60
O2B NAD I . 25.58 -2.08 -30.34
C1B NAD I . 24.65 0.23 -30.33
N9A NAD I . 25.53 1.01 -31.23
C8A NAD I . 26.74 1.55 -30.93
N7A NAD I . 27.20 2.18 -32.03
C5A NAD I . 26.31 2.02 -33.02
C6A NAD I . 26.25 2.40 -34.36
N6A NAD I . 27.27 3.08 -34.90
N1A NAD I . 25.17 2.04 -35.08
C2A NAD I . 24.17 1.38 -34.54
N3A NAD I . 24.20 0.98 -33.27
C4A NAD I . 25.24 1.28 -32.50
O3 NAD I . 25.63 0.99 -23.67
PN NAD I . 24.46 1.59 -22.74
O1N NAD I . 23.15 0.96 -23.07
O2N NAD I . 24.98 1.61 -21.40
O5D NAD I . 24.41 3.13 -23.17
C5D NAD I . 23.44 3.56 -24.06
C4D NAD I . 23.68 5.06 -24.28
O4D NAD I . 23.85 5.55 -22.97
C3D NAD I . 25.01 5.42 -25.01
O3D NAD I . 24.81 6.64 -25.74
C2D NAD I . 25.97 5.71 -23.89
O2D NAD I . 26.95 6.65 -24.35
C1D NAD I . 25.05 6.38 -22.90
N1N NAD I . 25.60 6.39 -21.52
C2N NAD I . 25.53 5.22 -20.66
C3N NAD I . 26.06 5.33 -19.37
C7N NAD I . 26.04 4.17 -18.38
O7N NAD I . 26.31 4.39 -17.20
N7N NAD I . 25.75 2.96 -18.87
C4N NAD I . 26.65 6.55 -18.93
C5N NAD I . 26.75 7.66 -19.75
C6N NAD I . 26.21 7.56 -21.04
O1B UNL J . 34.21 5.79 -13.86
PB UNL J . 32.67 5.73 -14.24
O2B UNL J . 32.42 5.84 -15.82
O1' UNL J . 32.00 6.78 -13.43
O3A UNL J . 32.16 4.19 -13.83
PA UNL J . 32.87 2.81 -14.20
O1A UNL J . 33.12 2.80 -15.68
O2A UNL J . 32.03 1.76 -13.62
O5B UNL J . 33.99 2.96 -13.28
C5B UNL J . 33.57 3.32 -11.99
C4B UNL J . 34.72 3.45 -11.04
O4B UNL J . 34.97 2.12 -10.58
C3B UNL J . 35.97 3.97 -11.76
O3B UNL J . 36.55 5.03 -11.00
C2B UNL J . 36.86 2.74 -11.78
O2' UNL J . 38.23 3.10 -11.59
C1B UNL J . 36.37 1.93 -10.57
N1 UNL J . 36.58 0.53 -10.98
C6 UNL J . 36.31 0.15 -12.33
C5 UNL J . 36.52 -1.17 -12.73
C4 UNL J . 37.01 -2.09 -11.81
O4 UNL J . 37.21 -3.27 -12.12
N3 UNL J . 37.28 -1.72 -10.49
C2 UNL J . 37.08 -0.40 -10.07
O2 UNL J . 37.32 -0.10 -8.89
N GLY K . -0.22 -20.54 12.19
CA GLY K . 0.00 -22.01 12.19
C GLY K . 0.67 -22.54 10.93
O GLY K . 0.76 -23.76 10.70
OXT GLY K . 1.13 -21.74 10.10
PA NAD L . -9.98 -18.63 5.28
O1A NAD L . -9.89 -19.94 6.03
O2A NAD L . -9.56 -17.42 5.99
O5B NAD L . -9.15 -18.70 3.89
C5B NAD L . -8.77 -17.58 3.11
C4B NAD L . -7.34 -17.83 2.60
O4B NAD L . -6.90 -16.64 1.88
C3B NAD L . -6.37 -18.04 3.78
O3B NAD L . -5.50 -19.17 3.58
C2B NAD L . -5.57 -16.75 3.74
O2B NAD L . -4.22 -16.97 4.17
C1B NAD L . -5.58 -16.43 2.24
N9A NAD L . -5.34 -14.95 1.92
C8A NAD L . -5.95 -13.86 2.48
N7A NAD L . -5.43 -12.73 1.96
C5A NAD L . -4.52 -13.08 1.05
C6A NAD L . -3.69 -12.34 0.21
N6A NAD L . -3.70 -10.99 0.23
N1A NAD L . -2.83 -13.05 -0.59
C2A NAD L . -2.79 -14.41 -0.56
N3A NAD L . -3.55 -15.15 0.26
C4A NAD L . -4.44 -14.50 1.05
O3 NAD L . -11.41 -18.38 4.73
PN NAD L . -12.43 -19.37 4.00
O1N NAD L . -11.73 -20.53 3.36
O2N NAD L . -13.55 -19.67 4.85
O5D NAD L . -12.90 -18.38 2.95
C5D NAD L . -12.42 -18.52 1.61
C4D NAD L . -13.22 -17.54 0.72
O4D NAD L . -14.63 -17.75 1.04
C3D NAD L . -12.98 -16.09 1.04
O3D NAD L . -13.04 -15.40 -0.23
C2D NAD L . -14.18 -15.68 1.88
O2D NAD L . -14.50 -14.28 1.69
C1D NAD L . -15.25 -16.49 1.18
N1N NAD L . -16.47 -16.64 2.01
C2N NAD L . -16.50 -17.65 3.02
C3N NAD L . -17.64 -17.76 3.80
C7N NAD L . -17.65 -18.83 4.88
O7N NAD L . -18.72 -19.24 5.32
N7N NAD L . -16.43 -19.31 5.22
C4N NAD L . -18.75 -16.91 3.60
C5N NAD L . -18.74 -15.90 2.60
C6N NAD L . -17.61 -15.78 1.80
O1B UNL M . -23.96 -15.49 9.25
PB UNL M . -22.53 -15.06 9.90
O2B UNL M . -23.15 -14.08 10.94
O1' UNL M . -21.57 -14.53 8.96
O3A UNL M . -21.85 -16.39 10.62
PA UNL M . -21.41 -16.53 12.13
O1A UNL M . -20.48 -15.48 12.46
O2A UNL M . -21.01 -17.94 12.32
O5B UNL M . -22.75 -16.25 12.98
C5B UNL M . -23.92 -17.01 12.84
C4B UNL M . -24.90 -16.63 13.97
O4B UNL M . -24.24 -17.25 15.10
C3B UNL M . -25.03 -15.15 14.30
O3B UNL M . -26.38 -14.84 14.72
C2B UNL M . -24.12 -15.02 15.51
O2' UNL M . -24.55 -13.94 16.31
C1B UNL M . -24.35 -16.37 16.22
N1 UNL M . -23.23 -16.71 17.15
C6 UNL M . -21.84 -16.65 16.73
C5 UNL M . -20.80 -16.95 17.62
C4 UNL M . -21.12 -17.29 18.93
O4 UNL M . -20.21 -17.56 19.71
N3 UNL M . -22.46 -17.35 19.38
C2 UNL M . -23.52 -17.04 18.47
O2 UNL M . -24.69 -17.10 18.81
N GLY N . -1.93 10.96 38.90
CA GLY N . -2.94 11.42 37.89
C GLY N . -3.72 10.35 37.13
O GLY N . -3.95 9.20 37.60
OXT GLY N . -4.16 10.61 35.99
PA NAD O . 5.55 2.02 35.62
O1A NAD O . 5.34 3.15 34.68
O2A NAD O . 5.52 2.34 37.05
O5B NAD O . 4.41 0.85 35.25
C5B NAD O . 4.00 -0.15 36.16
C4B NAD O . 2.44 -0.21 36.14
O4B NAD O . 2.00 -1.25 37.09
C3B NAD O . 1.81 1.12 36.61
O3B NAD O . 0.74 1.50 35.71
C2B NAD O . 1.23 0.74 37.97
O2B NAD O . -0.01 1.43 38.27
C1B NAD O . 0.93 -0.74 37.76
N9A NAD O . 0.89 -1.54 39.03
C8A NAD O . 1.80 -1.52 40.03
N7A NAD O . 1.38 -2.34 40.99
C5A NAD O . 0.24 -2.90 40.63
C6A NAD O . -0.63 -3.82 41.23
N6A NAD O . -0.36 -4.36 42.45
N1A NAD O . -1.74 -4.16 40.52
C2A NAD O . -2.01 -3.63 39.31
N3A NAD O . -1.21 -2.74 38.74
C4A NAD O . -0.08 -2.36 39.37
O3 NAD O . 6.83 1.24 35.34
PN NAD O . 7.42 0.74 33.92
O1N NAD O . 6.39 0.66 32.83
O2N NAD O . 8.61 1.49 33.67
O5D NAD O . 7.74 -0.71 34.36
C5D NAD O . 7.01 -1.79 33.83
C4D NAD O . 7.71 -3.08 34.16
O4D NAD O . 9.13 -3.06 33.76
C3D NAD O . 7.72 -3.27 35.66
O3D NAD O . 7.48 -4.69 35.90
C2D NAD O . 9.16 -2.85 36.02
O2D NAD O . 9.59 -3.50 37.19
C1D NAD O . 9.96 -3.43 34.82
N1N NAD O . 11.30 -2.78 34.67
C2N NAD O . 11.41 -1.48 34.08
C3N NAD O . 12.68 -0.89 33.95
C7N NAD O . 12.76 0.50 33.32
O7N NAD O . 13.81 0.90 32.83
N7N NAD O . 11.61 1.21 33.37
C4N NAD O . 13.85 -1.57 34.39
C5N NAD O . 13.76 -2.86 34.99
C6N NAD O . 12.50 -3.46 35.12
O1B UNL P . 20.45 2.00 36.33
PB UNL P . 19.30 2.63 37.21
O2B UNL P . 20.13 3.06 38.45
O1' UNL P . 18.13 1.83 37.58
O3A UNL P . 18.97 3.98 36.39
PA UNL P . 18.65 5.46 36.88
O1A UNL P . 18.05 5.55 38.20
O2A UNL P . 17.91 5.96 35.68
O5B UNL P . 20.07 6.18 36.94
C5B UNL P . 21.12 5.81 36.13
C4B UNL P . 22.38 6.49 36.60
O4B UNL P . 21.95 7.85 36.55
C3B UNL P . 22.79 6.21 38.05
O3B UNL P . 24.23 6.22 38.07
C2B UNL P . 22.26 7.44 38.78
O2' UNL P . 23.00 7.75 39.95
C1B UNL P . 22.45 8.52 37.69
N1 UNL P . 21.58 9.70 37.99
C6 UNL P . 20.19 9.50 38.29
C5 UNL P . 19.34 10.59 38.61
C4 UNL P . 19.89 11.85 38.62
O4 UNL P . 19.16 12.80 38.89
N3 UNL P . 21.27 12.07 38.33
C2 UNL P . 22.14 10.99 38.02
O2 UNL P . 23.35 11.15 37.75
#